data_7FEA
#
_entry.id   7FEA
#
_cell.length_a   66.943
_cell.length_b   77.741
_cell.length_c   98.117
_cell.angle_alpha   70.758
_cell.angle_beta   81.781
_cell.angle_gamma   64.995
#
_symmetry.space_group_name_H-M   'P 1'
#
loop_
_entity.id
_entity.type
_entity.pdbx_description
1 polymer 'Acetyl-CoA C-acyltransferase'
2 non-polymer '(6~{R},7~{R},9~{E})-6,7-bis(oxidanyl)hexadeca-9,15-dien-11,13-diynoic acid'
3 water water
#
_entity_poly.entity_id   1
_entity_poly.type   'polypeptide(L)'
_entity_poly.pdbx_seq_one_letter_code
;MVKDEIVISSALRTPIGAFSGTLKDTPAAALGAHVVKTLLERTGLAPERVDEVVMGNVLQAGNGMNVARQVAVNGGLPVA
VPAHTVNRVCGSGAQAVVTAYAQIRSGLSNLVIAGGVENMDQAPYLMPSLRHGARMGHTQALDALLRDGLNDAFSDQHSG
WHTEDLVAKYEVSREAQDRFAATSQQRFAAAQAAGWFEGEIVPVTITTRKGETVFAKDEANRPDTTEAGLAKLRPAFRKD
GTITAGNAPGLNAGAAAMIVSSHATATELGLQPQLVIRGIGVAAVEPGLFGFGPVPAIKLALAQAQWQVQDVDRFEVNEA
FAAVGLVVRDELGIAPERFNVDGGAIAHGHPIGATGAILLTKVAHALRRTSERRAVVSLCIGGGQGIALALERVKLAAAL
EHHHHHH
;
_entity_poly.pdbx_strand_id   A,B,C,D
#
loop_
_chem_comp.id
_chem_comp.type
_chem_comp.name
_chem_comp.formula
3KI non-polymer '(6~{R},7~{R},9~{E})-6,7-bis(oxidanyl)hexadeca-9,15-dien-11,13-diynoic acid' 'C16 H20 O4'
#
# COMPACT_ATOMS: atom_id res chain seq x y z
N VAL A 2 -0.72 36.86 -43.76
CA VAL A 2 -0.90 37.10 -42.31
C VAL A 2 -2.09 36.31 -41.87
N LYS A 3 -2.94 36.07 -42.87
CA LYS A 3 -4.18 35.36 -42.67
C LYS A 3 -3.93 34.11 -41.85
N ASP A 4 -2.98 33.29 -42.30
CA ASP A 4 -2.67 31.96 -41.81
C ASP A 4 -1.56 31.89 -40.77
N GLU A 5 -0.95 33.01 -40.36
CA GLU A 5 -0.11 32.99 -39.17
C GLU A 5 -0.91 32.43 -38.00
N ILE A 6 -0.25 31.68 -37.12
CA ILE A 6 -0.91 31.03 -35.96
C ILE A 6 -0.66 31.92 -34.76
N VAL A 7 -1.72 32.28 -34.05
CA VAL A 7 -1.68 33.20 -32.94
C VAL A 7 -2.26 32.57 -31.67
N ILE A 8 -1.78 33.14 -30.55
CA ILE A 8 -2.25 32.83 -29.20
C ILE A 8 -3.08 34.00 -28.70
N SER A 9 -4.28 33.71 -28.21
CA SER A 9 -5.17 34.71 -27.65
C SER A 9 -5.65 34.29 -26.27
N SER A 10 -5.94 35.26 -25.43
CA SER A 10 -6.58 35.05 -24.11
C SER A 10 -5.82 34.05 -23.24
N ALA A 11 -4.51 34.14 -23.22
CA ALA A 11 -3.75 33.25 -22.33
C ALA A 11 -4.00 33.63 -20.88
N LEU A 12 -4.30 32.63 -20.04
CA LEU A 12 -4.64 32.86 -18.65
C LEU A 12 -4.14 31.69 -17.82
N ARG A 13 -3.88 31.96 -16.54
CA ARG A 13 -3.38 30.91 -15.65
C ARG A 13 -3.94 31.07 -14.24
N THR A 14 -3.99 29.97 -13.49
CA THR A 14 -4.23 30.07 -12.07
C THR A 14 -2.97 30.65 -11.41
N PRO A 15 -3.08 31.13 -10.15
CA PRO A 15 -1.85 31.32 -9.38
C PRO A 15 -1.25 29.93 -9.16
N ILE A 16 0.03 29.91 -8.81
CA ILE A 16 0.75 28.63 -8.63
C ILE A 16 0.80 28.33 -7.14
N GLY A 17 0.35 27.12 -6.80
CA GLY A 17 0.35 26.66 -5.40
C GLY A 17 1.69 26.05 -5.01
N ALA A 18 2.03 26.20 -3.73
CA ALA A 18 3.20 25.55 -3.15
C ALA A 18 2.92 24.09 -2.84
N PHE A 19 3.99 23.32 -2.70
CA PHE A 19 3.84 21.95 -2.22
C PHE A 19 3.17 21.97 -0.85
N SER A 20 2.16 21.13 -0.72
CA SER A 20 1.36 21.02 0.51
C SER A 20 0.65 22.32 0.82
N GLY A 21 0.37 23.13 -0.21
CA GLY A 21 -0.14 24.45 -0.09
C GLY A 21 -1.61 24.53 -0.44
N THR A 22 -2.01 25.69 -0.93
CA THR A 22 -3.42 26.01 -1.03
C THR A 22 -4.18 25.10 -1.99
N LEU A 23 -3.50 24.60 -3.03
CA LEU A 23 -4.18 23.78 -4.03
C LEU A 23 -4.03 22.29 -3.73
N LYS A 24 -3.54 21.91 -2.55
CA LYS A 24 -3.18 20.49 -2.33
C LYS A 24 -4.36 19.53 -2.47
N ASP A 25 -5.61 20.00 -2.32
CA ASP A 25 -6.77 19.11 -2.43
C ASP A 25 -7.55 19.31 -3.72
N THR A 26 -7.03 20.05 -4.71
CA THR A 26 -7.77 20.40 -5.91
C THR A 26 -7.09 19.69 -7.09
N PRO A 27 -7.72 18.70 -7.69
CA PRO A 27 -7.07 17.96 -8.80
C PRO A 27 -6.66 18.87 -9.96
N ALA A 28 -5.60 18.47 -10.64
CA ALA A 28 -5.11 19.20 -11.79
C ALA A 28 -6.20 19.44 -12.84
N ALA A 29 -7.03 18.43 -13.09
CA ALA A 29 -8.10 18.61 -14.09
C ALA A 29 -9.10 19.68 -13.67
N ALA A 30 -9.34 19.84 -12.36
CA ALA A 30 -10.22 20.90 -11.88
C ALA A 30 -9.59 22.26 -12.05
N LEU A 31 -8.27 22.37 -11.85
CA LEU A 31 -7.61 23.63 -12.12
C LEU A 31 -7.75 24.02 -13.58
N GLY A 32 -7.56 23.05 -14.47
CA GLY A 32 -7.66 23.37 -15.89
C GLY A 32 -9.09 23.74 -16.24
N ALA A 33 -10.04 23.01 -15.68
CA ALA A 33 -11.44 23.31 -16.00
C ALA A 33 -11.79 24.73 -15.58
N HIS A 34 -11.26 25.16 -14.43
CA HIS A 34 -11.52 26.52 -13.99
C HIS A 34 -10.93 27.57 -14.94
N VAL A 35 -9.69 27.37 -15.41
CA VAL A 35 -9.14 28.33 -16.37
C VAL A 35 -9.99 28.34 -17.63
N VAL A 36 -10.34 27.17 -18.18
CA VAL A 36 -11.10 27.14 -19.42
C VAL A 36 -12.47 27.80 -19.25
N LYS A 37 -13.13 27.54 -18.13
CA LYS A 37 -14.42 28.21 -17.87
C LYS A 37 -14.26 29.72 -17.83
N THR A 38 -13.20 30.19 -17.15
CA THR A 38 -12.97 31.63 -17.06
C THR A 38 -12.65 32.21 -18.43
N LEU A 39 -11.82 31.53 -19.23
CA LEU A 39 -11.49 31.99 -20.56
C LEU A 39 -12.73 32.14 -21.42
N LEU A 40 -13.62 31.14 -21.38
CA LEU A 40 -14.84 31.22 -22.20
C LEU A 40 -15.70 32.38 -21.74
N GLU A 41 -15.81 32.58 -20.42
CA GLU A 41 -16.65 33.69 -19.95
C GLU A 41 -16.09 35.04 -20.35
N ARG A 42 -14.79 35.21 -20.20
CA ARG A 42 -14.22 36.53 -20.45
C ARG A 42 -14.19 36.85 -21.94
N THR A 43 -13.84 35.88 -22.78
CA THR A 43 -13.79 36.16 -24.22
C THR A 43 -15.16 36.19 -24.86
N GLY A 44 -16.14 35.54 -24.25
CA GLY A 44 -17.43 35.35 -24.92
C GLY A 44 -17.36 34.48 -26.17
N LEU A 45 -16.29 33.71 -26.34
CA LEU A 45 -16.12 32.87 -27.51
C LEU A 45 -17.27 31.87 -27.56
N ALA A 46 -17.88 31.72 -28.75
CA ALA A 46 -18.91 30.73 -28.94
C ALA A 46 -18.35 29.34 -28.73
N PRO A 47 -18.86 28.56 -27.77
CA PRO A 47 -18.22 27.27 -27.44
C PRO A 47 -18.20 26.30 -28.60
N GLU A 48 -19.16 26.39 -29.50
CA GLU A 48 -19.22 25.56 -30.69
C GLU A 48 -18.08 25.84 -31.65
N ARG A 49 -17.36 26.95 -31.49
CA ARG A 49 -16.22 27.21 -32.36
C ARG A 49 -14.95 26.54 -31.86
N VAL A 50 -14.97 25.90 -30.70
CA VAL A 50 -13.79 25.18 -30.21
C VAL A 50 -13.75 23.81 -30.89
N ASP A 51 -12.69 23.54 -31.65
CA ASP A 51 -12.62 22.27 -32.37
C ASP A 51 -12.00 21.16 -31.54
N GLU A 52 -11.14 21.48 -30.57
CA GLU A 52 -10.49 20.46 -29.74
C GLU A 52 -9.89 21.17 -28.53
N VAL A 53 -9.72 20.40 -27.45
CA VAL A 53 -8.96 20.81 -26.28
C VAL A 53 -7.75 19.88 -26.20
N VAL A 54 -6.56 20.46 -26.13
CA VAL A 54 -5.33 19.68 -25.93
C VAL A 54 -4.69 20.15 -24.63
N MET A 55 -4.44 19.21 -23.71
CA MET A 55 -3.78 19.57 -22.45
C MET A 55 -2.55 18.74 -22.18
N GLY A 56 -1.51 19.41 -21.73
CA GLY A 56 -0.34 18.71 -21.20
C GLY A 56 -0.59 18.28 -19.76
N ASN A 57 -0.09 17.09 -19.41
CA ASN A 57 -0.14 16.62 -18.02
C ASN A 57 0.87 15.48 -17.93
N VAL A 58 1.75 15.51 -16.96
CA VAL A 58 2.82 14.52 -16.85
C VAL A 58 2.42 13.40 -15.91
N LEU A 59 1.93 13.76 -14.74
CA LEU A 59 1.60 12.74 -13.71
C LEU A 59 0.13 12.42 -13.88
N GLN A 60 -0.15 11.61 -14.91
CA GLN A 60 -1.51 11.25 -15.22
C GLN A 60 -2.05 10.21 -14.25
N ALA A 61 -1.18 9.55 -13.51
CA ALA A 61 -1.61 8.49 -12.59
C ALA A 61 -2.66 8.98 -11.63
N GLY A 62 -3.79 8.30 -11.60
CA GLY A 62 -4.83 8.62 -10.64
C GLY A 62 -5.69 9.80 -11.00
N ASN A 63 -5.46 10.43 -12.12
CA ASN A 63 -6.24 11.59 -12.53
C ASN A 63 -7.50 11.19 -13.26
N GLY A 64 -7.72 9.89 -13.51
CA GLY A 64 -8.94 9.51 -14.21
C GLY A 64 -8.73 9.53 -15.72
N MET A 65 -9.68 8.96 -16.42
CA MET A 65 -9.57 8.81 -17.85
C MET A 65 -9.44 10.16 -18.55
N ASN A 66 -8.36 10.34 -19.33
CA ASN A 66 -8.13 11.49 -20.22
C ASN A 66 -8.36 12.86 -19.57
N VAL A 67 -7.30 13.34 -18.91
CA VAL A 67 -7.36 14.63 -18.21
C VAL A 67 -7.92 15.72 -19.11
N ALA A 68 -7.48 15.81 -20.36
CA ALA A 68 -7.95 16.90 -21.23
C ALA A 68 -9.47 16.87 -21.42
N ARG A 69 -10.07 15.66 -21.51
CA ARG A 69 -11.52 15.56 -21.67
C ARG A 69 -12.22 16.04 -20.41
N GLN A 70 -11.64 15.73 -19.23
CA GLN A 70 -12.18 16.28 -17.98
C GLN A 70 -12.08 17.78 -17.93
N VAL A 71 -10.94 18.35 -18.34
CA VAL A 71 -10.82 19.80 -18.40
C VAL A 71 -11.91 20.38 -19.31
N ALA A 72 -12.12 19.78 -20.48
CA ALA A 72 -13.04 20.37 -21.45
C ALA A 72 -14.49 20.30 -20.94
N VAL A 73 -14.90 19.11 -20.48
CA VAL A 73 -16.30 18.93 -20.08
C VAL A 73 -16.58 19.70 -18.80
N ASN A 74 -15.69 19.59 -17.80
CA ASN A 74 -15.93 20.30 -16.56
C ASN A 74 -15.68 21.79 -16.69
N GLY A 75 -15.03 22.22 -17.76
CA GLY A 75 -14.87 23.64 -18.09
C GLY A 75 -16.08 24.21 -18.75
N GLY A 76 -17.07 23.37 -18.99
CA GLY A 76 -18.34 23.81 -19.55
C GLY A 76 -18.43 23.79 -21.07
N LEU A 77 -17.45 23.25 -21.76
CA LEU A 77 -17.57 23.13 -23.21
C LEU A 77 -18.59 22.05 -23.57
N PRO A 78 -19.26 22.18 -24.72
CA PRO A 78 -20.18 21.14 -25.18
C PRO A 78 -19.49 19.79 -25.23
N VAL A 79 -20.25 18.74 -24.96
CA VAL A 79 -19.70 17.39 -25.03
C VAL A 79 -19.23 17.05 -26.46
N ALA A 80 -19.68 17.78 -27.47
CA ALA A 80 -19.19 17.53 -28.82
C ALA A 80 -17.74 17.98 -29.08
N VAL A 81 -17.05 18.60 -28.13
CA VAL A 81 -15.68 19.06 -28.33
C VAL A 81 -14.73 17.91 -27.97
N PRO A 82 -13.94 17.38 -28.90
CA PRO A 82 -13.01 16.32 -28.53
C PRO A 82 -11.79 16.87 -27.78
N ALA A 83 -11.05 15.95 -27.17
CA ALA A 83 -9.94 16.38 -26.33
C ALA A 83 -8.96 15.23 -26.19
N HIS A 84 -7.66 15.60 -26.06
CA HIS A 84 -6.66 14.58 -25.76
C HIS A 84 -5.50 15.18 -24.98
N THR A 85 -4.73 14.29 -24.32
CA THR A 85 -3.71 14.70 -23.35
C THR A 85 -2.34 14.36 -23.91
N VAL A 86 -1.42 15.31 -23.84
CA VAL A 86 -0.05 15.09 -24.33
C VAL A 86 0.96 15.11 -23.19
N ASN A 87 2.03 14.37 -23.37
CA ASN A 87 3.09 14.27 -22.33
C ASN A 87 4.44 14.36 -23.04
N ARG A 88 5.05 15.54 -22.92
CA ARG A 88 6.48 15.69 -23.21
C ARG A 88 7.12 16.23 -21.93
N VAL A 89 6.86 15.51 -20.83
CA VAL A 89 7.40 15.80 -19.50
C VAL A 89 7.31 17.30 -19.16
N CYS A 90 8.44 17.93 -18.83
CA CYS A 90 8.39 19.32 -18.32
C CYS A 90 8.09 20.29 -19.42
N GLY A 91 8.06 19.86 -20.66
CA GLY A 91 7.62 20.73 -21.76
C GLY A 91 6.20 20.51 -22.18
N SER A 92 5.42 19.73 -21.44
CA SER A 92 4.09 19.32 -21.94
C SER A 92 3.16 20.49 -22.22
N GLY A 93 3.20 21.54 -21.38
CA GLY A 93 2.24 22.61 -21.61
C GLY A 93 2.57 23.40 -22.85
N ALA A 94 3.88 23.49 -23.20
CA ALA A 94 4.23 24.09 -24.49
C ALA A 94 3.97 23.13 -25.61
N GLN A 95 4.16 21.82 -25.40
CA GLN A 95 3.80 20.83 -26.41
C GLN A 95 2.33 20.93 -26.78
N ALA A 96 1.45 21.20 -25.83
CA ALA A 96 0.05 21.28 -26.21
C ALA A 96 -0.16 22.39 -27.25
N VAL A 97 0.55 23.51 -27.11
CA VAL A 97 0.43 24.62 -28.08
C VAL A 97 1.04 24.23 -29.41
N VAL A 98 2.16 23.51 -29.39
CA VAL A 98 2.75 23.02 -30.64
C VAL A 98 1.79 22.05 -31.34
N THR A 99 1.12 21.17 -30.56
CA THR A 99 0.16 20.24 -31.12
C THR A 99 -0.98 21.02 -31.75
N ALA A 100 -1.45 22.06 -31.05
CA ALA A 100 -2.51 22.89 -31.63
C ALA A 100 -2.05 23.55 -32.93
N TYR A 101 -0.83 24.11 -32.95
CA TYR A 101 -0.29 24.71 -34.17
C TYR A 101 -0.32 23.70 -35.31
N ALA A 102 0.15 22.48 -35.06
CA ALA A 102 0.21 21.47 -36.11
C ALA A 102 -1.19 21.09 -36.59
N GLN A 103 -2.16 21.02 -35.67
CA GLN A 103 -3.52 20.66 -36.10
C GLN A 103 -4.12 21.76 -36.97
N ILE A 104 -3.80 23.01 -36.66
CA ILE A 104 -4.40 24.11 -37.42
C ILE A 104 -3.73 24.21 -38.78
N ARG A 105 -2.39 24.16 -38.81
CA ARG A 105 -1.69 24.30 -40.10
C ARG A 105 -1.96 23.13 -41.01
N SER A 106 -2.23 21.94 -40.49
CA SER A 106 -2.56 20.77 -41.30
C SER A 106 -4.03 20.68 -41.68
N GLY A 107 -4.87 21.63 -41.21
CA GLY A 107 -6.30 21.64 -41.54
C GLY A 107 -7.18 20.73 -40.71
N LEU A 108 -6.65 20.09 -39.68
CA LEU A 108 -7.48 19.21 -38.84
C LEU A 108 -8.37 20.00 -37.91
N SER A 109 -7.97 21.22 -37.55
CA SER A 109 -8.68 22.07 -36.62
C SER A 109 -8.60 23.51 -37.11
N ASN A 110 -9.54 24.33 -36.67
CA ASN A 110 -9.43 25.77 -36.88
C ASN A 110 -9.20 26.55 -35.60
N LEU A 111 -9.64 26.03 -34.46
CA LEU A 111 -9.47 26.76 -33.21
C LEU A 111 -9.32 25.70 -32.12
N VAL A 112 -8.27 25.84 -31.30
CA VAL A 112 -7.97 24.84 -30.26
C VAL A 112 -7.79 25.59 -28.96
N ILE A 113 -8.30 25.04 -27.88
CA ILE A 113 -7.89 25.50 -26.55
C ILE A 113 -6.77 24.59 -26.05
N ALA A 114 -5.60 25.16 -25.82
CA ALA A 114 -4.42 24.38 -25.47
C ALA A 114 -3.86 24.89 -24.16
N GLY A 115 -3.30 23.99 -23.38
CA GLY A 115 -2.69 24.41 -22.15
C GLY A 115 -2.11 23.24 -21.40
N GLY A 116 -1.96 23.41 -20.09
CA GLY A 116 -1.42 22.29 -19.32
C GLY A 116 -1.88 22.42 -17.87
N VAL A 117 -1.79 21.31 -17.14
CA VAL A 117 -2.26 21.23 -15.75
C VAL A 117 -1.30 20.32 -14.99
N GLU A 118 -1.13 20.59 -13.70
CA GLU A 118 -0.37 19.66 -12.87
C GLU A 118 -0.67 19.94 -11.43
N ASN A 119 -0.66 18.92 -10.60
CA ASN A 119 -0.71 19.11 -9.16
C ASN A 119 0.13 18.03 -8.53
N MET A 120 1.31 18.38 -8.07
CA MET A 120 2.24 17.35 -7.60
C MET A 120 1.81 16.73 -6.28
N ASP A 121 1.17 17.50 -5.39
CA ASP A 121 0.63 16.87 -4.16
C ASP A 121 -0.34 15.77 -4.50
N GLN A 122 -1.14 15.96 -5.56
CA GLN A 122 -2.15 15.00 -5.91
C GLN A 122 -1.61 13.76 -6.61
N ALA A 123 -0.34 13.74 -6.97
CA ALA A 123 0.22 12.54 -7.55
C ALA A 123 0.16 11.44 -6.52
N PRO A 124 -0.30 10.26 -6.88
CA PRO A 124 -0.41 9.17 -5.89
C PRO A 124 0.91 8.42 -5.73
N TYR A 125 0.93 7.51 -4.78
CA TYR A 125 1.94 6.46 -4.72
C TYR A 125 1.48 5.27 -5.54
N LEU A 126 2.45 4.52 -6.02
CA LEU A 126 2.21 3.37 -6.89
C LEU A 126 2.68 2.11 -6.19
N MET A 127 1.90 1.02 -6.32
CA MET A 127 2.25 -0.29 -5.77
C MET A 127 2.36 -1.26 -6.92
N PRO A 128 3.55 -1.44 -7.49
CA PRO A 128 3.71 -2.35 -8.63
C PRO A 128 3.48 -3.81 -8.27
N SER A 129 3.60 -4.23 -7.02
CA SER A 129 3.48 -5.65 -6.69
C SER A 129 2.09 -5.99 -6.20
N LEU A 130 1.17 -5.01 -6.11
CA LEU A 130 -0.14 -5.31 -5.56
C LEU A 130 -1.01 -6.12 -6.49
N ARG A 131 -0.84 -6.01 -7.81
CA ARG A 131 -1.73 -6.79 -8.69
C ARG A 131 -1.50 -8.28 -8.54
N HIS A 132 -0.27 -8.72 -8.64
CA HIS A 132 -0.02 -10.15 -8.66
C HIS A 132 0.73 -10.63 -7.46
N GLY A 133 1.05 -9.73 -6.53
CA GLY A 133 1.49 -10.12 -5.20
C GLY A 133 2.99 -9.94 -5.05
N ALA A 134 3.41 -9.64 -3.84
CA ALA A 134 4.82 -9.58 -3.46
C ALA A 134 5.35 -10.91 -2.96
N ARG A 135 4.45 -11.87 -2.61
CA ARG A 135 4.77 -13.25 -2.20
C ARG A 135 5.45 -13.36 -0.83
N MET A 136 6.66 -12.84 -0.69
CA MET A 136 7.39 -12.85 0.58
C MET A 136 8.48 -11.81 0.46
N GLY A 137 8.70 -11.08 1.53
CA GLY A 137 9.74 -10.08 1.60
C GLY A 137 9.15 -8.68 1.41
N HIS A 138 9.86 -7.69 1.92
CA HIS A 138 9.39 -6.31 1.82
C HIS A 138 9.29 -5.86 0.37
N THR A 139 8.45 -4.87 0.10
CA THR A 139 8.24 -4.41 -1.27
C THR A 139 8.12 -2.88 -1.28
N GLN A 140 8.28 -2.25 -2.43
CA GLN A 140 8.39 -0.79 -2.43
C GLN A 140 7.09 -0.19 -2.93
N ALA A 141 6.67 0.91 -2.32
CA ALA A 141 5.62 1.80 -2.82
C ALA A 141 6.34 3.01 -3.40
N LEU A 142 6.08 3.31 -4.65
CA LEU A 142 6.87 4.33 -5.35
C LEU A 142 6.11 5.64 -5.35
N ASP A 143 6.82 6.74 -5.12
CA ASP A 143 6.20 8.04 -5.30
C ASP A 143 6.08 8.35 -6.79
N ALA A 144 4.85 8.50 -7.31
CA ALA A 144 4.73 8.68 -8.74
C ALA A 144 5.41 9.93 -9.23
N LEU A 145 5.51 10.97 -8.40
CA LEU A 145 6.11 12.18 -8.96
C LEU A 145 7.56 11.92 -9.29
N LEU A 146 8.23 11.01 -8.57
CA LEU A 146 9.59 10.62 -8.91
C LEU A 146 9.59 9.61 -10.05
N ARG A 147 8.76 8.57 -9.98
CA ARG A 147 8.84 7.51 -10.97
C ARG A 147 8.43 8.01 -12.34
N ASP A 148 7.37 8.84 -12.44
CA ASP A 148 6.88 9.24 -13.74
C ASP A 148 7.23 10.66 -14.13
N GLY A 149 7.77 11.47 -13.22
CA GLY A 149 7.97 12.89 -13.49
C GLY A 149 9.41 13.31 -13.39
N LEU A 150 10.12 13.01 -12.29
CA LEU A 150 11.39 13.68 -12.04
C LEU A 150 12.58 12.76 -12.18
N ASN A 151 12.42 11.45 -12.04
CA ASN A 151 13.56 10.56 -12.19
C ASN A 151 13.74 10.19 -13.66
N ASP A 152 14.99 10.11 -14.07
CA ASP A 152 15.25 9.65 -15.44
C ASP A 152 14.84 8.19 -15.61
N ALA A 153 14.23 7.90 -16.75
CA ALA A 153 13.68 6.55 -16.95
C ALA A 153 14.76 5.51 -17.22
N PHE A 154 15.96 5.94 -17.58
CA PHE A 154 17.02 5.00 -17.94
C PHE A 154 17.90 4.71 -16.76
N SER A 155 18.16 5.70 -15.91
CA SER A 155 19.06 5.53 -14.78
C SER A 155 18.31 5.39 -13.45
N ASP A 156 17.05 5.82 -13.37
CA ASP A 156 16.30 5.96 -12.13
C ASP A 156 16.91 6.98 -11.15
N GLN A 157 17.83 7.83 -11.62
CA GLN A 157 18.36 8.91 -10.78
C GLN A 157 17.50 10.13 -10.97
N HIS A 158 17.45 10.98 -9.95
CA HIS A 158 16.75 12.25 -10.08
C HIS A 158 17.33 13.12 -11.19
N SER A 159 16.49 13.88 -11.85
CA SER A 159 16.97 14.87 -12.83
C SER A 159 18.02 15.77 -12.18
N GLY A 160 17.87 16.12 -10.91
CA GLY A 160 18.88 16.96 -10.27
C GLY A 160 20.22 16.28 -10.10
N TRP A 161 20.23 14.95 -9.91
CA TRP A 161 21.48 14.23 -9.86
C TRP A 161 22.17 14.29 -11.22
N HIS A 162 21.42 14.09 -12.31
CA HIS A 162 22.02 14.24 -13.63
C HIS A 162 22.51 15.66 -13.88
N THR A 163 21.77 16.66 -13.37
CA THR A 163 22.19 18.05 -13.62
C THR A 163 23.54 18.33 -12.98
N GLU A 164 23.90 17.59 -11.94
CA GLU A 164 25.26 17.77 -11.45
C GLU A 164 26.32 17.47 -12.51
N ASP A 165 26.03 16.61 -13.47
CA ASP A 165 27.02 16.40 -14.54
C ASP A 165 27.04 17.55 -15.52
N LEU A 166 25.90 18.21 -15.75
CA LEU A 166 25.91 19.46 -16.52
C LEU A 166 26.74 20.52 -15.80
N VAL A 167 26.56 20.62 -14.47
CA VAL A 167 27.30 21.56 -13.65
C VAL A 167 28.78 21.31 -13.83
N ALA A 168 29.18 20.04 -13.78
CA ALA A 168 30.62 19.74 -13.90
C ALA A 168 31.12 20.05 -15.32
N LYS A 169 30.35 19.74 -16.36
CA LYS A 169 30.81 19.98 -17.73
C LYS A 169 31.01 21.46 -18.01
N TYR A 170 30.09 22.28 -17.51
CA TYR A 170 30.11 23.73 -17.79
C TYR A 170 30.72 24.53 -16.66
N GLU A 171 31.25 23.87 -15.64
CA GLU A 171 31.93 24.49 -14.50
C GLU A 171 31.05 25.54 -13.86
N VAL A 172 29.80 25.16 -13.59
CA VAL A 172 28.82 26.13 -13.05
C VAL A 172 29.00 26.19 -11.54
N SER A 173 29.58 27.28 -11.03
CA SER A 173 29.88 27.31 -9.61
C SER A 173 28.60 27.39 -8.75
N ARG A 174 28.75 26.88 -7.53
CA ARG A 174 27.68 27.07 -6.55
C ARG A 174 27.37 28.55 -6.35
N GLU A 175 28.43 29.40 -6.32
CA GLU A 175 28.20 30.84 -6.11
C GLU A 175 27.33 31.43 -7.20
N ALA A 176 27.60 31.06 -8.48
CA ALA A 176 26.79 31.58 -9.58
C ALA A 176 25.36 31.03 -9.51
N GLN A 177 25.22 29.76 -9.14
CA GLN A 177 23.84 29.21 -9.02
C GLN A 177 23.05 29.95 -7.97
N ASP A 178 23.70 30.25 -6.83
CA ASP A 178 22.98 30.97 -5.78
C ASP A 178 22.71 32.42 -6.16
N ARG A 179 23.65 33.06 -6.89
CA ARG A 179 23.39 34.42 -7.35
C ARG A 179 22.18 34.43 -8.28
N PHE A 180 22.11 33.43 -9.18
CA PHE A 180 21.00 33.37 -10.12
C PHE A 180 19.67 33.11 -9.40
N ALA A 181 19.70 32.21 -8.44
CA ALA A 181 18.47 31.91 -7.69
C ALA A 181 17.98 33.11 -6.87
N ALA A 182 18.91 33.81 -6.18
CA ALA A 182 18.53 34.98 -5.43
C ALA A 182 17.97 36.04 -6.35
N THR A 183 18.58 36.20 -7.55
CA THR A 183 18.10 37.19 -8.48
C THR A 183 16.70 36.83 -8.97
N SER A 184 16.42 35.54 -9.22
CA SER A 184 15.08 35.15 -9.63
C SER A 184 14.05 35.49 -8.54
N GLN A 185 14.38 35.22 -7.27
CA GLN A 185 13.47 35.60 -6.19
C GLN A 185 13.27 37.11 -6.12
N GLN A 186 14.35 37.87 -6.30
CA GLN A 186 14.22 39.34 -6.15
C GLN A 186 13.42 39.92 -7.32
N ARG A 187 13.68 39.44 -8.54
CA ARG A 187 12.96 39.93 -9.71
C ARG A 187 11.49 39.58 -9.60
N PHE A 188 11.20 38.32 -9.20
CA PHE A 188 9.81 37.92 -9.12
C PHE A 188 9.07 38.73 -8.06
N ALA A 189 9.69 38.89 -6.90
CA ALA A 189 9.05 39.66 -5.82
C ALA A 189 8.76 41.09 -6.26
N ALA A 190 9.72 41.76 -6.91
CA ALA A 190 9.42 43.12 -7.34
C ALA A 190 8.32 43.16 -8.39
N ALA A 191 8.34 42.21 -9.34
CA ALA A 191 7.28 42.22 -10.35
C ALA A 191 5.90 41.92 -9.76
N GLN A 192 5.83 40.98 -8.81
CA GLN A 192 4.58 40.67 -8.18
C GLN A 192 4.05 41.89 -7.41
N ALA A 193 4.93 42.56 -6.66
CA ALA A 193 4.49 43.77 -5.91
C ALA A 193 4.02 44.87 -6.85
N ALA A 194 4.62 44.97 -8.04
CA ALA A 194 4.22 46.00 -9.01
C ALA A 194 2.90 45.67 -9.68
N GLY A 195 2.36 44.48 -9.43
CA GLY A 195 1.09 44.10 -10.06
C GLY A 195 1.22 43.48 -11.43
N TRP A 196 2.45 43.16 -11.85
CA TRP A 196 2.71 42.72 -13.21
C TRP A 196 2.11 41.35 -13.54
N PHE A 197 1.71 40.54 -12.54
CA PHE A 197 1.11 39.26 -12.87
C PHE A 197 -0.40 39.26 -12.70
N GLU A 198 -1.02 40.39 -12.31
CA GLU A 198 -2.45 40.37 -12.04
C GLU A 198 -3.27 40.12 -13.31
N GLY A 199 -2.84 40.66 -14.45
CA GLY A 199 -3.63 40.52 -15.66
C GLY A 199 -3.74 39.10 -16.17
N GLU A 200 -2.72 38.28 -15.92
CA GLU A 200 -2.70 36.91 -16.45
C GLU A 200 -3.32 35.89 -15.50
N ILE A 201 -3.53 36.24 -14.24
CA ILE A 201 -3.98 35.31 -13.22
C ILE A 201 -5.49 35.34 -13.08
N VAL A 202 -6.10 34.16 -13.01
CA VAL A 202 -7.51 34.05 -12.65
C VAL A 202 -7.60 33.45 -11.26
N PRO A 203 -8.36 34.03 -10.36
CA PRO A 203 -8.43 33.49 -8.99
C PRO A 203 -9.25 32.22 -8.96
N VAL A 204 -8.95 31.37 -7.98
CA VAL A 204 -9.65 30.10 -7.80
C VAL A 204 -10.20 30.07 -6.36
N THR A 205 -11.46 29.70 -6.20
CA THR A 205 -12.04 29.65 -4.85
C THR A 205 -12.01 28.20 -4.39
N ILE A 206 -11.37 27.97 -3.24
CA ILE A 206 -11.15 26.64 -2.70
C ILE A 206 -12.06 26.48 -1.49
N THR A 207 -12.89 25.45 -1.49
CA THR A 207 -13.79 25.19 -0.38
C THR A 207 -13.10 24.26 0.60
N THR A 208 -13.05 24.67 1.87
CA THR A 208 -12.38 23.95 2.92
C THR A 208 -13.35 23.71 4.07
N ARG A 209 -12.84 23.08 5.13
CA ARG A 209 -13.64 22.83 6.31
C ARG A 209 -14.16 24.12 6.88
N LYS A 210 -13.26 25.06 7.13
CA LYS A 210 -13.66 26.29 7.79
C LYS A 210 -14.47 27.20 6.89
N GLY A 211 -14.38 27.04 5.58
CA GLY A 211 -15.11 27.96 4.72
C GLY A 211 -14.58 27.96 3.31
N GLU A 212 -14.20 29.14 2.81
CA GLU A 212 -13.69 29.30 1.46
C GLU A 212 -12.44 30.17 1.49
N THR A 213 -11.45 29.78 0.69
CA THR A 213 -10.24 30.58 0.49
C THR A 213 -10.29 31.06 -0.95
N VAL A 214 -10.11 32.35 -1.16
CA VAL A 214 -9.95 32.85 -2.52
C VAL A 214 -8.46 32.94 -2.81
N PHE A 215 -7.96 32.02 -3.67
CA PHE A 215 -6.54 31.96 -4.01
C PHE A 215 -6.33 32.83 -5.26
N ALA A 216 -5.63 33.94 -5.08
CA ALA A 216 -5.59 35.00 -6.08
C ALA A 216 -4.21 35.40 -6.50
N LYS A 217 -3.16 34.93 -5.84
CA LYS A 217 -1.81 35.34 -6.19
C LYS A 217 -0.85 34.20 -5.89
N ASP A 218 0.25 34.17 -6.64
CA ASP A 218 1.24 33.11 -6.47
C ASP A 218 1.74 33.08 -5.03
N GLU A 219 1.93 31.87 -4.47
CA GLU A 219 2.27 31.74 -3.04
C GLU A 219 3.61 31.07 -2.81
N ALA A 220 4.29 30.59 -3.85
CA ALA A 220 5.45 29.73 -3.60
C ALA A 220 6.77 30.49 -3.54
N ASN A 221 6.77 31.80 -3.84
CA ASN A 221 8.05 32.49 -3.88
C ASN A 221 8.53 32.76 -2.45
N ARG A 222 9.83 33.04 -2.34
CA ARG A 222 10.50 33.21 -1.07
C ARG A 222 11.26 34.54 -1.09
N PRO A 223 10.58 35.64 -0.79
CA PRO A 223 11.26 36.94 -0.81
C PRO A 223 12.33 37.09 0.25
N ASP A 224 12.38 36.21 1.26
CA ASP A 224 13.44 36.25 2.26
C ASP A 224 14.77 35.66 1.78
N THR A 225 14.84 35.23 0.53
CA THR A 225 16.04 34.60 0.00
C THR A 225 17.20 35.58 -0.14
N THR A 226 18.37 35.20 0.34
CA THR A 226 19.58 35.99 0.08
C THR A 226 20.68 35.04 -0.37
N GLU A 227 21.70 35.59 -1.04
CA GLU A 227 22.82 34.75 -1.44
C GLU A 227 23.53 34.14 -0.24
N ALA A 228 23.68 34.92 0.84
CA ALA A 228 24.34 34.37 2.01
C ALA A 228 23.54 33.23 2.63
N GLY A 229 22.21 33.36 2.65
CA GLY A 229 21.37 32.29 3.15
C GLY A 229 21.45 31.06 2.26
N LEU A 230 21.43 31.27 0.94
CA LEU A 230 21.51 30.11 0.04
C LEU A 230 22.83 29.39 0.19
N ALA A 231 23.90 30.11 0.53
CA ALA A 231 25.19 29.43 0.63
C ALA A 231 25.26 28.44 1.78
N LYS A 232 24.36 28.55 2.77
CA LYS A 232 24.37 27.65 3.92
C LYS A 232 23.68 26.32 3.65
N LEU A 233 22.94 26.21 2.54
CA LEU A 233 22.12 25.04 2.36
C LEU A 233 22.94 23.81 1.95
N ARG A 234 22.45 22.63 2.33
CA ARG A 234 23.14 21.40 1.96
C ARG A 234 22.76 20.95 0.55
N PRO A 235 23.66 20.27 -0.15
CA PRO A 235 23.31 19.74 -1.47
C PRO A 235 22.21 18.72 -1.37
N ALA A 236 21.32 18.73 -2.37
CA ALA A 236 20.11 17.93 -2.35
C ALA A 236 20.28 16.60 -3.04
N PHE A 237 21.18 16.49 -4.00
CA PHE A 237 21.19 15.32 -4.89
C PHE A 237 22.47 14.52 -4.90
N ARG A 238 23.60 15.12 -4.59
CA ARG A 238 24.89 14.44 -4.49
C ARG A 238 25.65 14.98 -3.31
N LYS A 239 26.34 14.09 -2.58
CA LYS A 239 27.29 14.54 -1.59
CA LYS A 239 27.06 14.51 -1.35
C LYS A 239 28.32 15.29 -2.40
C LYS A 239 27.97 15.73 -1.49
N ASP A 240 28.77 16.41 -1.89
N ASP A 240 28.73 15.82 -2.59
CA ASP A 240 29.65 17.27 -2.66
CA ASP A 240 29.58 16.99 -2.82
C ASP A 240 28.98 17.91 -3.88
N GLY A 241 27.66 17.94 -3.93
CA GLY A 241 27.00 18.57 -5.05
C GLY A 241 26.90 20.09 -4.83
N THR A 242 26.22 20.70 -5.77
CA THR A 242 26.02 22.15 -5.80
C THR A 242 24.54 22.52 -5.82
N ILE A 243 23.69 21.63 -6.25
CA ILE A 243 22.28 21.93 -6.37
C ILE A 243 21.62 21.68 -5.04
N THR A 244 20.81 22.64 -4.58
CA THR A 244 20.17 22.61 -3.27
C THR A 244 18.68 22.88 -3.44
N ALA A 245 17.95 22.76 -2.34
CA ALA A 245 16.54 23.13 -2.40
C ALA A 245 16.35 24.61 -2.69
N GLY A 246 17.34 25.45 -2.42
CA GLY A 246 17.20 26.90 -2.67
C GLY A 246 17.54 27.36 -4.07
N ASN A 247 18.29 26.56 -4.83
CA ASN A 247 18.59 26.94 -6.21
C ASN A 247 17.87 26.02 -7.20
N ALA A 248 16.77 25.42 -6.75
CA ALA A 248 15.86 24.60 -7.56
C ALA A 248 14.45 25.05 -7.22
N PRO A 249 13.50 24.89 -8.14
CA PRO A 249 12.09 25.15 -7.84
C PRO A 249 11.48 24.12 -6.91
N GLY A 250 10.22 24.34 -6.54
CA GLY A 250 9.49 23.42 -5.69
C GLY A 250 8.69 22.39 -6.47
N LEU A 251 7.74 21.79 -5.75
CA LEU A 251 6.85 20.73 -6.30
C LEU A 251 5.44 21.34 -6.31
N ASN A 252 5.05 21.92 -7.42
CA ASN A 252 3.98 22.90 -7.44
C ASN A 252 2.72 22.48 -8.19
N ALA A 253 1.67 23.29 -8.09
CA ALA A 253 0.40 22.99 -8.72
C ALA A 253 -0.11 24.20 -9.46
N GLY A 254 -0.71 24.01 -10.64
CA GLY A 254 -1.29 25.12 -11.35
C GLY A 254 -1.79 24.67 -12.72
N ALA A 255 -2.39 25.61 -13.42
CA ALA A 255 -2.88 25.34 -14.77
C ALA A 255 -2.82 26.61 -15.60
N ALA A 256 -2.72 26.46 -16.91
CA ALA A 256 -2.82 27.60 -17.82
C ALA A 256 -3.41 27.13 -19.13
N ALA A 257 -4.08 28.04 -19.83
CA ALA A 257 -4.67 27.69 -21.11
C ALA A 257 -4.78 28.93 -21.97
N MET A 258 -4.92 28.71 -23.26
CA MET A 258 -5.03 29.82 -24.20
C MET A 258 -5.73 29.32 -25.46
N ILE A 259 -6.15 30.27 -26.29
CA ILE A 259 -6.78 29.93 -27.58
C ILE A 259 -5.72 30.00 -28.65
N VAL A 260 -5.64 28.98 -29.50
CA VAL A 260 -4.72 28.94 -30.62
C VAL A 260 -5.56 28.87 -31.89
N SER A 261 -5.25 29.73 -32.85
CA SER A 261 -6.04 29.77 -34.08
C SER A 261 -5.22 30.50 -35.11
N SER A 262 -5.71 30.58 -36.35
CA SER A 262 -5.07 31.54 -37.25
C SER A 262 -5.40 32.96 -36.81
N HIS A 263 -4.60 33.95 -37.29
CA HIS A 263 -4.88 35.33 -36.97
C HIS A 263 -6.25 35.74 -37.52
N ALA A 264 -6.54 35.29 -38.75
CA ALA A 264 -7.84 35.61 -39.38
C ALA A 264 -9.01 35.05 -38.58
N THR A 265 -8.89 33.79 -38.09
CA THR A 265 -9.96 33.22 -37.30
C THR A 265 -10.16 34.01 -36.00
N ALA A 266 -9.04 34.41 -35.36
CA ALA A 266 -9.17 35.16 -34.11
C ALA A 266 -9.87 36.50 -34.34
N THR A 267 -9.48 37.24 -35.37
CA THR A 267 -10.10 38.54 -35.66
C THR A 267 -11.59 38.34 -35.98
N GLU A 268 -11.89 37.35 -36.81
CA GLU A 268 -13.28 37.02 -37.15
C GLU A 268 -14.15 36.77 -35.91
N LEU A 269 -13.61 36.11 -34.89
CA LEU A 269 -14.41 35.75 -33.73
C LEU A 269 -14.32 36.79 -32.63
N GLY A 270 -13.69 37.91 -32.88
CA GLY A 270 -13.63 38.96 -31.89
C GLY A 270 -12.65 38.71 -30.78
N LEU A 271 -11.64 37.89 -31.03
CA LEU A 271 -10.60 37.74 -30.03
C LEU A 271 -9.53 38.77 -30.27
N GLN A 272 -8.69 38.96 -29.27
CA GLN A 272 -7.56 39.88 -29.35
C GLN A 272 -6.26 39.10 -29.28
N PRO A 273 -5.64 38.76 -30.40
CA PRO A 273 -4.39 37.97 -30.36
C PRO A 273 -3.32 38.69 -29.56
N GLN A 274 -2.53 37.90 -28.83
CA GLN A 274 -1.41 38.40 -28.05
C GLN A 274 -0.05 38.10 -28.67
N LEU A 275 0.11 36.94 -29.29
CA LEU A 275 1.41 36.51 -29.82
C LEU A 275 1.20 35.77 -31.11
N VAL A 276 2.12 35.93 -32.07
CA VAL A 276 2.19 35.08 -33.26
C VAL A 276 3.34 34.10 -33.07
N ILE A 277 3.09 32.82 -33.37
CA ILE A 277 4.14 31.81 -33.35
C ILE A 277 4.98 31.94 -34.63
N ARG A 278 6.24 32.35 -34.48
CA ARG A 278 7.14 32.53 -35.59
C ARG A 278 8.11 31.38 -35.82
N GLY A 279 8.36 30.55 -34.79
CA GLY A 279 9.23 29.41 -34.98
C GLY A 279 9.05 28.44 -33.84
N ILE A 280 9.24 27.18 -34.14
CA ILE A 280 9.13 26.09 -33.17
C ILE A 280 10.36 25.21 -33.30
N GLY A 281 10.96 24.86 -32.17
CA GLY A 281 12.07 23.94 -32.18
C GLY A 281 11.89 22.84 -31.16
N VAL A 282 12.12 21.59 -31.55
CA VAL A 282 12.09 20.47 -30.62
C VAL A 282 13.38 19.70 -30.89
N ALA A 283 14.18 19.50 -29.85
CA ALA A 283 15.47 18.86 -30.00
C ALA A 283 15.67 17.84 -28.91
N ALA A 284 16.64 16.94 -29.11
CA ALA A 284 17.00 15.97 -28.11
C ALA A 284 18.50 15.74 -28.09
N VAL A 285 18.98 15.33 -26.92
CA VAL A 285 20.41 15.14 -26.63
C VAL A 285 20.53 13.91 -25.73
N GLU A 286 21.73 13.57 -25.25
CA GLU A 286 21.85 12.45 -24.31
C GLU A 286 20.97 12.69 -23.07
N PRO A 287 20.25 11.66 -22.61
CA PRO A 287 19.43 11.84 -21.37
C PRO A 287 20.22 12.36 -20.18
N GLY A 288 21.47 11.91 -20.06
CA GLY A 288 22.31 12.38 -18.96
C GLY A 288 22.63 13.87 -18.99
N LEU A 289 22.40 14.54 -20.12
CA LEU A 289 22.67 15.96 -20.23
C LEU A 289 21.38 16.74 -20.14
N PHE A 290 20.64 16.32 -19.10
CA PHE A 290 19.50 17.10 -18.58
C PHE A 290 19.90 18.57 -18.54
N GLY A 291 19.09 19.39 -19.15
CA GLY A 291 19.28 20.81 -19.03
C GLY A 291 19.86 21.47 -20.25
N PHE A 292 20.55 20.74 -21.11
CA PHE A 292 21.12 21.39 -22.28
C PHE A 292 20.14 21.51 -23.45
N GLY A 293 19.11 20.67 -23.49
CA GLY A 293 18.15 20.64 -24.57
C GLY A 293 17.64 21.97 -25.09
N PRO A 294 17.43 23.01 -24.26
CA PRO A 294 16.99 24.30 -24.80
C PRO A 294 17.94 24.93 -25.78
N VAL A 295 19.23 24.66 -25.65
CA VAL A 295 20.18 25.31 -26.58
C VAL A 295 19.87 24.92 -28.04
N PRO A 296 19.88 23.62 -28.39
CA PRO A 296 19.53 23.29 -29.78
C PRO A 296 18.09 23.60 -30.11
N ALA A 297 17.19 23.51 -29.12
CA ALA A 297 15.80 23.79 -29.47
C ALA A 297 15.63 25.27 -29.81
N ILE A 298 16.28 26.16 -29.04
CA ILE A 298 16.18 27.58 -29.34
C ILE A 298 16.81 27.88 -30.71
N LYS A 299 17.94 27.21 -31.01
CA LYS A 299 18.57 27.47 -32.33
C LYS A 299 17.61 27.06 -33.44
N LEU A 300 16.87 25.96 -33.25
CA LEU A 300 15.91 25.54 -34.26
C LEU A 300 14.78 26.53 -34.41
N ALA A 301 14.23 27.01 -33.28
CA ALA A 301 13.13 27.95 -33.37
C ALA A 301 13.55 29.26 -34.02
N LEU A 302 14.76 29.75 -33.64
CA LEU A 302 15.24 31.01 -34.21
C LEU A 302 15.50 30.87 -35.70
N ALA A 303 16.03 29.69 -36.11
CA ALA A 303 16.26 29.50 -37.55
C ALA A 303 14.95 29.55 -38.31
N GLN A 304 13.86 28.97 -37.76
CA GLN A 304 12.58 28.99 -38.44
C GLN A 304 12.05 30.41 -38.50
N ALA A 305 12.26 31.20 -37.43
CA ALA A 305 11.76 32.57 -37.43
C ALA A 305 12.67 33.49 -38.24
N GLN A 306 13.87 33.02 -38.61
CA GLN A 306 14.92 33.85 -39.22
C GLN A 306 15.28 35.03 -38.34
N TRP A 307 15.44 34.74 -37.04
CA TRP A 307 15.94 35.69 -36.06
C TRP A 307 17.27 35.26 -35.51
N GLN A 308 18.05 36.23 -35.11
CA GLN A 308 19.29 36.00 -34.38
C GLN A 308 19.06 36.24 -32.90
N VAL A 309 19.94 35.67 -32.07
CA VAL A 309 19.81 35.84 -30.62
C VAL A 309 19.70 37.32 -30.26
N GLN A 310 20.52 38.16 -30.89
CA GLN A 310 20.49 39.59 -30.55
C GLN A 310 19.21 40.29 -30.94
N ASP A 311 18.33 39.71 -31.76
CA ASP A 311 17.05 40.32 -32.13
C ASP A 311 15.98 40.10 -31.07
N VAL A 312 16.22 39.24 -30.09
CA VAL A 312 15.17 38.80 -29.18
C VAL A 312 15.15 39.75 -27.97
N ASP A 313 13.97 40.29 -27.67
CA ASP A 313 13.85 41.21 -26.52
C ASP A 313 13.93 40.48 -25.19
N ARG A 314 13.29 39.30 -25.07
CA ARG A 314 13.40 38.55 -23.83
C ARG A 314 13.34 37.05 -24.10
N PHE A 315 14.13 36.30 -23.32
CA PHE A 315 14.09 34.85 -23.29
C PHE A 315 13.42 34.46 -21.98
N GLU A 316 12.51 33.51 -22.03
CA GLU A 316 11.87 32.97 -20.85
C GLU A 316 12.17 31.49 -20.91
N VAL A 317 13.17 31.05 -20.17
CA VAL A 317 13.69 29.68 -20.21
C VAL A 317 13.43 29.06 -18.85
N ASN A 318 12.80 27.91 -18.79
CA ASN A 318 12.40 27.42 -17.49
C ASN A 318 13.57 27.15 -16.55
N GLU A 319 13.44 27.61 -15.31
CA GLU A 319 14.48 27.44 -14.28
C GLU A 319 14.31 26.10 -13.55
N ALA A 320 14.46 24.99 -14.31
CA ALA A 320 14.32 23.68 -13.72
C ALA A 320 15.33 23.54 -12.58
N PHE A 321 16.53 24.11 -12.78
CA PHE A 321 17.54 24.36 -11.74
C PHE A 321 18.23 25.64 -12.15
N ALA A 322 18.76 26.38 -11.16
CA ALA A 322 19.53 27.58 -11.54
C ALA A 322 20.65 27.21 -12.51
N ALA A 323 21.27 26.03 -12.32
CA ALA A 323 22.36 25.64 -13.20
C ALA A 323 21.91 25.57 -14.66
N VAL A 324 20.69 25.13 -14.95
CA VAL A 324 20.23 25.02 -16.33
C VAL A 324 20.06 26.41 -16.92
N GLY A 325 19.50 27.32 -16.15
CA GLY A 325 19.35 28.67 -16.65
C GLY A 325 20.68 29.31 -17.00
N LEU A 326 21.67 29.09 -16.13
CA LEU A 326 23.00 29.66 -16.39
C LEU A 326 23.64 29.03 -17.62
N VAL A 327 23.55 27.70 -17.81
CA VAL A 327 24.16 27.11 -18.98
C VAL A 327 23.52 27.63 -20.25
N VAL A 328 22.18 27.65 -20.33
CA VAL A 328 21.52 28.10 -21.55
C VAL A 328 21.83 29.55 -21.85
N ARG A 329 21.74 30.40 -20.83
CA ARG A 329 22.04 31.82 -21.03
C ARG A 329 23.47 32.01 -21.53
N ASP A 330 24.38 31.32 -20.89
CA ASP A 330 25.80 31.57 -21.21
C ASP A 330 26.18 30.96 -22.54
N GLU A 331 25.66 29.77 -22.87
CA GLU A 331 26.03 29.14 -24.12
C GLU A 331 25.47 29.87 -25.30
N LEU A 332 24.29 30.50 -25.17
CA LEU A 332 23.74 31.29 -26.25
C LEU A 332 24.20 32.74 -26.24
N GLY A 333 24.92 33.16 -25.22
CA GLY A 333 25.42 34.53 -25.15
C GLY A 333 24.35 35.57 -24.90
N ILE A 334 23.30 35.20 -24.18
CA ILE A 334 22.19 36.11 -23.94
C ILE A 334 22.54 37.07 -22.81
N ALA A 335 22.13 38.31 -22.97
CA ALA A 335 22.36 39.34 -21.95
C ALA A 335 21.54 39.03 -20.70
N PRO A 336 22.11 39.14 -19.51
CA PRO A 336 21.36 38.77 -18.31
C PRO A 336 20.12 39.58 -18.08
N GLU A 337 20.07 40.83 -18.55
CA GLU A 337 18.88 41.63 -18.36
C GLU A 337 17.76 41.22 -19.30
N ARG A 338 18.03 40.33 -20.25
CA ARG A 338 17.01 39.83 -21.19
C ARG A 338 16.66 38.38 -20.91
N PHE A 339 17.13 37.81 -19.82
CA PHE A 339 16.95 36.38 -19.53
C PHE A 339 16.13 36.25 -18.25
N ASN A 340 14.93 35.68 -18.36
CA ASN A 340 14.01 35.50 -17.20
C ASN A 340 13.81 36.80 -16.41
N VAL A 341 13.33 37.77 -17.17
CA VAL A 341 13.36 39.17 -16.78
C VAL A 341 12.59 39.40 -15.50
N ASP A 342 11.41 38.76 -15.36
CA ASP A 342 10.55 38.96 -14.20
C ASP A 342 10.63 37.82 -13.23
N GLY A 343 11.74 37.08 -13.23
CA GLY A 343 11.90 35.93 -12.36
C GLY A 343 11.36 34.68 -13.03
N GLY A 344 11.67 33.56 -12.44
CA GLY A 344 11.28 32.27 -13.03
C GLY A 344 10.92 31.26 -11.99
N ALA A 345 10.96 29.97 -12.36
CA ALA A 345 10.37 28.94 -11.53
C ALA A 345 11.02 28.75 -10.21
N ILE A 346 12.30 29.16 -10.03
CA ILE A 346 12.85 29.06 -8.69
C ILE A 346 11.97 29.84 -7.72
N ALA A 347 11.46 30.98 -8.15
CA ALA A 347 10.58 31.81 -7.34
C ALA A 347 9.15 31.32 -7.44
N HIS A 348 8.57 31.25 -8.65
CA HIS A 348 7.12 31.03 -8.70
C HIS A 348 6.70 29.57 -8.66
N GLY A 349 7.59 28.63 -8.94
CA GLY A 349 7.22 27.23 -8.94
C GLY A 349 7.17 26.64 -10.32
N HIS A 350 7.25 25.27 -10.34
CA HIS A 350 7.35 24.48 -11.57
C HIS A 350 6.29 23.36 -11.52
N PRO A 351 5.00 23.67 -11.80
CA PRO A 351 3.98 22.60 -11.90
C PRO A 351 4.15 21.89 -13.25
N ILE A 352 4.88 20.77 -13.27
CA ILE A 352 5.60 20.32 -14.49
C ILE A 352 4.79 20.36 -15.78
N GLY A 353 3.63 19.72 -15.85
CA GLY A 353 2.91 19.74 -17.13
C GLY A 353 2.24 21.03 -17.51
N ALA A 354 2.10 21.98 -16.59
CA ALA A 354 1.54 23.28 -16.90
C ALA A 354 2.62 24.33 -17.17
N THR A 355 3.89 24.08 -16.81
CA THR A 355 4.85 25.19 -16.83
C THR A 355 5.03 25.77 -18.22
N GLY A 356 5.05 24.97 -19.28
CA GLY A 356 5.25 25.56 -20.59
C GLY A 356 4.13 26.49 -20.99
N ALA A 357 2.90 26.15 -20.58
CA ALA A 357 1.76 27.03 -20.86
C ALA A 357 1.79 28.26 -19.97
N ILE A 358 2.24 28.11 -18.72
CA ILE A 358 2.47 29.26 -17.84
C ILE A 358 3.49 30.22 -18.44
N LEU A 359 4.60 29.70 -18.97
CA LEU A 359 5.62 30.60 -19.54
C LEU A 359 5.11 31.32 -20.78
N LEU A 360 4.36 30.65 -21.64
CA LEU A 360 3.75 31.33 -22.77
C LEU A 360 2.80 32.44 -22.29
N THR A 361 2.00 32.13 -21.26
CA THR A 361 1.10 33.12 -20.69
C THR A 361 1.86 34.32 -20.17
N LYS A 362 2.92 34.06 -19.43
CA LYS A 362 3.74 35.14 -18.87
C LYS A 362 4.27 36.05 -19.98
N VAL A 363 4.80 35.48 -21.06
CA VAL A 363 5.35 36.27 -22.15
C VAL A 363 4.25 37.04 -22.87
N ALA A 364 3.08 36.43 -23.08
CA ALA A 364 2.00 37.14 -23.75
C ALA A 364 1.69 38.43 -23.00
N HIS A 365 1.60 38.34 -21.68
CA HIS A 365 1.27 39.54 -20.91
C HIS A 365 2.44 40.51 -20.75
N ALA A 366 3.66 40.00 -20.61
CA ALA A 366 4.80 40.89 -20.46
C ALA A 366 5.06 41.68 -21.73
N LEU A 367 4.94 41.06 -22.91
CA LEU A 367 5.14 41.84 -24.13
C LEU A 367 4.03 42.89 -24.29
N ARG A 368 2.78 42.55 -23.88
CA ARG A 368 1.76 43.59 -23.94
C ARG A 368 2.14 44.79 -23.08
N ARG A 369 2.62 44.53 -21.84
CA ARG A 369 2.95 45.60 -20.90
C ARG A 369 4.14 46.44 -21.40
N THR A 370 5.18 45.79 -21.90
CA THR A 370 6.44 46.48 -22.19
C THR A 370 6.53 46.99 -23.61
N SER A 371 5.65 46.54 -24.49
CA SER A 371 5.72 46.81 -25.94
C SER A 371 6.95 46.18 -26.61
N GLU A 372 7.64 45.25 -25.93
CA GLU A 372 8.67 44.49 -26.58
C GLU A 372 8.07 43.67 -27.73
N ARG A 373 8.91 43.39 -28.73
CA ARG A 373 8.41 42.78 -29.95
C ARG A 373 8.63 41.27 -30.02
N ARG A 374 9.78 40.78 -29.58
CA ARG A 374 10.17 39.39 -29.87
C ARG A 374 10.59 38.69 -28.60
N ALA A 375 10.10 37.46 -28.45
CA ALA A 375 10.46 36.67 -27.27
C ALA A 375 10.68 35.22 -27.69
N VAL A 376 11.37 34.49 -26.81
CA VAL A 376 11.52 33.04 -26.98
C VAL A 376 11.17 32.41 -25.66
N VAL A 377 10.35 31.35 -25.68
CA VAL A 377 10.06 30.52 -24.51
C VAL A 377 10.69 29.19 -24.77
N SER A 378 11.38 28.65 -23.77
CA SER A 378 12.00 27.34 -23.93
C SER A 378 12.07 26.61 -22.61
N LEU A 379 11.97 25.27 -22.69
CA LEU A 379 12.02 24.44 -21.50
C LEU A 379 12.85 23.20 -21.76
N CYS A 380 13.64 22.79 -20.82
CA CYS A 380 14.17 21.42 -20.86
C CYS A 380 13.09 20.45 -20.47
N ILE A 381 13.27 19.22 -20.94
CA ILE A 381 12.24 18.23 -20.86
C ILE A 381 13.19 17.16 -20.27
C ILE A 381 12.29 17.26 -19.71
N GLY A 382 12.82 16.54 -19.16
N GLY A 382 13.47 16.68 -19.50
CA GLY A 382 13.66 15.44 -18.80
C GLY A 382 13.93 14.36 -19.86
N GLY A 383 14.91 13.50 -19.67
CA GLY A 383 15.16 12.54 -20.71
C GLY A 383 15.98 13.06 -21.87
N GLY A 384 16.52 14.27 -21.76
CA GLY A 384 17.38 14.85 -22.80
C GLY A 384 16.58 15.42 -23.94
N GLN A 385 15.64 16.32 -23.68
CA GLN A 385 14.98 17.00 -24.77
C GLN A 385 14.82 18.47 -24.45
N GLY A 386 14.49 19.25 -25.46
CA GLY A 386 14.20 20.67 -25.28
C GLY A 386 13.09 21.08 -26.22
N ILE A 387 12.31 22.06 -25.82
CA ILE A 387 11.29 22.63 -26.70
C ILE A 387 11.43 24.15 -26.66
N ALA A 388 11.19 24.81 -27.78
CA ALA A 388 11.28 26.25 -27.82
C ALA A 388 10.27 26.83 -28.79
N LEU A 389 9.74 28.02 -28.49
CA LEU A 389 8.89 28.75 -29.43
C LEU A 389 9.41 30.18 -29.54
N ALA A 390 9.50 30.66 -30.77
CA ALA A 390 9.83 32.06 -31.05
C ALA A 390 8.50 32.78 -31.28
N LEU A 391 8.31 33.91 -30.61
CA LEU A 391 6.99 34.52 -30.47
C LEU A 391 7.09 36.02 -30.71
N GLU A 392 6.12 36.57 -31.44
CA GLU A 392 6.16 38.00 -31.69
C GLU A 392 4.89 38.65 -31.18
N ARG A 393 5.01 39.83 -30.57
CA ARG A 393 3.82 40.51 -30.08
C ARG A 393 2.90 40.89 -31.23
N VAL A 394 1.59 40.75 -31.00
CA VAL A 394 0.57 41.25 -31.90
C VAL A 394 0.05 42.57 -31.31
N LYS A 395 0.02 43.60 -32.14
CA LYS A 395 -0.50 44.90 -31.73
C LYS A 395 -1.99 44.86 -31.39
N LEU A 396 -2.44 45.79 -30.53
CA LEU A 396 -3.85 45.90 -30.17
C LEU A 396 -4.79 46.12 -31.36
N VAL B 2 0.89 -13.20 55.43
CA VAL B 2 1.47 -11.98 54.90
C VAL B 2 2.68 -12.21 53.96
N LYS B 3 3.44 -13.29 54.22
CA LYS B 3 4.66 -13.60 53.48
C LYS B 3 4.45 -13.83 51.96
N ASP B 4 3.52 -14.73 51.60
CA ASP B 4 3.33 -15.20 50.23
C ASP B 4 2.28 -14.43 49.46
N GLU B 5 1.63 -13.48 50.10
CA GLU B 5 0.75 -12.54 49.41
C GLU B 5 1.56 -11.86 48.30
N ILE B 6 0.89 -11.57 47.22
CA ILE B 6 1.56 -11.01 46.05
C ILE B 6 1.38 -9.50 46.07
N VAL B 7 2.48 -8.77 45.94
CA VAL B 7 2.48 -7.32 46.06
C VAL B 7 3.06 -6.67 44.81
N ILE B 8 2.61 -5.43 44.61
CA ILE B 8 3.07 -4.51 43.56
C ILE B 8 3.93 -3.45 44.21
N SER B 9 5.14 -3.22 43.66
CA SER B 9 6.11 -2.22 44.09
C SER B 9 6.55 -1.37 42.92
N SER B 10 6.90 -0.12 43.21
CA SER B 10 7.53 0.78 42.23
C SER B 10 6.73 0.94 40.93
N ALA B 11 5.43 1.07 41.03
CA ALA B 11 4.63 1.31 39.83
C ALA B 11 4.93 2.70 39.29
N LEU B 12 5.19 2.80 37.98
CA LEU B 12 5.56 4.04 37.33
C LEU B 12 4.96 4.06 35.94
N ARG B 13 4.76 5.26 35.39
CA ARG B 13 4.17 5.37 34.05
C ARG B 13 4.77 6.57 33.31
N THR B 14 4.76 6.54 31.99
CA THR B 14 5.01 7.76 31.22
C THR B 14 3.81 8.69 31.36
N PRO B 15 3.95 9.98 31.00
CA PRO B 15 2.76 10.76 30.72
C PRO B 15 2.10 10.16 29.50
N ILE B 16 0.82 10.47 29.32
CA ILE B 16 0.04 9.90 28.20
C ILE B 16 -0.01 10.92 27.06
N GLY B 17 0.38 10.47 25.89
CA GLY B 17 0.38 11.32 24.69
C GLY B 17 -0.96 11.32 24.00
N ALA B 18 -1.28 12.46 23.35
CA ALA B 18 -2.47 12.59 22.54
C ALA B 18 -2.25 11.99 21.17
N PHE B 19 -3.35 11.70 20.50
CA PHE B 19 -3.25 11.26 19.11
C PHE B 19 -2.60 12.34 18.26
N SER B 20 -1.61 11.91 17.47
CA SER B 20 -0.79 12.84 16.67
C SER B 20 -0.02 13.84 17.53
N GLY B 21 0.25 13.48 18.78
CA GLY B 21 0.85 14.35 19.74
C GLY B 21 2.32 14.07 19.96
N THR B 22 2.77 14.34 21.19
CA THR B 22 4.20 14.37 21.45
C THR B 22 4.88 13.01 21.27
N LEU B 23 4.15 11.91 21.50
CA LEU B 23 4.79 10.59 21.39
C LEU B 23 4.56 9.94 20.02
N LYS B 24 4.08 10.71 19.02
CA LYS B 24 3.68 10.07 17.77
C LYS B 24 4.79 9.35 17.06
N ASP B 25 6.07 9.69 17.30
CA ASP B 25 7.20 9.04 16.60
C ASP B 25 7.95 8.07 17.52
N THR B 26 7.42 7.76 18.68
CA THR B 26 8.17 6.99 19.68
C THR B 26 7.50 5.63 19.85
N PRO B 27 8.08 4.53 19.39
CA PRO B 27 7.40 3.24 19.50
C PRO B 27 7.01 2.85 20.91
N ALA B 28 5.90 2.09 20.99
CA ALA B 28 5.42 1.59 22.25
C ALA B 28 6.53 0.88 23.03
N ALA B 29 7.31 0.05 22.35
CA ALA B 29 8.35 -0.70 23.07
C ALA B 29 9.39 0.24 23.63
N ALA B 30 9.64 1.37 22.97
CA ALA B 30 10.60 2.34 23.51
C ALA B 30 10.04 3.04 24.74
N LEU B 31 8.74 3.33 24.75
CA LEU B 31 8.09 3.87 25.94
C LEU B 31 8.22 2.90 27.13
N GLY B 32 7.97 1.60 26.90
CA GLY B 32 8.11 0.66 27.97
C GLY B 32 9.55 0.51 28.42
N ALA B 33 10.48 0.48 27.47
CA ALA B 33 11.89 0.36 27.85
C ALA B 33 12.31 1.53 28.73
N HIS B 34 11.80 2.71 28.42
CA HIS B 34 12.14 3.87 29.25
C HIS B 34 11.59 3.73 30.68
N VAL B 35 10.35 3.27 30.83
CA VAL B 35 9.83 3.06 32.17
C VAL B 35 10.66 2.04 32.92
N VAL B 36 10.99 0.92 32.27
CA VAL B 36 11.73 -0.13 32.93
C VAL B 36 13.12 0.35 33.32
N LYS B 37 13.78 1.10 32.45
CA LYS B 37 15.10 1.63 32.78
C LYS B 37 15.03 2.53 34.00
N THR B 38 14.00 3.38 34.06
CA THR B 38 13.85 4.30 35.17
C THR B 38 13.51 3.54 36.44
N LEU B 39 12.64 2.55 36.35
CA LEU B 39 12.28 1.74 37.50
C LEU B 39 13.51 1.08 38.11
N LEU B 40 14.38 0.53 37.25
CA LEU B 40 15.62 -0.11 37.73
C LEU B 40 16.54 0.91 38.38
N GLU B 41 16.68 2.09 37.78
CA GLU B 41 17.57 3.10 38.34
C GLU B 41 17.05 3.55 39.71
N ARG B 42 15.76 3.77 39.83
CA ARG B 42 15.26 4.37 41.07
C ARG B 42 15.22 3.37 42.20
N THR B 43 14.83 2.12 41.93
CA THR B 43 14.77 1.13 42.99
C THR B 43 16.13 0.59 43.35
N GLY B 44 17.10 0.70 42.45
CA GLY B 44 18.35 -0.02 42.66
C GLY B 44 18.22 -1.53 42.66
N LEU B 45 17.10 -2.07 42.17
CA LEU B 45 16.93 -3.53 42.18
C LEU B 45 18.03 -4.23 41.40
N ALA B 46 18.60 -5.28 41.99
CA ALA B 46 19.59 -6.08 41.27
C ALA B 46 18.96 -6.70 40.03
N PRO B 47 19.43 -6.35 38.83
CA PRO B 47 18.75 -6.80 37.61
C PRO B 47 18.71 -8.31 37.49
N GLU B 48 19.68 -9.02 38.06
CA GLU B 48 19.71 -10.48 38.03
C GLU B 48 18.59 -11.09 38.85
N ARG B 49 17.91 -10.30 39.69
CA ARG B 49 16.76 -10.84 40.40
C ARG B 49 15.47 -10.76 39.60
N VAL B 50 15.48 -10.21 38.40
CA VAL B 50 14.26 -10.17 37.59
C VAL B 50 14.12 -11.49 36.85
N ASP B 51 13.03 -12.24 37.13
CA ASP B 51 12.92 -13.56 36.50
C ASP B 51 12.27 -13.50 35.13
N GLU B 52 11.43 -12.49 34.89
CA GLU B 52 10.72 -12.40 33.62
C GLU B 52 10.17 -11.00 33.50
N VAL B 53 9.96 -10.58 32.25
CA VAL B 53 9.22 -9.37 31.91
C VAL B 53 7.97 -9.78 31.15
N VAL B 54 6.81 -9.35 31.61
CA VAL B 54 5.55 -9.61 30.90
C VAL B 54 4.96 -8.26 30.53
N MET B 55 4.67 -8.03 29.25
CA MET B 55 4.04 -6.78 28.83
C MET B 55 2.77 -7.02 28.07
N GLY B 56 1.75 -6.21 28.37
CA GLY B 56 0.57 -6.15 27.52
C GLY B 56 0.80 -5.26 26.30
N ASN B 57 0.24 -5.65 25.17
CA ASN B 57 0.25 -4.81 23.97
C ASN B 57 -0.78 -5.35 23.01
N VAL B 58 -1.67 -4.49 22.54
CA VAL B 58 -2.79 -4.98 21.70
C VAL B 58 -2.43 -4.88 20.23
N LEU B 59 -1.90 -3.72 19.82
CA LEU B 59 -1.61 -3.50 18.38
C LEU B 59 -0.18 -3.89 18.19
N GLN B 60 0.06 -5.21 18.11
CA GLN B 60 1.43 -5.70 17.97
C GLN B 60 1.95 -5.56 16.53
N ALA B 61 1.06 -5.35 15.57
CA ALA B 61 1.44 -5.21 14.16
C ALA B 61 2.51 -4.17 13.98
N GLY B 62 3.61 -4.57 13.36
CA GLY B 62 4.67 -3.67 13.02
C GLY B 62 5.58 -3.30 14.17
N ASN B 63 5.34 -3.81 15.39
CA ASN B 63 6.19 -3.43 16.52
C ASN B 63 7.44 -4.30 16.60
N GLY B 64 7.61 -5.28 15.69
CA GLY B 64 8.79 -6.12 15.73
C GLY B 64 8.57 -7.32 16.61
N MET B 65 9.52 -8.23 16.55
CA MET B 65 9.40 -9.51 17.25
C MET B 65 9.32 -9.26 18.77
N ASN B 66 8.22 -9.78 19.38
CA ASN B 66 8.03 -9.82 20.84
C ASN B 66 8.31 -8.51 21.59
N VAL B 67 7.30 -7.64 21.58
CA VAL B 67 7.41 -6.33 22.24
C VAL B 67 8.00 -6.45 23.64
N ALA B 68 7.57 -7.42 24.46
CA ALA B 68 8.08 -7.49 25.82
C ALA B 68 9.59 -7.72 25.87
N ARG B 69 10.16 -8.51 24.96
CA ARG B 69 11.62 -8.71 24.92
C ARG B 69 12.34 -7.45 24.53
N GLN B 70 11.75 -6.65 23.63
CA GLN B 70 12.33 -5.35 23.30
C GLN B 70 12.32 -4.43 24.52
N VAL B 71 11.19 -4.39 25.25
CA VAL B 71 11.10 -3.60 26.47
C VAL B 71 12.17 -4.00 27.45
N ALA B 72 12.38 -5.32 27.62
CA ALA B 72 13.34 -5.81 28.60
C ALA B 72 14.77 -5.48 28.19
N VAL B 73 15.15 -5.81 26.96
CA VAL B 73 16.55 -5.64 26.53
C VAL B 73 16.87 -4.16 26.41
N ASN B 74 16.01 -3.39 25.77
CA ASN B 74 16.29 -1.98 25.63
C ASN B 74 16.07 -1.22 26.91
N GLY B 75 15.41 -1.83 27.92
CA GLY B 75 15.31 -1.26 29.24
C GLY B 75 16.54 -1.51 30.06
N GLY B 76 17.50 -2.24 29.50
CA GLY B 76 18.80 -2.48 30.13
C GLY B 76 18.88 -3.72 30.97
N LEU B 77 17.86 -4.55 30.98
CA LEU B 77 17.98 -5.80 31.74
C LEU B 77 18.95 -6.75 31.05
N PRO B 78 19.60 -7.62 31.82
CA PRO B 78 20.49 -8.63 31.22
C PRO B 78 19.72 -9.45 30.20
N VAL B 79 20.43 -9.85 29.15
CA VAL B 79 19.82 -10.67 28.12
C VAL B 79 19.33 -11.99 28.69
N ALA B 80 19.80 -12.42 29.86
CA ALA B 80 19.32 -13.65 30.48
C ALA B 80 17.89 -13.55 31.01
N VAL B 81 17.23 -12.40 30.97
CA VAL B 81 15.86 -12.28 31.47
C VAL B 81 14.87 -12.61 30.35
N PRO B 82 14.06 -13.65 30.49
CA PRO B 82 13.07 -13.95 29.44
C PRO B 82 11.90 -12.97 29.48
N ALA B 83 11.10 -12.96 28.41
CA ALA B 83 10.01 -12.00 28.30
C ALA B 83 8.97 -12.53 27.32
N HIS B 84 7.70 -12.19 27.59
CA HIS B 84 6.66 -12.51 26.60
C HIS B 84 5.55 -11.49 26.68
N THR B 85 4.74 -11.42 25.61
CA THR B 85 3.75 -10.36 25.40
C THR B 85 2.35 -10.97 25.52
N VAL B 86 1.47 -10.33 26.25
CA VAL B 86 0.08 -10.80 26.42
C VAL B 86 -0.89 -9.82 25.79
N ASN B 87 -2.02 -10.34 25.35
CA ASN B 87 -3.06 -9.55 24.68
C ASN B 87 -4.40 -10.03 25.24
N ARG B 88 -4.99 -9.23 26.15
CA ARG B 88 -6.41 -9.33 26.51
C ARG B 88 -7.03 -7.97 26.21
N VAL B 89 -6.76 -7.48 24.98
CA VAL B 89 -7.29 -6.22 24.44
C VAL B 89 -7.16 -5.10 25.45
N CYS B 90 -8.25 -4.39 25.78
CA CYS B 90 -8.12 -3.19 26.59
C CYS B 90 -7.77 -3.51 28.03
N GLY B 91 -7.79 -4.78 28.43
CA GLY B 91 -7.32 -5.15 29.75
C GLY B 91 -5.91 -5.69 29.78
N SER B 92 -5.15 -5.61 28.67
CA SER B 92 -3.84 -6.27 28.62
C SER B 92 -2.88 -5.82 29.69
N GLY B 93 -2.84 -4.53 30.04
CA GLY B 93 -1.83 -4.09 31.00
C GLY B 93 -2.16 -4.64 32.39
N ALA B 94 -3.46 -4.82 32.70
CA ALA B 94 -3.78 -5.50 33.96
C ALA B 94 -3.57 -7.00 33.82
N GLN B 95 -3.83 -7.58 32.63
CA GLN B 95 -3.54 -8.99 32.46
C GLN B 95 -2.06 -9.29 32.72
N ALA B 96 -1.14 -8.42 32.30
CA ALA B 96 0.27 -8.72 32.55
C ALA B 96 0.54 -8.91 34.05
N VAL B 97 -0.15 -8.11 34.89
CA VAL B 97 0.01 -8.27 36.34
C VAL B 97 -0.61 -9.58 36.84
N VAL B 98 -1.77 -9.95 36.29
CA VAL B 98 -2.39 -11.23 36.65
C VAL B 98 -1.48 -12.37 36.22
N THR B 99 -0.87 -12.26 35.03
CA THR B 99 0.04 -13.31 34.56
C THR B 99 1.22 -13.43 35.53
N ALA B 100 1.74 -12.28 35.95
CA ALA B 100 2.84 -12.29 36.90
C ALA B 100 2.40 -12.93 38.22
N TYR B 101 1.21 -12.58 38.74
CA TYR B 101 0.66 -13.21 39.95
C TYR B 101 0.63 -14.73 39.80
N ALA B 102 0.14 -15.22 38.64
CA ALA B 102 0.02 -16.67 38.44
C ALA B 102 1.40 -17.32 38.36
N GLN B 103 2.38 -16.64 37.72
CA GLN B 103 3.72 -17.26 37.65
C GLN B 103 4.36 -17.33 39.03
N ILE B 104 4.12 -16.32 39.88
CA ILE B 104 4.75 -16.34 41.20
C ILE B 104 4.09 -17.38 42.09
N ARG B 105 2.75 -17.41 42.09
CA ARG B 105 2.05 -18.35 42.98
C ARG B 105 2.26 -19.80 42.55
N SER B 106 2.47 -20.06 41.27
CA SER B 106 2.74 -21.41 40.78
C SER B 106 4.21 -21.81 40.91
N GLY B 107 5.07 -20.92 41.36
CA GLY B 107 6.48 -21.24 41.54
C GLY B 107 7.33 -21.12 40.29
N LEU B 108 6.79 -20.59 39.19
CA LEU B 108 7.59 -20.47 37.98
C LEU B 108 8.55 -19.30 38.06
N SER B 109 8.18 -18.25 38.83
CA SER B 109 8.95 -17.02 38.96
C SER B 109 8.90 -16.56 40.42
N ASN B 110 9.88 -15.75 40.78
CA ASN B 110 9.79 -15.08 42.10
C ASN B 110 9.63 -13.59 41.99
N LEU B 111 10.06 -12.96 40.88
CA LEU B 111 9.92 -11.52 40.76
C LEU B 111 9.77 -11.22 39.26
N VAL B 112 8.71 -10.47 38.89
CA VAL B 112 8.41 -10.21 37.48
C VAL B 112 8.25 -8.70 37.35
N ILE B 113 8.73 -8.14 36.27
CA ILE B 113 8.36 -6.79 35.89
C ILE B 113 7.21 -6.88 34.90
N ALA B 114 6.08 -6.31 35.25
CA ALA B 114 4.85 -6.45 34.47
C ALA B 114 4.35 -5.07 34.12
N GLY B 115 3.75 -4.94 32.94
CA GLY B 115 3.18 -3.65 32.61
C GLY B 115 2.54 -3.72 31.24
N GLY B 116 2.39 -2.58 30.60
CA GLY B 116 1.84 -2.59 29.26
C GLY B 116 2.29 -1.35 28.50
N VAL B 117 2.17 -1.41 27.18
CA VAL B 117 2.63 -0.35 26.30
C VAL B 117 1.63 -0.20 25.17
N GLU B 118 1.50 1.01 24.62
CA GLU B 118 0.70 1.16 23.40
C GLU B 118 1.03 2.49 22.77
N ASN B 119 0.97 2.53 21.45
CA ASN B 119 1.05 3.82 20.76
C ASN B 119 0.15 3.73 19.55
N MET B 120 -1.00 4.36 19.63
CA MET B 120 -1.97 4.18 18.56
C MET B 120 -1.56 4.86 17.23
N ASP B 121 -0.84 5.98 17.28
CA ASP B 121 -0.35 6.63 16.05
C ASP B 121 0.55 5.70 15.32
N GLN B 122 1.33 4.91 16.05
CA GLN B 122 2.29 4.00 15.45
C GLN B 122 1.68 2.71 14.92
N ALA B 123 0.38 2.44 15.18
CA ALA B 123 -0.23 1.29 14.54
C ALA B 123 -0.20 1.48 13.03
N PRO B 124 0.20 0.48 12.27
CA PRO B 124 0.28 0.66 10.82
C PRO B 124 -1.06 0.39 10.15
N TYR B 125 -1.09 0.64 8.86
CA TYR B 125 -2.12 0.09 7.98
C TYR B 125 -1.69 -1.29 7.47
N LEU B 126 -2.70 -2.11 7.17
CA LEU B 126 -2.51 -3.50 6.76
C LEU B 126 -2.96 -3.64 5.32
N MET B 127 -2.25 -4.42 4.51
CA MET B 127 -2.67 -4.68 3.13
C MET B 127 -2.84 -6.17 2.97
N PRO B 128 -4.06 -6.71 3.20
CA PRO B 128 -4.24 -8.16 3.11
C PRO B 128 -4.05 -8.73 1.72
N SER B 129 -4.23 -7.95 0.66
CA SER B 129 -4.11 -8.52 -0.68
C SER B 129 -2.71 -8.42 -1.26
N LEU B 130 -1.76 -7.77 -0.58
CA LEU B 130 -0.46 -7.54 -1.16
C LEU B 130 0.36 -8.81 -1.28
N ARG B 131 0.21 -9.80 -0.41
CA ARG B 131 1.06 -10.99 -0.55
C ARG B 131 0.78 -11.75 -1.83
N HIS B 132 -0.48 -12.04 -2.09
CA HIS B 132 -0.82 -12.90 -3.24
C HIS B 132 -1.58 -12.17 -4.33
N GLY B 133 -1.81 -10.88 -4.17
CA GLY B 133 -2.32 -10.01 -5.22
C GLY B 133 -3.79 -9.74 -5.11
N ALA B 134 -4.18 -8.57 -5.62
CA ALA B 134 -5.57 -8.16 -5.79
C ALA B 134 -6.13 -8.54 -7.15
N ARG B 135 -5.24 -8.84 -8.12
CA ARG B 135 -5.57 -9.30 -9.48
C ARG B 135 -6.22 -8.24 -10.36
N MET B 136 -7.41 -7.78 -10.00
CA MET B 136 -8.10 -6.73 -10.72
C MET B 136 -9.15 -6.15 -9.82
N GLY B 137 -9.32 -4.85 -9.87
CA GLY B 137 -10.33 -4.18 -9.06
C GLY B 137 -9.72 -3.55 -7.82
N HIS B 138 -10.38 -2.53 -7.31
CA HIS B 138 -9.85 -1.82 -6.14
C HIS B 138 -9.80 -2.73 -4.92
N THR B 139 -8.91 -2.41 -3.98
CA THR B 139 -8.75 -3.25 -2.78
C THR B 139 -8.58 -2.36 -1.55
N GLN B 140 -8.75 -2.91 -0.38
CA GLN B 140 -8.80 -2.09 0.82
C GLN B 140 -7.49 -2.20 1.60
N ALA B 141 -7.03 -1.08 2.15
CA ALA B 141 -5.95 -1.05 3.15
C ALA B 141 -6.62 -0.80 4.51
N LEU B 142 -6.39 -1.67 5.48
CA LEU B 142 -7.13 -1.60 6.73
C LEU B 142 -6.34 -0.82 7.78
N ASP B 143 -7.02 0.03 8.56
CA ASP B 143 -6.35 0.63 9.71
C ASP B 143 -6.24 -0.42 10.82
N ALA B 144 -5.00 -0.76 11.22
CA ALA B 144 -4.86 -1.82 12.23
C ALA B 144 -5.47 -1.43 13.57
N LEU B 145 -5.54 -0.15 13.90
CA LEU B 145 -6.10 0.16 15.21
C LEU B 145 -7.57 -0.24 15.26
N LEU B 146 -8.29 -0.15 14.13
CA LEU B 146 -9.67 -0.62 14.04
C LEU B 146 -9.73 -2.13 13.91
N ARG B 147 -8.95 -2.69 12.99
CA ARG B 147 -9.08 -4.11 12.74
C ARG B 147 -8.66 -4.95 13.95
N ASP B 148 -7.59 -4.59 14.66
CA ASP B 148 -7.07 -5.45 15.71
C ASP B 148 -7.35 -4.90 17.11
N GLY B 149 -7.84 -3.67 17.22
CA GLY B 149 -7.97 -3.06 18.53
C GLY B 149 -9.38 -2.66 18.89
N LEU B 150 -10.08 -1.93 18.04
CA LEU B 150 -11.31 -1.28 18.47
C LEU B 150 -12.57 -1.86 17.84
N ASN B 151 -12.48 -2.53 16.70
CA ASN B 151 -13.69 -3.16 16.13
C ASN B 151 -13.87 -4.55 16.69
N ASP B 152 -15.13 -4.90 16.95
CA ASP B 152 -15.40 -6.27 17.41
C ASP B 152 -15.06 -7.28 16.31
N ALA B 153 -14.47 -8.42 16.70
CA ALA B 153 -14.00 -9.40 15.72
C ALA B 153 -15.14 -10.17 15.08
N PHE B 154 -16.33 -10.17 15.68
CA PHE B 154 -17.47 -10.95 15.19
C PHE B 154 -18.39 -10.12 14.30
N SER B 155 -18.59 -8.85 14.62
CA SER B 155 -19.47 -7.99 13.88
C SER B 155 -18.72 -7.01 12.97
N ASP B 156 -17.44 -6.74 13.21
CA ASP B 156 -16.68 -5.70 12.51
C ASP B 156 -17.20 -4.29 12.80
N GLN B 157 -18.08 -4.13 13.79
CA GLN B 157 -18.50 -2.79 14.22
C GLN B 157 -17.57 -2.27 15.31
N HIS B 158 -17.44 -0.95 15.36
CA HIS B 158 -16.66 -0.33 16.41
C HIS B 158 -17.24 -0.65 17.80
N SER B 159 -16.35 -0.79 18.79
CA SER B 159 -16.82 -0.95 20.17
C SER B 159 -17.81 0.16 20.57
N GLY B 160 -17.62 1.39 20.09
CA GLY B 160 -18.56 2.46 20.40
C GLY B 160 -19.94 2.24 19.81
N TRP B 161 -20.01 1.62 18.63
CA TRP B 161 -21.31 1.26 18.05
C TRP B 161 -22.02 0.27 18.95
N HIS B 162 -21.30 -0.76 19.43
CA HIS B 162 -21.91 -1.72 20.34
C HIS B 162 -22.33 -1.05 21.64
N THR B 163 -21.56 -0.10 22.12
CA THR B 163 -21.90 0.56 23.39
C THR B 163 -23.23 1.30 23.30
N GLU B 164 -23.63 1.71 22.10
CA GLU B 164 -24.98 2.30 21.96
C GLU B 164 -26.09 1.34 22.37
N ASP B 165 -25.86 0.03 22.25
CA ASP B 165 -26.87 -0.91 22.74
C ASP B 165 -26.85 -1.00 24.26
N LEU B 166 -25.68 -0.88 24.90
CA LEU B 166 -25.64 -0.77 26.35
C LEU B 166 -26.38 0.47 26.81
N VAL B 167 -26.17 1.58 26.10
CA VAL B 167 -26.84 2.83 26.42
C VAL B 167 -28.34 2.63 26.38
N ALA B 168 -28.83 1.95 25.34
CA ALA B 168 -30.28 1.75 25.23
C ALA B 168 -30.80 0.80 26.31
N LYS B 169 -30.08 -0.29 26.59
CA LYS B 169 -30.53 -1.27 27.57
C LYS B 169 -30.66 -0.65 28.96
N TYR B 170 -29.68 0.18 29.34
CA TYR B 170 -29.66 0.77 30.66
C TYR B 170 -30.22 2.19 30.69
N GLU B 171 -30.76 2.67 29.57
CA GLU B 171 -31.39 3.99 29.44
C GLU B 171 -30.50 5.14 29.92
N VAL B 172 -29.25 5.15 29.43
CA VAL B 172 -28.26 6.13 29.86
C VAL B 172 -28.40 7.36 29.00
N SER B 173 -28.85 8.46 29.58
CA SER B 173 -29.12 9.61 28.73
C SER B 173 -27.84 10.28 28.24
N ARG B 174 -27.98 10.99 27.11
CA ARG B 174 -26.90 11.84 26.63
C ARG B 174 -26.48 12.84 27.69
N GLU B 175 -27.44 13.45 28.38
CA GLU B 175 -27.10 14.46 29.38
C GLU B 175 -26.25 13.85 30.51
N ALA B 176 -26.56 12.62 30.94
CA ALA B 176 -25.79 11.96 31.98
C ALA B 176 -24.39 11.63 31.50
N GLN B 177 -24.26 11.15 30.26
CA GLN B 177 -22.93 10.85 29.72
C GLN B 177 -22.08 12.11 29.69
N ASP B 178 -22.67 13.22 29.25
CA ASP B 178 -21.88 14.45 29.16
C ASP B 178 -21.55 14.98 30.54
N ARG B 179 -22.46 14.82 31.52
CA ARG B 179 -22.14 15.23 32.87
C ARG B 179 -20.97 14.40 33.43
N PHE B 180 -20.97 13.08 33.18
CA PHE B 180 -19.88 12.24 33.66
C PHE B 180 -18.58 12.64 33.00
N ALA B 181 -18.60 12.90 31.69
CA ALA B 181 -17.37 13.29 30.98
C ALA B 181 -16.83 14.64 31.45
N ALA B 182 -17.71 15.65 31.60
CA ALA B 182 -17.24 16.93 32.12
C ALA B 182 -16.66 16.80 33.51
N THR B 183 -17.29 15.96 34.35
CA THR B 183 -16.75 15.74 35.70
C THR B 183 -15.38 15.03 35.63
N SER B 184 -15.20 14.07 34.72
CA SER B 184 -13.89 13.42 34.61
C SER B 184 -12.81 14.45 34.25
N GLN B 185 -13.11 15.31 33.28
CA GLN B 185 -12.15 16.35 32.91
C GLN B 185 -11.84 17.29 34.08
N GLN B 186 -12.87 17.65 34.85
CA GLN B 186 -12.66 18.58 35.95
C GLN B 186 -11.85 17.95 37.06
N ARG B 187 -12.18 16.71 37.43
CA ARG B 187 -11.43 16.02 38.48
C ARG B 187 -9.98 15.82 38.07
N PHE B 188 -9.75 15.41 36.81
CA PHE B 188 -8.39 15.19 36.35
C PHE B 188 -7.61 16.49 36.36
N ALA B 189 -8.21 17.56 35.84
CA ALA B 189 -7.47 18.83 35.79
C ALA B 189 -7.10 19.32 37.18
N ALA B 190 -8.02 19.19 38.16
CA ALA B 190 -7.70 19.64 39.51
C ALA B 190 -6.63 18.78 40.16
N ALA B 191 -6.71 17.47 40.00
CA ALA B 191 -5.71 16.59 40.56
C ALA B 191 -4.34 16.85 39.93
N GLN B 192 -4.32 17.03 38.60
CA GLN B 192 -3.06 17.31 37.93
C GLN B 192 -2.45 18.60 38.43
N ALA B 193 -3.29 19.64 38.55
CA ALA B 193 -2.79 20.94 39.03
C ALA B 193 -2.28 20.87 40.46
N ALA B 194 -2.87 19.98 41.30
CA ALA B 194 -2.41 19.79 42.67
C ALA B 194 -1.11 19.00 42.77
N GLY B 195 -0.61 18.50 41.65
CA GLY B 195 0.62 17.73 41.66
C GLY B 195 0.45 16.26 41.95
N TRP B 196 -0.80 15.77 41.96
CA TRP B 196 -1.07 14.41 42.43
C TRP B 196 -0.56 13.32 41.49
N PHE B 197 -0.21 13.64 40.24
CA PHE B 197 0.32 12.63 39.33
C PHE B 197 1.82 12.72 39.16
N GLU B 198 2.47 13.69 39.82
CA GLU B 198 3.89 13.85 39.60
C GLU B 198 4.69 12.67 40.12
N GLY B 199 4.28 12.08 41.24
CA GLY B 199 5.08 10.99 41.78
C GLY B 199 5.08 9.75 40.91
N GLU B 200 3.98 9.47 40.20
CA GLU B 200 3.90 8.27 39.40
C GLU B 200 4.46 8.43 37.98
N ILE B 201 4.66 9.65 37.50
CA ILE B 201 5.07 9.88 36.13
C ILE B 201 6.58 9.96 36.03
N VAL B 202 7.14 9.31 35.03
CA VAL B 202 8.55 9.45 34.64
C VAL B 202 8.62 10.20 33.32
N PRO B 203 9.42 11.25 33.23
CA PRO B 203 9.44 12.07 32.00
C PRO B 203 10.20 11.34 30.92
N VAL B 204 9.85 11.62 29.67
CA VAL B 204 10.49 10.99 28.52
C VAL B 204 11.11 12.10 27.68
N THR B 205 12.34 11.93 27.28
CA THR B 205 12.97 12.95 26.43
C THR B 205 12.82 12.55 24.97
N ILE B 206 12.26 13.44 24.17
CA ILE B 206 11.96 13.16 22.78
C ILE B 206 12.91 13.99 21.94
N THR B 207 13.67 13.32 21.08
CA THR B 207 14.60 14.02 20.20
C THR B 207 13.88 14.33 18.89
N THR B 208 13.92 15.60 18.49
CA THR B 208 13.24 16.10 17.31
C THR B 208 14.23 16.85 16.41
N ARG B 209 13.70 17.52 15.38
CA ARG B 209 14.52 18.22 14.40
C ARG B 209 15.40 19.30 15.05
N LYS B 210 14.77 20.33 15.62
CA LYS B 210 15.53 21.45 16.17
C LYS B 210 16.18 21.14 17.52
N GLY B 211 15.77 20.07 18.19
CA GLY B 211 16.36 19.77 19.47
C GLY B 211 15.65 18.71 20.29
N GLU B 212 15.34 19.00 21.54
CA GLU B 212 14.77 18.01 22.44
C GLU B 212 13.59 18.59 23.20
N THR B 213 12.58 17.76 23.42
CA THR B 213 11.43 18.08 24.25
C THR B 213 11.48 17.13 25.44
N VAL B 214 11.32 17.64 26.64
CA VAL B 214 11.09 16.75 27.79
C VAL B 214 9.59 16.69 27.98
N PHE B 215 9.01 15.49 27.76
CA PHE B 215 7.57 15.27 27.92
C PHE B 215 7.33 14.77 29.35
N ALA B 216 6.70 15.59 30.16
CA ALA B 216 6.69 15.37 31.59
C ALA B 216 5.31 15.37 32.19
N LYS B 217 4.27 15.70 31.42
CA LYS B 217 2.93 15.77 31.99
C LYS B 217 1.92 15.36 30.93
N ASP B 218 0.83 14.79 31.38
CA ASP B 218 -0.21 14.30 30.47
C ASP B 218 -0.72 15.46 29.61
N GLU B 219 -0.90 15.20 28.31
CA GLU B 219 -1.30 16.27 27.38
C GLU B 219 -2.66 16.08 26.73
N ALA B 220 -3.36 15.00 26.98
CA ALA B 220 -4.55 14.70 26.16
C ALA B 220 -5.82 15.24 26.78
N ASN B 221 -5.77 15.80 27.98
CA ASN B 221 -6.97 16.23 28.66
C ASN B 221 -7.43 17.61 28.18
N ARG B 222 -8.69 17.92 28.45
CA ARG B 222 -9.32 19.17 28.03
C ARG B 222 -9.96 19.87 29.22
N PRO B 223 -9.18 20.64 29.96
CA PRO B 223 -9.70 21.23 31.18
C PRO B 223 -10.82 22.24 30.95
N ASP B 224 -11.02 22.74 29.75
CA ASP B 224 -12.09 23.71 29.49
C ASP B 224 -13.44 23.07 29.20
N THR B 225 -13.54 21.74 29.26
CA THR B 225 -14.77 21.05 28.89
C THR B 225 -15.92 21.44 29.81
N THR B 226 -17.07 21.72 29.21
CA THR B 226 -18.28 21.98 29.97
C THR B 226 -19.40 21.10 29.43
N GLU B 227 -20.42 20.90 30.26
CA GLU B 227 -21.62 20.18 29.80
C GLU B 227 -22.27 20.89 28.61
N ALA B 228 -22.31 22.23 28.61
CA ALA B 228 -22.94 22.90 27.49
C ALA B 228 -22.15 22.71 26.21
N GLY B 229 -20.81 22.75 26.30
CA GLY B 229 -20.02 22.48 25.11
C GLY B 229 -20.18 21.05 24.62
N LEU B 230 -20.22 20.08 25.55
CA LEU B 230 -20.39 18.68 25.15
C LEU B 230 -21.72 18.44 24.46
N ALA B 231 -22.76 19.19 24.86
CA ALA B 231 -24.07 18.98 24.24
C ALA B 231 -24.11 19.35 22.76
N LYS B 232 -23.15 20.16 22.28
CA LYS B 232 -23.14 20.55 20.88
C LYS B 232 -22.54 19.49 19.97
N LEU B 233 -21.88 18.48 20.53
CA LEU B 233 -21.15 17.57 19.69
C LEU B 233 -22.09 16.57 19.01
N ARG B 234 -21.68 16.12 17.77
CA ARG B 234 -22.44 15.15 17.01
C ARG B 234 -22.07 13.72 17.44
N PRO B 235 -23.02 12.79 17.38
CA PRO B 235 -22.71 11.40 17.71
C PRO B 235 -21.68 10.81 16.77
N ALA B 236 -20.76 10.01 17.33
CA ALA B 236 -19.60 9.52 16.61
C ALA B 236 -19.83 8.15 15.97
N PHE B 237 -20.72 7.34 16.50
CA PHE B 237 -20.78 5.94 16.08
C PHE B 237 -22.08 5.51 15.46
N ARG B 238 -23.17 6.18 15.77
CA ARG B 238 -24.48 5.94 15.17
C ARG B 238 -25.13 7.28 14.96
N LYS B 239 -25.66 7.49 13.75
CA LYS B 239 -26.41 8.71 13.42
CA LYS B 239 -26.66 8.51 13.57
C LYS B 239 -27.39 9.20 14.50
C LYS B 239 -27.76 8.13 14.52
N ASP B 240 -28.13 8.31 15.17
N ASP B 240 -28.27 9.11 15.24
CA ASP B 240 -29.07 8.66 16.23
CA ASP B 240 -29.17 8.94 16.35
C ASP B 240 -28.45 8.52 17.63
N GLY B 241 -27.12 8.47 17.68
CA GLY B 241 -26.45 8.00 18.87
C GLY B 241 -26.31 9.04 19.97
N THR B 242 -25.65 8.61 21.04
CA THR B 242 -25.41 9.44 22.21
C THR B 242 -23.93 9.59 22.50
N ILE B 243 -23.12 8.66 21.99
CA ILE B 243 -21.70 8.68 22.27
C ILE B 243 -21.00 9.59 21.27
N THR B 244 -20.16 10.49 21.75
CA THR B 244 -19.50 11.49 20.94
C THR B 244 -18.01 11.45 21.23
N ALA B 245 -17.22 12.21 20.48
CA ALA B 245 -15.80 12.30 20.75
C ALA B 245 -15.53 12.95 22.10
N GLY B 246 -16.51 13.67 22.64
CA GLY B 246 -16.31 14.30 23.94
C GLY B 246 -16.64 13.45 25.16
N ASN B 247 -17.41 12.40 24.98
CA ASN B 247 -17.73 11.51 26.09
C ASN B 247 -17.10 10.15 25.89
N ALA B 248 -16.04 10.10 25.09
CA ALA B 248 -15.19 8.93 24.85
C ALA B 248 -13.74 9.42 24.98
N PRO B 249 -12.81 8.52 25.33
CA PRO B 249 -11.38 8.87 25.31
C PRO B 249 -10.84 8.99 23.91
N GLY B 250 -9.58 9.38 23.80
CA GLY B 250 -8.91 9.51 22.51
C GLY B 250 -8.17 8.26 22.10
N LEU B 251 -7.21 8.47 21.21
CA LEU B 251 -6.36 7.39 20.65
C LEU B 251 -4.91 7.65 21.07
N ASN B 252 -4.51 7.07 22.21
CA ASN B 252 -3.41 7.61 22.99
C ASN B 252 -2.20 6.68 23.04
N ALA B 253 -1.12 7.19 23.59
CA ALA B 253 0.15 6.49 23.69
C ALA B 253 0.69 6.59 25.10
N GLY B 254 1.30 5.52 25.59
CA GLY B 254 1.91 5.54 26.90
C GLY B 254 2.34 4.15 27.34
N ALA B 255 2.98 4.10 28.49
CA ALA B 255 3.44 2.84 29.02
C ALA B 255 3.44 2.92 30.54
N ALA B 256 3.34 1.78 31.17
CA ALA B 256 3.47 1.71 32.63
C ALA B 256 4.02 0.36 33.03
N ALA B 257 4.71 0.29 34.17
CA ALA B 257 5.31 -0.98 34.60
C ALA B 257 5.48 -0.95 36.11
N MET B 258 5.62 -2.14 36.68
CA MET B 258 5.75 -2.29 38.12
C MET B 258 6.42 -3.63 38.41
N ILE B 259 6.89 -3.77 39.65
CA ILE B 259 7.49 -5.02 40.12
C ILE B 259 6.39 -5.80 40.83
N VAL B 260 6.25 -7.07 40.48
CA VAL B 260 5.32 -8.01 41.11
C VAL B 260 6.13 -9.11 41.77
N SER B 261 5.84 -9.38 43.04
CA SER B 261 6.62 -10.41 43.78
C SER B 261 5.82 -10.78 45.00
N SER B 262 6.28 -11.78 45.74
CA SER B 262 5.68 -11.96 47.06
C SER B 262 6.09 -10.82 47.97
N HIS B 263 5.33 -10.67 49.07
CA HIS B 263 5.69 -9.64 50.02
C HIS B 263 7.08 -9.94 50.62
N ALA B 264 7.33 -11.23 50.92
CA ALA B 264 8.63 -11.60 51.48
C ALA B 264 9.79 -11.27 50.54
N THR B 265 9.62 -11.53 49.25
CA THR B 265 10.66 -11.18 48.29
C THR B 265 10.87 -9.67 48.20
N ALA B 266 9.79 -8.87 48.20
CA ALA B 266 9.98 -7.43 48.13
C ALA B 266 10.75 -6.92 49.33
N THR B 267 10.38 -7.41 50.51
CA THR B 267 11.07 -6.99 51.74
C THR B 267 12.53 -7.39 51.68
N GLU B 268 12.80 -8.64 51.28
CA GLU B 268 14.16 -9.12 51.17
C GLU B 268 15.02 -8.23 50.27
N LEU B 269 14.43 -7.72 49.17
CA LEU B 269 15.21 -6.95 48.20
C LEU B 269 15.17 -5.46 48.44
N GLY B 270 14.61 -5.02 49.55
CA GLY B 270 14.61 -3.61 49.85
C GLY B 270 13.64 -2.79 49.04
N LEU B 271 12.61 -3.42 48.53
CA LEU B 271 11.61 -2.64 47.82
C LEU B 271 10.59 -2.17 48.83
N GLN B 272 9.72 -1.27 48.40
CA GLN B 272 8.66 -0.73 49.25
C GLN B 272 7.33 -1.08 48.61
N PRO B 273 6.67 -2.18 48.99
CA PRO B 273 5.40 -2.52 48.38
C PRO B 273 4.37 -1.42 48.51
N GLN B 274 3.58 -1.28 47.45
CA GLN B 274 2.50 -0.32 47.38
C GLN B 274 1.12 -0.93 47.56
N LEU B 275 0.91 -2.10 46.99
CA LEU B 275 -0.42 -2.73 47.02
C LEU B 275 -0.25 -4.23 47.14
N VAL B 276 -1.17 -4.87 47.83
CA VAL B 276 -1.25 -6.33 47.84
C VAL B 276 -2.48 -6.72 47.04
N ILE B 277 -2.33 -7.75 46.19
CA ILE B 277 -3.44 -8.24 45.40
C ILE B 277 -4.30 -9.15 46.26
N ARG B 278 -5.52 -8.72 46.56
CA ARG B 278 -6.44 -9.48 47.39
C ARG B 278 -7.46 -10.30 46.59
N GLY B 279 -7.68 -9.96 45.33
CA GLY B 279 -8.64 -10.72 44.54
C GLY B 279 -8.46 -10.41 43.08
N ILE B 280 -8.73 -11.40 42.24
CA ILE B 280 -8.66 -11.25 40.80
C ILE B 280 -9.95 -11.82 40.24
N GLY B 281 -10.55 -11.09 39.30
CA GLY B 281 -11.73 -11.61 38.60
C GLY B 281 -11.57 -11.40 37.10
N VAL B 282 -11.86 -12.44 36.32
CA VAL B 282 -11.90 -12.36 34.88
C VAL B 282 -13.23 -12.97 34.48
N ALA B 283 -14.04 -12.21 33.77
CA ALA B 283 -15.34 -12.68 33.37
C ALA B 283 -15.56 -12.39 31.91
N ALA B 284 -16.54 -13.08 31.30
CA ALA B 284 -16.89 -12.86 29.91
C ALA B 284 -18.42 -12.93 29.77
N VAL B 285 -18.91 -12.18 28.78
CA VAL B 285 -20.35 -12.03 28.49
C VAL B 285 -20.51 -12.02 26.98
N GLU B 286 -21.73 -11.82 26.46
CA GLU B 286 -21.90 -11.74 25.01
C GLU B 286 -21.05 -10.60 24.46
N PRO B 287 -20.32 -10.82 23.34
CA PRO B 287 -19.55 -9.69 22.76
C PRO B 287 -20.33 -8.40 22.55
N GLY B 288 -21.58 -8.52 22.14
CA GLY B 288 -22.37 -7.32 21.93
C GLY B 288 -22.60 -6.53 23.19
N LEU B 289 -22.40 -7.15 24.36
CA LEU B 289 -22.60 -6.42 25.61
C LEU B 289 -21.32 -5.82 26.12
N PHE B 290 -20.58 -5.29 25.14
CA PHE B 290 -19.44 -4.46 25.44
C PHE B 290 -19.80 -3.44 26.52
N GLY B 291 -18.99 -3.43 27.56
CA GLY B 291 -19.07 -2.43 28.61
C GLY B 291 -19.59 -2.98 29.90
N PHE B 292 -20.34 -4.09 29.87
CA PHE B 292 -20.88 -4.64 31.09
C PHE B 292 -19.89 -5.57 31.81
N GLY B 293 -18.91 -6.12 31.11
CA GLY B 293 -17.95 -7.04 31.70
C GLY B 293 -17.36 -6.72 33.05
N PRO B 294 -17.05 -5.44 33.34
CA PRO B 294 -16.52 -5.13 34.67
C PRO B 294 -17.44 -5.54 35.80
N VAL B 295 -18.77 -5.57 35.60
CA VAL B 295 -19.67 -5.89 36.71
C VAL B 295 -19.41 -7.31 37.22
N PRO B 296 -19.53 -8.37 36.37
CA PRO B 296 -19.24 -9.70 36.93
C PRO B 296 -17.80 -9.87 37.34
N ALA B 297 -16.87 -9.20 36.63
CA ALA B 297 -15.46 -9.35 37.02
C ALA B 297 -15.20 -8.74 38.40
N ILE B 298 -15.78 -7.56 38.66
CA ILE B 298 -15.65 -6.94 39.98
C ILE B 298 -16.24 -7.85 41.04
N LYS B 299 -17.39 -8.47 40.74
CA LYS B 299 -18.02 -9.32 41.75
C LYS B 299 -17.14 -10.49 42.07
N LEU B 300 -16.45 -11.06 41.06
CA LEU B 300 -15.53 -12.17 41.31
C LEU B 300 -14.34 -11.74 42.13
N ALA B 301 -13.77 -10.56 41.82
CA ALA B 301 -12.61 -10.10 42.59
C ALA B 301 -12.98 -9.80 44.04
N LEU B 302 -14.14 -9.13 44.24
CA LEU B 302 -14.60 -8.85 45.61
C LEU B 302 -14.83 -10.15 46.38
N ALA B 303 -15.41 -11.17 45.71
CA ALA B 303 -15.63 -12.42 46.44
C ALA B 303 -14.33 -13.05 46.88
N GLN B 304 -13.31 -13.00 46.02
CA GLN B 304 -12.01 -13.55 46.38
C GLN B 304 -11.40 -12.82 47.56
N ALA B 305 -11.58 -11.47 47.62
CA ALA B 305 -11.04 -10.69 48.70
C ALA B 305 -11.91 -10.75 49.94
N GLN B 306 -13.11 -11.31 49.82
CA GLN B 306 -14.13 -11.30 50.90
C GLN B 306 -14.52 -9.89 51.27
N TRP B 307 -14.69 -9.03 50.24
CA TRP B 307 -15.13 -7.66 50.41
C TRP B 307 -16.48 -7.42 49.74
N GLN B 308 -17.21 -6.40 50.22
CA GLN B 308 -18.37 -5.98 49.45
C GLN B 308 -18.11 -4.56 48.96
N VAL B 309 -19.03 -4.09 48.13
CA VAL B 309 -18.83 -2.77 47.51
C VAL B 309 -18.56 -1.68 48.54
N GLN B 310 -19.34 -1.66 49.65
CA GLN B 310 -19.21 -0.58 50.63
C GLN B 310 -17.90 -0.63 51.40
N ASP B 311 -17.13 -1.71 51.30
CA ASP B 311 -15.83 -1.80 51.97
C ASP B 311 -14.72 -1.13 51.15
N VAL B 312 -15.01 -0.75 49.90
CA VAL B 312 -13.96 -0.28 48.99
C VAL B 312 -13.88 1.25 49.03
N ASP B 313 -12.66 1.79 49.23
CA ASP B 313 -12.49 3.24 49.32
C ASP B 313 -12.58 3.93 47.98
N ARG B 314 -12.04 3.30 46.91
CA ARG B 314 -12.20 3.87 45.58
C ARG B 314 -12.20 2.78 44.52
N PHE B 315 -13.03 3.01 43.50
CA PHE B 315 -13.07 2.17 42.31
C PHE B 315 -12.43 2.98 41.20
N GLU B 316 -11.56 2.33 40.46
CA GLU B 316 -10.95 2.93 39.28
C GLU B 316 -11.32 2.01 38.14
N VAL B 317 -12.31 2.42 37.39
CA VAL B 317 -12.90 1.61 36.35
C VAL B 317 -12.66 2.34 35.05
N ASN B 318 -12.12 1.65 34.05
CA ASN B 318 -11.73 2.39 32.86
C ASN B 318 -12.91 3.06 32.15
N GLU B 319 -12.73 4.32 31.78
CA GLU B 319 -13.76 5.12 31.09
C GLU B 319 -13.66 4.89 29.59
N ALA B 320 -13.94 3.65 29.18
CA ALA B 320 -13.89 3.33 27.77
C ALA B 320 -14.85 4.22 27.01
N PHE B 321 -15.99 4.46 27.63
CA PHE B 321 -16.95 5.49 27.26
C PHE B 321 -17.59 5.96 28.55
N ALA B 322 -18.03 7.21 28.58
CA ALA B 322 -18.76 7.66 29.76
C ALA B 322 -19.91 6.73 30.10
N ALA B 323 -20.60 6.21 29.05
CA ALA B 323 -21.73 5.31 29.30
C ALA B 323 -21.33 4.07 30.09
N VAL B 324 -20.12 3.54 29.83
CA VAL B 324 -19.66 2.34 30.53
C VAL B 324 -19.42 2.67 32.00
N GLY B 325 -18.79 3.80 32.27
CA GLY B 325 -18.57 4.17 33.65
C GLY B 325 -19.88 4.32 34.41
N LEU B 326 -20.86 4.95 33.79
CA LEU B 326 -22.15 5.13 34.45
C LEU B 326 -22.84 3.79 34.71
N VAL B 327 -22.86 2.88 33.74
CA VAL B 327 -23.55 1.62 33.95
C VAL B 327 -22.89 0.83 35.05
N VAL B 328 -21.55 0.73 35.03
CA VAL B 328 -20.88 -0.05 36.06
C VAL B 328 -21.10 0.56 37.45
N ARG B 329 -20.94 1.90 37.55
CA ARG B 329 -21.12 2.58 38.83
C ARG B 329 -22.52 2.32 39.40
N ASP B 330 -23.54 2.51 38.57
CA ASP B 330 -24.92 2.42 39.07
C ASP B 330 -25.37 0.97 39.27
N GLU B 331 -24.92 0.00 38.46
CA GLU B 331 -25.26 -1.39 38.71
C GLU B 331 -24.66 -1.89 40.00
N LEU B 332 -23.45 -1.42 40.37
CA LEU B 332 -22.87 -1.86 41.63
C LEU B 332 -23.24 -0.96 42.83
N GLY B 333 -23.93 0.16 42.60
CA GLY B 333 -24.36 1.05 43.68
C GLY B 333 -23.23 1.83 44.27
N ILE B 334 -22.18 2.12 43.50
CA ILE B 334 -21.03 2.78 44.08
C ILE B 334 -21.29 4.27 44.23
N ALA B 335 -20.83 4.82 45.37
CA ALA B 335 -21.01 6.23 45.61
C ALA B 335 -20.25 7.04 44.55
N PRO B 336 -20.87 8.07 43.95
CA PRO B 336 -20.19 8.79 42.86
C PRO B 336 -18.86 9.42 43.26
N GLU B 337 -18.67 9.80 44.50
CA GLU B 337 -17.42 10.41 44.90
C GLU B 337 -16.34 9.38 45.13
N ARG B 338 -16.66 8.09 45.06
CA ARG B 338 -15.67 7.02 45.16
C ARG B 338 -15.39 6.33 43.84
N PHE B 339 -15.93 6.83 42.73
CA PHE B 339 -15.81 6.20 41.44
C PHE B 339 -14.96 7.10 40.56
N ASN B 340 -13.77 6.63 40.14
CA ASN B 340 -12.85 7.43 39.29
C ASN B 340 -12.60 8.82 39.90
N VAL B 341 -12.04 8.76 41.10
CA VAL B 341 -12.02 9.92 42.01
C VAL B 341 -11.20 11.06 41.40
N ASP B 342 -10.08 10.73 40.76
CA ASP B 342 -9.18 11.74 40.19
C ASP B 342 -9.32 11.86 38.68
N GLY B 343 -10.48 11.48 38.14
CA GLY B 343 -10.68 11.51 36.71
C GLY B 343 -10.25 10.21 36.07
N GLY B 344 -10.59 10.06 34.81
CA GLY B 344 -10.26 8.81 34.13
C GLY B 344 -9.96 9.05 32.66
N ALA B 345 -10.11 8.00 31.85
CA ALA B 345 -9.55 8.02 30.52
C ALA B 345 -10.19 9.05 29.61
N ILE B 346 -11.44 9.45 29.87
CA ILE B 346 -11.97 10.51 29.01
C ILE B 346 -11.06 11.72 29.04
N ALA B 347 -10.52 12.03 30.21
CA ALA B 347 -9.58 13.11 30.37
C ALA B 347 -8.15 12.70 29.95
N HIS B 348 -7.58 11.68 30.60
CA HIS B 348 -6.16 11.42 30.43
C HIS B 348 -5.81 10.59 29.22
N GLY B 349 -6.76 9.88 28.64
CA GLY B 349 -6.44 9.04 27.49
C GLY B 349 -6.48 7.54 27.81
N HIS B 350 -6.61 6.74 26.73
CA HIS B 350 -6.78 5.28 26.81
C HIS B 350 -5.77 4.60 25.84
N PRO B 351 -4.46 4.52 26.22
CA PRO B 351 -3.49 3.78 25.38
C PRO B 351 -3.71 2.30 25.63
N ILE B 352 -4.51 1.67 24.74
CA ILE B 352 -5.25 0.48 25.12
C ILE B 352 -4.46 -0.58 25.89
N GLY B 353 -3.31 -1.04 25.37
CA GLY B 353 -2.59 -2.13 26.05
C GLY B 353 -1.87 -1.73 27.31
N ALA B 354 -1.71 -0.42 27.55
CA ALA B 354 -1.09 0.05 28.78
C ALA B 354 -2.10 0.46 29.83
N THR B 355 -3.37 0.72 29.47
CA THR B 355 -4.27 1.37 30.40
C THR B 355 -4.41 0.59 31.70
N GLY B 356 -4.55 -0.74 31.66
CA GLY B 356 -4.71 -1.49 32.90
C GLY B 356 -3.54 -1.30 33.87
N ALA B 357 -2.32 -1.22 33.31
CA ALA B 357 -1.16 -0.95 34.14
C ALA B 357 -1.10 0.50 34.60
N ILE B 358 -1.56 1.44 33.76
CA ILE B 358 -1.70 2.83 34.20
C ILE B 358 -2.67 2.92 35.37
N LEU B 359 -3.82 2.23 35.31
CA LEU B 359 -4.80 2.36 36.39
C LEU B 359 -4.27 1.76 37.68
N LEU B 360 -3.54 0.64 37.60
CA LEU B 360 -2.92 0.10 38.80
C LEU B 360 -1.93 1.09 39.37
N THR B 361 -1.14 1.74 38.49
CA THR B 361 -0.17 2.73 38.96
C THR B 361 -0.85 3.89 39.64
N LYS B 362 -1.94 4.39 39.05
CA LYS B 362 -2.68 5.49 39.65
C LYS B 362 -3.15 5.11 41.03
N VAL B 363 -3.74 3.94 41.19
CA VAL B 363 -4.27 3.53 42.48
C VAL B 363 -3.16 3.35 43.50
N ALA B 364 -2.03 2.80 43.10
CA ALA B 364 -0.92 2.62 44.05
C ALA B 364 -0.52 3.94 44.67
N HIS B 365 -0.41 4.97 43.81
CA HIS B 365 0.01 6.26 44.34
C HIS B 365 -1.10 7.00 45.05
N ALA B 366 -2.33 6.84 44.62
CA ALA B 366 -3.43 7.56 45.27
C ALA B 366 -3.68 7.03 46.65
N LEU B 367 -3.61 5.72 46.83
CA LEU B 367 -3.81 5.16 48.17
C LEU B 367 -2.68 5.59 49.08
N ARG B 368 -1.45 5.68 48.57
CA ARG B 368 -0.36 6.16 49.43
C ARG B 368 -0.63 7.61 49.87
N ARG B 369 -1.09 8.46 48.96
CA ARG B 369 -1.33 9.86 49.28
C ARG B 369 -2.47 10.03 50.28
N THR B 370 -3.58 9.30 50.09
CA THR B 370 -4.82 9.53 50.84
C THR B 370 -4.90 8.70 52.09
N SER B 371 -4.04 7.70 52.23
CA SER B 371 -4.14 6.66 53.26
C SER B 371 -5.40 5.81 53.17
N GLU B 372 -6.12 5.87 52.04
CA GLU B 372 -7.19 4.91 51.82
C GLU B 372 -6.62 3.49 51.83
N ARG B 373 -7.49 2.53 52.15
CA ARG B 373 -7.01 1.16 52.37
C ARG B 373 -7.30 0.21 51.22
N ARG B 374 -8.48 0.32 50.60
CA ARG B 374 -8.93 -0.73 49.68
C ARG B 374 -9.42 -0.13 48.39
N ALA B 375 -9.03 -0.74 47.26
CA ALA B 375 -9.42 -0.23 45.97
C ALA B 375 -9.69 -1.38 45.03
N VAL B 376 -10.44 -1.08 43.97
CA VAL B 376 -10.68 -2.05 42.91
C VAL B 376 -10.35 -1.36 41.59
N VAL B 377 -9.58 -2.03 40.74
CA VAL B 377 -9.29 -1.59 39.37
C VAL B 377 -10.03 -2.55 38.45
N SER B 378 -10.73 -2.02 37.46
CA SER B 378 -11.41 -2.90 36.50
C SER B 378 -11.48 -2.25 35.14
N LEU B 379 -11.47 -3.10 34.11
CA LEU B 379 -11.55 -2.62 32.74
C LEU B 379 -12.46 -3.53 31.94
N CYS B 380 -13.22 -2.93 31.04
CA CYS B 380 -13.79 -3.73 29.97
C CYS B 380 -12.71 -4.08 28.98
N ILE B 381 -12.94 -5.16 28.28
CA ILE B 381 -11.98 -5.77 27.40
C ILE B 381 -12.98 -5.92 26.24
C ILE B 381 -12.11 -5.43 25.92
N GLY B 382 -12.64 -5.47 25.06
N GLY B 382 -13.31 -5.49 25.38
CA GLY B 382 -13.54 -5.69 23.96
C GLY B 382 -13.87 -7.17 23.73
N GLY B 383 -14.91 -7.44 22.95
CA GLY B 383 -15.23 -8.84 22.76
C GLY B 383 -16.02 -9.45 23.88
N GLY B 384 -16.49 -8.63 24.83
CA GLY B 384 -17.34 -9.10 25.93
C GLY B 384 -16.52 -9.73 27.04
N GLN B 385 -15.53 -9.02 27.58
CA GLN B 385 -14.85 -9.54 28.75
C GLN B 385 -14.62 -8.42 29.73
N GLY B 386 -14.30 -8.79 30.95
CA GLY B 386 -13.95 -7.84 32.00
C GLY B 386 -12.85 -8.41 32.86
N ILE B 387 -12.02 -7.52 33.38
CA ILE B 387 -10.98 -7.93 34.31
C ILE B 387 -11.04 -7.00 35.51
N ALA B 388 -10.79 -7.54 36.70
CA ALA B 388 -10.80 -6.68 37.87
C ALA B 388 -9.79 -7.19 38.86
N LEU B 389 -9.19 -6.27 39.62
CA LEU B 389 -8.32 -6.64 40.73
C LEU B 389 -8.77 -5.89 41.96
N ALA B 390 -8.82 -6.58 43.10
CA ALA B 390 -9.09 -5.97 44.39
C ALA B 390 -7.73 -5.80 45.07
N LEU B 391 -7.44 -4.60 45.59
CA LEU B 391 -6.09 -4.21 45.97
C LEU B 391 -6.13 -3.51 47.31
N GLU B 392 -5.15 -3.79 48.14
CA GLU B 392 -5.10 -3.17 49.47
C GLU B 392 -3.76 -2.47 49.66
N ARG B 393 -3.79 -1.31 50.27
CA ARG B 393 -2.56 -0.59 50.52
C ARG B 393 -1.68 -1.37 51.47
N VAL B 394 -0.37 -1.37 51.18
CA VAL B 394 0.65 -1.91 52.08
C VAL B 394 1.32 -0.74 52.77
N LYS B 395 1.36 -0.78 54.09
CA LYS B 395 2.01 0.28 54.88
C LYS B 395 3.49 0.39 54.56
N LEU B 396 4.03 1.58 54.73
CA LEU B 396 5.48 1.73 54.66
C LEU B 396 6.15 0.98 55.82
N ALA B 397 7.35 0.46 55.56
CA ALA B 397 8.18 -0.20 56.59
C ALA B 397 8.96 0.82 57.41
N VAL C 2 -0.15 -36.41 43.96
CA VAL C 2 -0.33 -36.87 42.59
C VAL C 2 -1.69 -36.36 42.07
N LYS C 3 -2.72 -36.23 42.93
CA LYS C 3 -3.99 -35.72 42.43
C LYS C 3 -3.83 -34.32 41.79
N ASP C 4 -2.97 -33.47 42.38
CA ASP C 4 -2.78 -32.08 41.95
C ASP C 4 -1.72 -31.89 40.87
N GLU C 5 -1.12 -32.96 40.40
CA GLU C 5 -0.25 -32.94 39.22
C GLU C 5 -1.04 -32.35 38.05
N ILE C 6 -0.35 -31.62 37.16
CA ILE C 6 -1.02 -30.96 36.04
C ILE C 6 -0.84 -31.82 34.81
N VAL C 7 -1.96 -32.16 34.17
CA VAL C 7 -1.96 -33.09 33.04
C VAL C 7 -2.56 -32.46 31.79
N ILE C 8 -2.13 -33.01 30.65
CA ILE C 8 -2.62 -32.67 29.33
C ILE C 8 -3.49 -33.84 28.87
N SER C 9 -4.71 -33.53 28.41
CA SER C 9 -5.66 -34.48 27.86
C SER C 9 -6.13 -34.04 26.48
N SER C 10 -6.46 -35.02 25.64
CA SER C 10 -7.10 -34.77 24.34
C SER C 10 -6.31 -33.80 23.43
N ALA C 11 -5.00 -33.92 23.39
CA ALA C 11 -4.23 -33.07 22.48
C ALA C 11 -4.58 -33.44 21.04
N LEU C 12 -4.86 -32.44 20.20
CA LEU C 12 -5.21 -32.66 18.81
C LEU C 12 -4.68 -31.51 17.97
N ARG C 13 -4.46 -31.78 16.69
CA ARG C 13 -3.95 -30.75 15.78
C ARG C 13 -4.59 -30.89 14.41
N THR C 14 -4.64 -29.77 13.65
CA THR C 14 -4.91 -29.89 12.22
C THR C 14 -3.70 -30.51 11.52
N PRO C 15 -3.88 -30.99 10.29
CA PRO C 15 -2.69 -31.23 9.46
C PRO C 15 -2.06 -29.84 9.19
N ILE C 16 -0.80 -29.87 8.78
CA ILE C 16 -0.06 -28.60 8.59
C ILE C 16 -0.03 -28.28 7.11
N GLY C 17 -0.46 -27.07 6.78
CA GLY C 17 -0.47 -26.61 5.40
C GLY C 17 0.87 -26.04 4.94
N ALA C 18 1.13 -26.21 3.66
CA ALA C 18 2.30 -25.61 3.03
C ALA C 18 2.06 -24.13 2.72
N PHE C 19 3.16 -23.41 2.55
CA PHE C 19 3.04 -22.03 2.06
C PHE C 19 2.35 -21.99 0.71
N SER C 20 1.38 -21.08 0.59
CA SER C 20 0.51 -20.96 -0.60
C SER C 20 -0.26 -22.25 -0.87
N GLY C 21 -0.48 -23.04 0.17
CA GLY C 21 -1.08 -24.36 0.08
C GLY C 21 -2.55 -24.41 0.46
N THR C 22 -2.98 -25.56 0.98
CA THR C 22 -4.41 -25.84 1.11
C THR C 22 -5.08 -24.88 2.09
N LEU C 23 -4.36 -24.40 3.13
CA LEU C 23 -4.99 -23.53 4.12
C LEU C 23 -4.77 -22.05 3.82
N LYS C 24 -4.28 -21.71 2.62
CA LYS C 24 -3.86 -20.32 2.40
C LYS C 24 -4.99 -19.32 2.60
N ASP C 25 -6.26 -19.69 2.48
CA ASP C 25 -7.39 -18.78 2.63
C ASP C 25 -8.13 -18.98 3.95
N THR C 26 -7.59 -19.74 4.91
CA THR C 26 -8.32 -20.10 6.13
C THR C 26 -7.60 -19.42 7.29
N PRO C 27 -8.18 -18.41 7.92
CA PRO C 27 -7.49 -17.72 9.01
C PRO C 27 -7.07 -18.65 10.15
N ALA C 28 -5.97 -18.25 10.78
CA ALA C 28 -5.46 -18.97 11.93
C ALA C 28 -6.53 -19.19 12.99
N ALA C 29 -7.34 -18.15 13.29
CA ALA C 29 -8.35 -18.32 14.33
C ALA C 29 -9.40 -19.36 13.92
N ALA C 30 -9.67 -19.50 12.61
CA ALA C 30 -10.62 -20.52 12.19
C ALA C 30 -10.04 -21.91 12.36
N LEU C 31 -8.73 -22.07 12.12
CA LEU C 31 -8.10 -23.36 12.34
C LEU C 31 -8.20 -23.75 13.81
N GLY C 32 -7.95 -22.78 14.70
CA GLY C 32 -8.03 -23.07 16.12
C GLY C 32 -9.46 -23.39 16.54
N ALA C 33 -10.43 -22.65 15.99
CA ALA C 33 -11.84 -22.91 16.33
C ALA C 33 -12.22 -24.32 15.93
N HIS C 34 -11.72 -24.77 14.79
CA HIS C 34 -12.04 -26.11 14.34
C HIS C 34 -11.48 -27.18 15.27
N VAL C 35 -10.24 -26.99 15.74
CA VAL C 35 -9.68 -27.96 16.67
C VAL C 35 -10.47 -27.95 17.97
N VAL C 36 -10.79 -26.77 18.50
CA VAL C 36 -11.51 -26.70 19.78
C VAL C 36 -12.88 -27.34 19.65
N LYS C 37 -13.59 -27.05 18.56
CA LYS C 37 -14.90 -27.67 18.35
C LYS C 37 -14.78 -29.20 18.30
N THR C 38 -13.77 -29.72 17.62
CA THR C 38 -13.58 -31.17 17.53
C THR C 38 -13.21 -31.77 18.88
N LEU C 39 -12.34 -31.09 19.64
CA LEU C 39 -11.96 -31.54 20.96
C LEU C 39 -13.19 -31.65 21.86
N LEU C 40 -14.05 -30.64 21.82
CA LEU C 40 -15.26 -30.67 22.66
C LEU C 40 -16.19 -31.80 22.25
N GLU C 41 -16.30 -32.05 20.95
CA GLU C 41 -17.19 -33.12 20.46
C GLU C 41 -16.68 -34.49 20.84
N ARG C 42 -15.37 -34.71 20.70
CA ARG C 42 -14.84 -36.05 20.96
C ARG C 42 -14.77 -36.36 22.45
N THR C 43 -14.39 -35.40 23.30
CA THR C 43 -14.30 -35.65 24.73
C THR C 43 -15.67 -35.62 25.42
N GLY C 44 -16.66 -34.94 24.84
CA GLY C 44 -17.88 -34.70 25.58
C GLY C 44 -17.70 -33.82 26.80
N LEU C 45 -16.61 -33.06 26.89
CA LEU C 45 -16.37 -32.22 28.05
C LEU C 45 -17.49 -31.21 28.20
N ALA C 46 -18.01 -31.08 29.43
CA ALA C 46 -19.02 -30.09 29.75
C ALA C 46 -18.47 -28.68 29.47
N PRO C 47 -19.02 -27.94 28.52
CA PRO C 47 -18.39 -26.67 28.15
C PRO C 47 -18.33 -25.68 29.28
N GLU C 48 -19.27 -25.76 30.22
CA GLU C 48 -19.27 -24.89 31.38
C GLU C 48 -18.09 -25.14 32.30
N ARG C 49 -17.39 -26.26 32.14
CA ARG C 49 -16.23 -26.52 32.96
C ARG C 49 -14.94 -25.92 32.38
N VAL C 50 -14.99 -25.32 31.21
CA VAL C 50 -13.80 -24.64 30.68
C VAL C 50 -13.70 -23.26 31.31
N ASP C 51 -12.60 -23.02 32.03
CA ASP C 51 -12.49 -21.74 32.72
C ASP C 51 -11.85 -20.65 31.89
N GLU C 52 -11.02 -21.02 30.92
CA GLU C 52 -10.34 -20.04 30.09
C GLU C 52 -9.81 -20.76 28.86
N VAL C 53 -9.64 -19.99 27.77
CA VAL C 53 -8.92 -20.42 26.58
C VAL C 53 -7.69 -19.53 26.43
N VAL C 54 -6.51 -20.14 26.33
CA VAL C 54 -5.28 -19.39 26.05
C VAL C 54 -4.70 -19.91 24.76
N MET C 55 -4.46 -19.00 23.80
CA MET C 55 -3.86 -19.41 22.54
C MET C 55 -2.63 -18.61 22.23
N GLY C 56 -1.61 -19.31 21.76
CA GLY C 56 -0.44 -18.63 21.16
C GLY C 56 -0.71 -18.20 19.74
N ASN C 57 -0.17 -17.03 19.37
CA ASN C 57 -0.23 -16.55 17.99
C ASN C 57 0.79 -15.45 17.89
N VAL C 58 1.66 -15.54 16.90
CA VAL C 58 2.74 -14.56 16.73
C VAL C 58 2.35 -13.46 15.81
N LEU C 59 1.81 -13.80 14.63
CA LEU C 59 1.51 -12.77 13.62
C LEU C 59 0.07 -12.36 13.82
N GLN C 60 -0.14 -11.57 14.87
CA GLN C 60 -1.50 -11.19 15.21
C GLN C 60 -2.03 -10.13 14.25
N ALA C 61 -1.16 -9.47 13.49
CA ALA C 61 -1.59 -8.41 12.59
C ALA C 61 -2.70 -8.87 11.66
N GLY C 62 -3.81 -8.12 11.65
CA GLY C 62 -4.89 -8.46 10.75
C GLY C 62 -5.79 -9.59 11.15
N ASN C 63 -5.51 -10.27 12.28
CA ASN C 63 -6.34 -11.40 12.67
C ASN C 63 -7.58 -10.96 13.44
N GLY C 64 -7.75 -9.66 13.71
CA GLY C 64 -8.92 -9.18 14.42
C GLY C 64 -8.70 -9.22 15.91
N MET C 65 -9.63 -8.60 16.63
CA MET C 65 -9.42 -8.45 18.06
C MET C 65 -9.31 -9.80 18.78
N ASN C 66 -8.18 -10.02 19.49
CA ASN C 66 -7.96 -11.16 20.40
C ASN C 66 -8.26 -12.52 19.78
N VAL C 67 -7.29 -13.05 19.06
CA VAL C 67 -7.43 -14.34 18.37
C VAL C 67 -7.97 -15.41 19.29
N ALA C 68 -7.51 -15.51 20.54
CA ALA C 68 -7.98 -16.57 21.41
C ALA C 68 -9.48 -16.49 21.66
N ARG C 69 -10.04 -15.28 21.77
CA ARG C 69 -11.49 -15.13 21.96
C ARG C 69 -12.24 -15.57 20.72
N GLN C 70 -11.71 -15.30 19.51
CA GLN C 70 -12.32 -15.84 18.31
C GLN C 70 -12.27 -17.37 18.27
N VAL C 71 -11.12 -17.96 18.63
CA VAL C 71 -10.99 -19.42 18.69
C VAL C 71 -12.06 -19.98 19.62
N ALA C 72 -12.24 -19.36 20.79
CA ALA C 72 -13.15 -19.92 21.79
C ALA C 72 -14.60 -19.79 21.34
N VAL C 73 -15.02 -18.60 20.91
CA VAL C 73 -16.43 -18.37 20.54
C VAL C 73 -16.78 -19.11 19.27
N ASN C 74 -15.92 -19.02 18.24
CA ASN C 74 -16.22 -19.73 17.01
C ASN C 74 -15.98 -21.24 17.14
N GLY C 75 -15.31 -21.72 18.19
CA GLY C 75 -15.18 -23.11 18.51
C GLY C 75 -16.39 -23.67 19.22
N GLY C 76 -17.36 -22.82 19.53
CA GLY C 76 -18.60 -23.26 20.15
C GLY C 76 -18.62 -23.20 21.65
N LEU C 77 -17.61 -22.67 22.30
CA LEU C 77 -17.70 -22.53 23.74
C LEU C 77 -18.67 -21.42 24.11
N PRO C 78 -19.31 -21.53 25.28
CA PRO C 78 -20.19 -20.45 25.74
C PRO C 78 -19.45 -19.12 25.80
N VAL C 79 -20.18 -18.04 25.53
CA VAL C 79 -19.58 -16.71 25.60
C VAL C 79 -19.05 -16.38 27.00
N ALA C 80 -19.52 -17.07 28.03
CA ALA C 80 -19.00 -16.82 29.37
C ALA C 80 -17.55 -17.31 29.57
N VAL C 81 -16.91 -17.99 28.62
CA VAL C 81 -15.54 -18.45 28.81
C VAL C 81 -14.56 -17.33 28.41
N PRO C 82 -13.74 -16.82 29.31
CA PRO C 82 -12.76 -15.79 28.91
C PRO C 82 -11.60 -16.36 28.10
N ALA C 83 -10.86 -15.47 27.44
CA ALA C 83 -9.77 -15.95 26.60
C ALA C 83 -8.76 -14.83 26.39
N HIS C 84 -7.47 -15.23 26.24
CA HIS C 84 -6.44 -14.23 25.87
C HIS C 84 -5.37 -14.90 25.09
N THR C 85 -4.58 -14.06 24.42
CA THR C 85 -3.62 -14.49 23.38
C THR C 85 -2.23 -14.20 23.91
N VAL C 86 -1.32 -15.18 23.82
CA VAL C 86 0.05 -15.01 24.27
C VAL C 86 1.03 -15.07 23.10
N ASN C 87 2.15 -14.37 23.26
CA ASN C 87 3.19 -14.30 22.21
C ASN C 87 4.54 -14.46 22.87
N ARG C 88 5.13 -15.66 22.73
CA ARG C 88 6.58 -15.85 22.99
C ARG C 88 7.15 -16.39 21.70
N VAL C 89 6.86 -15.69 20.60
CA VAL C 89 7.36 -16.00 19.24
C VAL C 89 7.25 -17.50 18.95
N CYS C 90 8.33 -18.14 18.56
CA CYS C 90 8.18 -19.53 18.08
C CYS C 90 7.88 -20.51 19.20
N GLY C 91 7.88 -20.06 20.44
CA GLY C 91 7.48 -20.90 21.57
C GLY C 91 6.07 -20.64 22.03
N SER C 92 5.31 -19.83 21.31
CA SER C 92 4.02 -19.38 21.84
C SER C 92 3.05 -20.52 22.12
N GLY C 93 3.03 -21.57 21.30
CA GLY C 93 2.06 -22.63 21.52
C GLY C 93 2.41 -23.44 22.76
N ALA C 94 3.71 -23.56 23.08
CA ALA C 94 4.10 -24.16 24.36
C ALA C 94 3.87 -23.18 25.51
N GLN C 95 4.08 -21.88 25.25
CA GLN C 95 3.78 -20.89 26.29
C GLN C 95 2.32 -20.96 26.73
N ALA C 96 1.40 -21.17 25.79
CA ALA C 96 0.00 -21.23 26.17
C ALA C 96 -0.21 -22.34 27.22
N VAL C 97 0.47 -23.49 27.06
CA VAL C 97 0.33 -24.56 28.03
C VAL C 97 0.99 -24.18 29.35
N VAL C 98 2.16 -23.52 29.30
CA VAL C 98 2.79 -23.05 30.54
C VAL C 98 1.88 -22.04 31.24
N THR C 99 1.27 -21.13 30.47
CA THR C 99 0.34 -20.18 31.09
C THR C 99 -0.81 -20.93 31.78
N ALA C 100 -1.34 -21.97 31.11
CA ALA C 100 -2.43 -22.74 31.69
C ALA C 100 -1.97 -23.38 32.99
N TYR C 101 -0.77 -23.98 32.98
CA TYR C 101 -0.22 -24.59 34.19
C TYR C 101 -0.19 -23.59 35.31
N ALA C 102 0.30 -22.36 35.03
CA ALA C 102 0.39 -21.36 36.07
C ALA C 102 -0.98 -20.96 36.58
N GLN C 103 -1.98 -20.82 35.68
CA GLN C 103 -3.30 -20.44 36.15
C GLN C 103 -3.93 -21.53 37.01
N ILE C 104 -3.65 -22.80 36.70
CA ILE C 104 -4.24 -23.88 37.51
C ILE C 104 -3.54 -23.95 38.86
N ARG C 105 -2.18 -23.94 38.86
CA ARG C 105 -1.45 -24.10 40.13
C ARG C 105 -1.64 -22.88 41.05
N SER C 106 -1.89 -21.69 40.53
CA SER C 106 -2.17 -20.51 41.32
C SER C 106 -3.62 -20.38 41.76
N GLY C 107 -4.51 -21.28 41.33
CA GLY C 107 -5.89 -21.24 41.71
C GLY C 107 -6.76 -20.31 40.91
N LEU C 108 -6.23 -19.70 39.84
CA LEU C 108 -7.08 -18.82 39.03
C LEU C 108 -8.04 -19.60 38.15
N SER C 109 -7.68 -20.84 37.78
CA SER C 109 -8.50 -21.66 36.89
C SER C 109 -8.41 -23.10 37.37
N ASN C 110 -9.40 -23.91 36.97
CA ASN C 110 -9.32 -25.37 37.19
C ASN C 110 -9.15 -26.15 35.90
N LEU C 111 -9.59 -25.60 34.75
CA LEU C 111 -9.46 -26.33 33.50
C LEU C 111 -9.30 -25.26 32.41
N VAL C 112 -8.28 -25.46 31.57
CA VAL C 112 -7.99 -24.48 30.51
C VAL C 112 -7.87 -25.24 29.21
N ILE C 113 -8.38 -24.65 28.11
CA ILE C 113 -8.03 -25.15 26.78
C ILE C 113 -6.91 -24.28 26.25
N ALA C 114 -5.77 -24.90 25.96
CA ALA C 114 -4.56 -24.16 25.59
C ALA C 114 -4.04 -24.68 24.27
N GLY C 115 -3.46 -23.80 23.47
CA GLY C 115 -2.89 -24.28 22.21
C GLY C 115 -2.33 -23.11 21.45
N GLY C 116 -2.20 -23.26 20.16
CA GLY C 116 -1.69 -22.14 19.36
C GLY C 116 -2.14 -22.29 17.93
N VAL C 117 -2.06 -21.18 17.21
CA VAL C 117 -2.54 -21.12 15.83
C VAL C 117 -1.58 -20.25 15.04
N GLU C 118 -1.47 -20.53 13.74
CA GLU C 118 -0.73 -19.63 12.87
C GLU C 118 -1.06 -19.90 11.42
N ASN C 119 -1.04 -18.86 10.61
CA ASN C 119 -1.15 -19.05 9.17
C ASN C 119 -0.29 -17.98 8.52
N MET C 120 0.87 -18.41 8.02
CA MET C 120 1.83 -17.42 7.51
C MET C 120 1.36 -16.77 6.21
N ASP C 121 0.67 -17.49 5.34
CA ASP C 121 0.10 -16.88 4.13
C ASP C 121 -0.81 -15.72 4.49
N GLN C 122 -1.60 -15.86 5.58
CA GLN C 122 -2.56 -14.85 5.96
C GLN C 122 -1.92 -13.65 6.66
N ALA C 123 -0.61 -13.68 6.97
CA ALA C 123 0.01 -12.50 7.52
C ALA C 123 -0.05 -11.39 6.47
N PRO C 124 -0.48 -10.22 6.81
CA PRO C 124 -0.57 -9.14 5.81
C PRO C 124 0.77 -8.45 5.63
N TYR C 125 0.80 -7.53 4.66
CA TYR C 125 1.84 -6.53 4.59
C TYR C 125 1.44 -5.30 5.39
N LEU C 126 2.45 -4.58 5.86
CA LEU C 126 2.27 -3.41 6.73
C LEU C 126 2.71 -2.16 6.00
N MET C 127 1.97 -1.06 6.19
CA MET C 127 2.36 0.22 5.59
C MET C 127 2.54 1.20 6.72
N PRO C 128 3.77 1.33 7.28
CA PRO C 128 3.97 2.25 8.40
C PRO C 128 3.76 3.69 8.09
N SER C 129 3.86 4.10 6.83
CA SER C 129 3.74 5.52 6.52
C SER C 129 2.36 5.93 6.05
N LEU C 130 1.42 5.00 5.97
CA LEU C 130 0.11 5.33 5.45
C LEU C 130 -0.71 6.17 6.39
N ARG C 131 -0.54 6.05 7.72
CA ARG C 131 -1.40 6.84 8.60
C ARG C 131 -1.13 8.33 8.46
N HIS C 132 0.14 8.72 8.55
CA HIS C 132 0.45 10.16 8.56
C HIS C 132 1.19 10.62 7.34
N GLY C 133 1.47 9.73 6.41
CA GLY C 133 1.94 10.09 5.09
C GLY C 133 3.42 9.86 4.91
N ALA C 134 3.80 9.56 3.66
CA ALA C 134 5.21 9.44 3.27
C ALA C 134 5.79 10.75 2.77
N ARG C 135 4.92 11.72 2.43
CA ARG C 135 5.24 13.09 2.02
C ARG C 135 5.88 13.19 0.64
N MET C 136 7.08 12.63 0.47
CA MET C 136 7.75 12.61 -0.81
C MET C 136 8.84 11.57 -0.76
N GLY C 137 9.00 10.82 -1.82
CA GLY C 137 10.00 9.78 -1.92
C GLY C 137 9.40 8.39 -1.70
N HIS C 138 10.06 7.39 -2.24
CA HIS C 138 9.54 6.03 -2.13
C HIS C 138 9.50 5.57 -0.67
N THR C 139 8.59 4.61 -0.38
CA THR C 139 8.42 4.14 0.97
C THR C 139 8.25 2.62 0.93
N GLN C 140 8.42 1.98 2.07
CA GLN C 140 8.44 0.52 2.09
C GLN C 140 7.13 -0.03 2.66
N ALA C 141 6.66 -1.13 2.07
CA ALA C 141 5.61 -1.96 2.63
C ALA C 141 6.29 -3.20 3.18
N LEU C 142 6.09 -3.44 4.45
CA LEU C 142 6.85 -4.50 5.13
C LEU C 142 6.05 -5.80 5.14
N ASP C 143 6.73 -6.90 4.88
CA ASP C 143 6.10 -8.20 5.09
C ASP C 143 5.99 -8.48 6.60
N ALA C 144 4.76 -8.60 7.14
CA ALA C 144 4.64 -8.81 8.59
C ALA C 144 5.27 -10.11 9.06
N LEU C 145 5.34 -11.12 8.23
CA LEU C 145 5.92 -12.34 8.76
C LEU C 145 7.40 -12.13 9.06
N LEU C 146 8.09 -11.25 8.31
CA LEU C 146 9.46 -10.89 8.62
C LEU C 146 9.53 -9.88 9.75
N ARG C 147 8.74 -8.80 9.68
CA ARG C 147 8.86 -7.76 10.69
C ARG C 147 8.48 -8.26 12.07
N ASP C 148 7.42 -9.06 12.19
CA ASP C 148 6.93 -9.40 13.51
C ASP C 148 7.25 -10.85 13.91
N GLY C 149 7.72 -11.68 12.97
CA GLY C 149 7.91 -13.09 13.23
C GLY C 149 9.34 -13.56 13.10
N LEU C 150 10.02 -13.28 11.99
CA LEU C 150 11.28 -13.98 11.72
C LEU C 150 12.51 -13.12 11.83
N ASN C 151 12.38 -11.81 11.67
CA ASN C 151 13.56 -10.96 11.81
C ASN C 151 13.78 -10.58 13.25
N ASP C 152 15.04 -10.54 13.66
CA ASP C 152 15.33 -10.11 15.02
C ASP C 152 14.98 -8.63 15.19
N ALA C 153 14.42 -8.30 16.35
CA ALA C 153 13.94 -6.95 16.57
C ALA C 153 15.06 -5.96 16.81
N PHE C 154 16.25 -6.43 17.14
CA PHE C 154 17.36 -5.52 17.46
C PHE C 154 18.23 -5.27 16.25
N SER C 155 18.45 -6.28 15.41
CA SER C 155 19.33 -6.14 14.25
C SER C 155 18.57 -5.96 12.95
N ASP C 156 17.30 -6.33 12.91
CA ASP C 156 16.50 -6.45 11.70
C ASP C 156 17.00 -7.51 10.72
N GLN C 157 17.92 -8.39 11.13
CA GLN C 157 18.36 -9.49 10.28
C GLN C 157 17.48 -10.69 10.53
N HIS C 158 17.33 -11.53 9.51
CA HIS C 158 16.56 -12.76 9.66
C HIS C 158 17.18 -13.67 10.72
N SER C 159 16.33 -14.39 11.43
CA SER C 159 16.81 -15.40 12.37
C SER C 159 17.84 -16.35 11.72
N GLY C 160 17.64 -16.67 10.43
CA GLY C 160 18.56 -17.56 9.73
C GLY C 160 19.93 -16.92 9.53
N TRP C 161 19.96 -15.60 9.36
CA TRP C 161 21.24 -14.88 9.30
C TRP C 161 21.98 -15.01 10.62
N HIS C 162 21.29 -14.81 11.75
CA HIS C 162 21.93 -14.98 13.04
C HIS C 162 22.36 -16.42 13.25
N THR C 163 21.59 -17.39 12.75
CA THR C 163 21.95 -18.78 12.97
C THR C 163 23.26 -19.11 12.28
N GLU C 164 23.62 -18.37 11.24
CA GLU C 164 24.95 -18.60 10.67
C GLU C 164 26.07 -18.38 11.68
N ASP C 165 25.87 -17.51 12.68
CA ASP C 165 26.90 -17.37 13.71
C ASP C 165 26.93 -18.55 14.66
N LEU C 166 25.75 -19.16 14.94
CA LEU C 166 25.74 -20.40 15.70
C LEU C 166 26.48 -21.48 14.93
N VAL C 167 26.23 -21.55 13.61
CA VAL C 167 26.90 -22.52 12.74
C VAL C 167 28.41 -22.36 12.86
N ALA C 168 28.88 -21.12 12.80
CA ALA C 168 30.34 -20.88 12.87
C ALA C 168 30.89 -21.22 14.27
N LYS C 169 30.15 -20.84 15.33
CA LYS C 169 30.64 -21.10 16.69
C LYS C 169 30.79 -22.60 16.95
N TYR C 170 29.84 -23.42 16.49
CA TYR C 170 29.84 -24.84 16.79
C TYR C 170 30.38 -25.68 15.65
N GLU C 171 30.88 -25.03 14.61
CA GLU C 171 31.50 -25.67 13.46
C GLU C 171 30.60 -26.73 12.85
N VAL C 172 29.35 -26.32 12.57
CA VAL C 172 28.34 -27.23 12.07
C VAL C 172 28.47 -27.26 10.55
N SER C 173 28.91 -28.39 9.98
CA SER C 173 29.16 -28.38 8.54
C SER C 173 27.85 -28.37 7.74
N ARG C 174 27.93 -27.83 6.52
CA ARG C 174 26.83 -27.91 5.57
C ARG C 174 26.41 -29.34 5.35
N GLU C 175 27.38 -30.26 5.19
CA GLU C 175 27.03 -31.65 4.95
C GLU C 175 26.25 -32.24 6.14
N ALA C 176 26.61 -31.87 7.36
CA ALA C 176 25.87 -32.39 8.52
C ALA C 176 24.47 -31.79 8.59
N GLN C 177 24.33 -30.52 8.22
CA GLN C 177 23.00 -29.91 8.19
C GLN C 177 22.11 -30.59 7.17
N ASP C 178 22.66 -30.87 6.00
CA ASP C 178 21.84 -31.51 4.96
C ASP C 178 21.53 -32.96 5.33
N ARG C 179 22.46 -33.66 6.00
CA ARG C 179 22.16 -35.02 6.44
C ARG C 179 21.03 -35.00 7.47
N PHE C 180 21.07 -34.04 8.40
CA PHE C 180 20.02 -33.95 9.39
C PHE C 180 18.67 -33.63 8.73
N ALA C 181 18.66 -32.74 7.74
CA ALA C 181 17.40 -32.41 7.06
C ALA C 181 16.85 -33.60 6.27
N ALA C 182 17.73 -34.28 5.52
CA ALA C 182 17.27 -35.47 4.78
C ALA C 182 16.75 -36.54 5.74
N THR C 183 17.39 -36.71 6.89
CA THR C 183 16.92 -37.70 7.86
C THR C 183 15.57 -37.31 8.44
N SER C 184 15.36 -36.00 8.68
CA SER C 184 14.07 -35.56 9.19
C SER C 184 12.97 -35.92 8.15
N GLN C 185 13.24 -35.66 6.87
CA GLN C 185 12.26 -36.01 5.84
C GLN C 185 12.01 -37.53 5.81
N GLN C 186 13.08 -38.33 5.94
CA GLN C 186 12.93 -39.79 5.84
C GLN C 186 12.11 -40.29 7.01
N ARG C 187 12.44 -39.80 8.24
CA ARG C 187 11.74 -40.27 9.43
C ARG C 187 10.27 -39.88 9.37
N PHE C 188 10.00 -38.63 8.97
CA PHE C 188 8.62 -38.20 8.89
C PHE C 188 7.84 -39.02 7.88
N ALA C 189 8.40 -39.20 6.69
CA ALA C 189 7.67 -39.91 5.64
C ALA C 189 7.36 -41.33 6.07
N ALA C 190 8.30 -42.00 6.75
CA ALA C 190 8.05 -43.36 7.20
C ALA C 190 7.00 -43.38 8.30
N ALA C 191 7.06 -42.47 9.26
CA ALA C 191 6.05 -42.44 10.31
C ALA C 191 4.66 -42.12 9.76
N GLN C 192 4.58 -41.17 8.82
CA GLN C 192 3.32 -40.83 8.21
C GLN C 192 2.72 -42.02 7.48
N ALA C 193 3.54 -42.72 6.69
CA ALA C 193 3.07 -43.90 5.95
C ALA C 193 2.62 -45.02 6.88
N ALA C 194 3.23 -45.14 8.06
CA ALA C 194 2.83 -46.16 9.03
C ALA C 194 1.53 -45.81 9.75
N GLY C 195 0.98 -44.62 9.53
CA GLY C 195 -0.24 -44.18 10.16
C GLY C 195 -0.05 -43.53 11.51
N TRP C 196 1.20 -43.25 11.91
CA TRP C 196 1.47 -42.82 13.27
C TRP C 196 0.96 -41.42 13.61
N PHE C 197 0.60 -40.61 12.62
CA PHE C 197 0.06 -39.27 12.89
C PHE C 197 -1.46 -39.24 12.77
N GLU C 198 -2.10 -40.38 12.43
CA GLU C 198 -3.54 -40.30 12.19
C GLU C 198 -4.32 -39.97 13.47
N GLY C 199 -3.88 -40.50 14.60
CA GLY C 199 -4.64 -40.33 15.84
C GLY C 199 -4.65 -38.90 16.33
N GLU C 200 -3.60 -38.13 16.05
CA GLU C 200 -3.51 -36.76 16.56
C GLU C 200 -4.13 -35.74 15.62
N ILE C 201 -4.33 -36.06 14.36
CA ILE C 201 -4.76 -35.12 13.34
C ILE C 201 -6.28 -35.14 13.26
N VAL C 202 -6.87 -33.95 13.22
CA VAL C 202 -8.28 -33.78 12.94
C VAL C 202 -8.42 -33.16 11.55
N PRO C 203 -9.24 -33.71 10.66
CA PRO C 203 -9.35 -33.15 9.31
C PRO C 203 -10.15 -31.87 9.32
N VAL C 204 -9.85 -31.00 8.36
CA VAL C 204 -10.57 -29.74 8.21
C VAL C 204 -11.12 -29.68 6.79
N THR C 205 -12.40 -29.31 6.64
CA THR C 205 -13.01 -29.21 5.33
C THR C 205 -12.92 -27.77 4.85
N ILE C 206 -12.31 -27.58 3.68
CA ILE C 206 -12.08 -26.25 3.11
C ILE C 206 -13.04 -26.05 1.94
N THR C 207 -13.82 -24.97 1.99
CA THR C 207 -14.77 -24.63 0.94
C THR C 207 -14.13 -23.68 -0.07
N THR C 208 -14.26 -23.99 -1.35
CA THR C 208 -13.72 -23.17 -2.42
C THR C 208 -14.84 -22.86 -3.42
N ARG C 209 -14.48 -22.14 -4.49
CA ARG C 209 -15.43 -21.78 -5.55
C ARG C 209 -16.06 -23.04 -6.13
N LYS C 210 -15.22 -23.93 -6.66
CA LYS C 210 -15.67 -25.15 -7.34
C LYS C 210 -16.13 -26.27 -6.40
N GLY C 211 -15.85 -26.20 -5.11
CA GLY C 211 -16.36 -27.23 -4.22
C GLY C 211 -15.73 -27.31 -2.84
N GLU C 212 -15.37 -28.53 -2.43
CA GLU C 212 -14.82 -28.77 -1.09
C GLU C 212 -13.62 -29.71 -1.13
N THR C 213 -12.64 -29.40 -0.29
CA THR C 213 -11.48 -30.23 -0.06
C THR C 213 -11.55 -30.70 1.39
N VAL C 214 -11.38 -32.00 1.64
CA VAL C 214 -11.18 -32.46 3.01
C VAL C 214 -9.67 -32.58 3.20
N PHE C 215 -9.10 -31.70 4.01
CA PHE C 215 -7.66 -31.67 4.26
C PHE C 215 -7.38 -32.53 5.49
N ALA C 216 -6.72 -33.64 5.28
CA ALA C 216 -6.67 -34.69 6.30
C ALA C 216 -5.29 -35.18 6.65
N LYS C 217 -4.26 -34.75 5.93
CA LYS C 217 -2.90 -35.20 6.19
C LYS C 217 -1.93 -34.09 5.86
N ASP C 218 -0.78 -34.12 6.54
CA ASP C 218 0.22 -33.06 6.35
C ASP C 218 0.68 -33.03 4.90
N GLU C 219 0.88 -31.82 4.35
CA GLU C 219 1.23 -31.66 2.93
C GLU C 219 2.57 -30.99 2.69
N ALA C 220 3.30 -30.57 3.69
CA ALA C 220 4.47 -29.70 3.46
C ALA C 220 5.77 -30.45 3.39
N ASN C 221 5.74 -31.74 3.65
CA ASN C 221 6.98 -32.52 3.67
C ASN C 221 7.46 -32.81 2.26
N ARG C 222 8.75 -33.13 2.18
CA ARG C 222 9.42 -33.33 0.88
C ARG C 222 10.10 -34.70 0.93
N PRO C 223 9.34 -35.77 0.72
CA PRO C 223 9.88 -37.13 0.92
C PRO C 223 10.92 -37.51 -0.13
N ASP C 224 11.01 -36.83 -1.25
CA ASP C 224 12.06 -37.15 -2.21
C ASP C 224 13.29 -36.27 -2.06
N THR C 225 13.45 -35.60 -0.92
CA THR C 225 14.70 -34.94 -0.61
C THR C 225 15.86 -35.94 -0.61
N THR C 226 16.97 -35.56 -1.24
CA THR C 226 18.20 -36.35 -1.17
C THR C 226 19.32 -35.46 -0.65
N GLU C 227 20.33 -36.08 -0.05
CA GLU C 227 21.51 -35.28 0.36
C GLU C 227 22.18 -34.61 -0.83
N ALA C 228 22.23 -35.27 -1.98
CA ALA C 228 22.84 -34.66 -3.17
C ALA C 228 22.02 -33.49 -3.69
N GLY C 229 20.68 -33.60 -3.64
CA GLY C 229 19.83 -32.50 -4.04
C GLY C 229 20.00 -31.31 -3.10
N LEU C 230 20.08 -31.58 -1.81
CA LEU C 230 20.24 -30.50 -0.84
C LEU C 230 21.59 -29.79 -1.03
N ALA C 231 22.64 -30.53 -1.40
CA ALA C 231 23.94 -29.91 -1.61
C ALA C 231 23.96 -28.94 -2.77
N LYS C 232 23.02 -29.01 -3.70
CA LYS C 232 22.97 -28.05 -4.83
C LYS C 232 22.36 -26.71 -4.45
N LEU C 233 21.69 -26.61 -3.30
CA LEU C 233 20.92 -25.40 -3.04
C LEU C 233 21.84 -24.24 -2.67
N ARG C 234 21.39 -23.04 -2.99
CA ARG C 234 22.16 -21.86 -2.62
C ARG C 234 21.86 -21.42 -1.18
N PRO C 235 22.84 -20.81 -0.49
CA PRO C 235 22.57 -20.30 0.85
C PRO C 235 21.50 -19.23 0.80
N ALA C 236 20.62 -19.25 1.79
CA ALA C 236 19.45 -18.40 1.80
C ALA C 236 19.67 -17.08 2.50
N PHE C 237 20.63 -17.00 3.41
CA PHE C 237 20.72 -15.84 4.32
C PHE C 237 22.02 -15.09 4.30
N ARG C 238 23.12 -15.70 3.93
CA ARG C 238 24.41 -15.03 3.78
C ARG C 238 25.09 -15.61 2.58
N LYS C 239 25.77 -14.76 1.80
CA LYS C 239 26.71 -15.24 0.82
CA LYS C 239 26.47 -15.22 0.59
C LYS C 239 27.76 -15.96 1.64
C LYS C 239 27.32 -16.50 0.76
N ASP C 240 28.11 -17.16 1.21
N ASP C 240 28.08 -16.60 1.84
CA ASP C 240 29.02 -18.01 1.92
CA ASP C 240 28.95 -17.76 2.07
C ASP C 240 28.37 -18.71 3.11
N GLY C 241 27.06 -18.71 3.25
CA GLY C 241 26.44 -19.40 4.36
C GLY C 241 26.26 -20.89 4.11
N THR C 242 25.61 -21.51 5.06
CA THR C 242 25.30 -22.94 5.03
C THR C 242 23.81 -23.21 5.11
N ILE C 243 23.01 -22.28 5.60
CA ILE C 243 21.58 -22.52 5.74
C ILE C 243 20.88 -22.21 4.44
N THR C 244 20.03 -23.14 3.99
CA THR C 244 19.33 -23.05 2.73
C THR C 244 17.84 -23.31 2.97
N ALA C 245 17.05 -23.15 1.90
CA ALA C 245 15.64 -23.50 1.99
C ALA C 245 15.44 -24.98 2.23
N GLY C 246 16.42 -25.81 1.95
CA GLY C 246 16.25 -27.24 2.15
C GLY C 246 16.60 -27.74 3.51
N ASN C 247 17.40 -27.00 4.27
CA ASN C 247 17.71 -27.41 5.63
C ASN C 247 17.04 -26.50 6.67
N ALA C 248 15.93 -25.88 6.27
CA ALA C 248 15.10 -25.07 7.14
C ALA C 248 13.66 -25.46 6.83
N PRO C 249 12.74 -25.27 7.78
CA PRO C 249 11.32 -25.50 7.51
C PRO C 249 10.76 -24.43 6.59
N GLY C 250 9.50 -24.63 6.20
CA GLY C 250 8.79 -23.68 5.36
C GLY C 250 8.03 -22.63 6.17
N LEU C 251 7.05 -22.02 5.51
CA LEU C 251 6.20 -20.95 6.06
C LEU C 251 4.75 -21.45 6.13
N ASN C 252 4.38 -22.02 7.28
CA ASN C 252 3.30 -23.01 7.31
C ASN C 252 2.09 -22.53 8.10
N ALA C 253 1.02 -23.31 8.05
CA ALA C 253 -0.22 -22.95 8.72
C ALA C 253 -0.73 -24.17 9.47
N GLY C 254 -1.31 -23.94 10.63
CA GLY C 254 -1.90 -25.03 11.40
C GLY C 254 -2.35 -24.55 12.78
N ALA C 255 -2.93 -25.50 13.49
CA ALA C 255 -3.36 -25.22 14.86
C ALA C 255 -3.32 -26.48 15.68
N ALA C 256 -3.20 -26.32 16.99
CA ALA C 256 -3.27 -27.45 17.90
C ALA C 256 -3.82 -26.97 19.22
N ALA C 257 -4.50 -27.86 19.95
CA ALA C 257 -5.06 -27.49 21.24
C ALA C 257 -5.19 -28.71 22.11
N MET C 258 -5.30 -28.47 23.41
CA MET C 258 -5.40 -29.57 24.36
C MET C 258 -6.04 -29.05 25.65
N ILE C 259 -6.48 -29.97 26.49
CA ILE C 259 -7.03 -29.62 27.81
C ILE C 259 -5.93 -29.74 28.84
N VAL C 260 -5.82 -28.72 29.71
CA VAL C 260 -4.88 -28.72 30.81
C VAL C 260 -5.68 -28.60 32.11
N SER C 261 -5.39 -29.51 33.06
CA SER C 261 -6.13 -29.50 34.33
C SER C 261 -5.29 -30.28 35.34
N SER C 262 -5.72 -30.25 36.59
CA SER C 262 -5.12 -31.23 37.49
C SER C 262 -5.55 -32.64 37.09
N HIS C 263 -4.79 -33.64 37.55
CA HIS C 263 -5.15 -35.02 37.28
C HIS C 263 -6.50 -35.38 37.90
N ALA C 264 -6.73 -34.92 39.14
CA ALA C 264 -8.03 -35.20 39.78
C ALA C 264 -9.18 -34.61 38.97
N THR C 265 -9.00 -33.39 38.45
CA THR C 265 -10.07 -32.78 37.66
C THR C 265 -10.33 -33.56 36.38
N ALA C 266 -9.26 -33.99 35.71
CA ALA C 266 -9.43 -34.76 34.48
C ALA C 266 -10.20 -36.06 34.73
N THR C 267 -9.84 -36.79 35.77
CA THR C 267 -10.54 -38.04 36.11
C THR C 267 -12.01 -37.76 36.46
N GLU C 268 -12.25 -36.72 37.26
CA GLU C 268 -13.60 -36.31 37.63
C GLU C 268 -14.48 -36.06 36.42
N LEU C 269 -13.94 -35.44 35.36
CA LEU C 269 -14.70 -35.05 34.19
C LEU C 269 -14.66 -36.10 33.06
N GLY C 270 -14.13 -37.28 33.34
CA GLY C 270 -14.12 -38.36 32.37
C GLY C 270 -13.11 -38.19 31.25
N LEU C 271 -12.05 -37.43 31.49
CA LEU C 271 -11.01 -37.32 30.46
C LEU C 271 -9.98 -38.41 30.65
N GLN C 272 -9.19 -38.65 29.61
CA GLN C 272 -8.07 -39.59 29.75
CA GLN C 272 -8.10 -39.60 29.68
C GLN C 272 -6.77 -38.85 29.57
N PRO C 273 -6.12 -38.49 30.67
CA PRO C 273 -4.84 -37.78 30.57
C PRO C 273 -3.83 -38.51 29.72
N GLN C 274 -3.06 -37.73 28.96
CA GLN C 274 -1.98 -38.25 28.12
C GLN C 274 -0.60 -38.03 28.73
N LEU C 275 -0.40 -36.85 29.32
CA LEU C 275 0.94 -36.50 29.81
C LEU C 275 0.78 -35.74 31.11
N VAL C 276 1.75 -35.91 32.01
CA VAL C 276 1.88 -35.06 33.20
C VAL C 276 3.07 -34.14 32.98
N ILE C 277 2.90 -32.86 33.35
CA ILE C 277 3.98 -31.89 33.22
C ILE C 277 4.85 -32.02 34.47
N ARG C 278 6.07 -32.52 34.32
CA ARG C 278 7.00 -32.73 35.43
C ARG C 278 8.01 -31.60 35.56
N GLY C 279 8.23 -30.78 34.53
CA GLY C 279 9.16 -29.68 34.68
C GLY C 279 8.96 -28.69 33.57
N ILE C 280 9.21 -27.42 33.88
CA ILE C 280 9.11 -26.32 32.92
C ILE C 280 10.38 -25.51 33.01
N GLY C 281 10.94 -25.15 31.85
CA GLY C 281 12.11 -24.29 31.82
C GLY C 281 11.92 -23.18 30.80
N VAL C 282 12.20 -21.95 31.17
CA VAL C 282 12.22 -20.80 30.27
C VAL C 282 13.57 -20.11 30.51
N ALA C 283 14.35 -19.97 29.46
CA ALA C 283 15.64 -19.33 29.57
C ALA C 283 15.83 -18.32 28.45
N ALA C 284 16.81 -17.43 28.64
CA ALA C 284 17.18 -16.44 27.63
C ALA C 284 18.70 -16.29 27.57
N VAL C 285 19.17 -15.91 26.38
CA VAL C 285 20.58 -15.74 26.07
C VAL C 285 20.72 -14.51 25.17
N GLU C 286 21.90 -14.22 24.66
CA GLU C 286 22.02 -13.09 23.72
C GLU C 286 21.09 -13.28 22.50
N PRO C 287 20.39 -12.23 22.07
CA PRO C 287 19.57 -12.37 20.83
C PRO C 287 20.31 -12.93 19.64
N GLY C 288 21.57 -12.54 19.46
CA GLY C 288 22.33 -13.05 18.32
C GLY C 288 22.58 -14.53 18.38
N LEU C 289 22.40 -15.15 19.55
CA LEU C 289 22.63 -16.59 19.69
C LEU C 289 21.34 -17.36 19.51
N PHE C 290 20.59 -16.98 18.46
CA PHE C 290 19.43 -17.73 18.01
C PHE C 290 19.78 -19.21 17.92
N GLY C 291 18.95 -20.03 18.55
CA GLY C 291 19.07 -21.46 18.44
C GLY C 291 19.62 -22.12 19.66
N PHE C 292 20.35 -21.39 20.51
CA PHE C 292 20.96 -22.02 21.66
C PHE C 292 20.02 -22.10 22.87
N GLY C 293 19.00 -21.25 22.96
CA GLY C 293 18.10 -21.19 24.10
C GLY C 293 17.57 -22.50 24.64
N PRO C 294 17.27 -23.49 23.79
CA PRO C 294 16.81 -24.78 24.32
C PRO C 294 17.77 -25.43 25.29
N VAL C 295 19.06 -25.21 25.16
CA VAL C 295 20.01 -25.91 26.04
C VAL C 295 19.75 -25.53 27.51
N PRO C 296 19.82 -24.24 27.87
CA PRO C 296 19.54 -23.89 29.27
C PRO C 296 18.08 -24.16 29.66
N ALA C 297 17.15 -24.03 28.72
CA ALA C 297 15.77 -24.27 29.10
C ALA C 297 15.55 -25.75 29.44
N ILE C 298 16.09 -26.65 28.61
CA ILE C 298 16.01 -28.09 28.88
C ILE C 298 16.62 -28.40 30.23
N LYS C 299 17.75 -27.76 30.55
CA LYS C 299 18.39 -28.07 31.84
C LYS C 299 17.50 -27.65 33.01
N LEU C 300 16.79 -26.53 32.87
CA LEU C 300 15.89 -26.10 33.93
C LEU C 300 14.72 -27.07 34.06
N ALA C 301 14.13 -27.47 32.93
CA ALA C 301 12.99 -28.39 33.00
C ALA C 301 13.39 -29.73 33.60
N LEU C 302 14.55 -30.25 33.18
CA LEU C 302 15.04 -31.50 33.77
C LEU C 302 15.32 -31.35 35.26
N ALA C 303 15.88 -30.21 35.67
CA ALA C 303 16.14 -30.01 37.11
C ALA C 303 14.84 -30.02 37.89
N GLN C 304 13.79 -29.40 37.35
CA GLN C 304 12.51 -29.41 38.06
C GLN C 304 11.98 -30.82 38.15
N ALA C 305 12.15 -31.61 37.10
CA ALA C 305 11.62 -32.97 37.09
C ALA C 305 12.47 -33.95 37.87
N GLN C 306 13.68 -33.54 38.28
CA GLN C 306 14.67 -34.44 38.90
C GLN C 306 15.06 -35.57 37.95
N TRP C 307 15.27 -35.22 36.67
CA TRP C 307 15.70 -36.16 35.65
C TRP C 307 17.04 -35.75 35.08
N GLN C 308 17.78 -36.76 34.63
CA GLN C 308 18.97 -36.54 33.82
C GLN C 308 18.66 -36.80 32.33
N VAL C 309 19.48 -36.20 31.47
CA VAL C 309 19.32 -36.40 30.02
C VAL C 309 19.16 -37.87 29.68
N GLN C 310 19.99 -38.73 30.29
CA GLN C 310 19.92 -40.14 29.91
C GLN C 310 18.65 -40.85 30.40
N ASP C 311 17.84 -40.23 31.24
CA ASP C 311 16.56 -40.84 31.64
C ASP C 311 15.46 -40.61 30.63
N VAL C 312 15.68 -39.77 29.63
CA VAL C 312 14.61 -39.30 28.76
C VAL C 312 14.55 -40.22 27.55
N ASP C 313 13.34 -40.74 27.25
CA ASP C 313 13.18 -41.63 26.11
C ASP C 313 13.25 -40.91 24.79
N ARG C 314 12.67 -39.71 24.69
CA ARG C 314 12.76 -38.98 23.44
C ARG C 314 12.73 -37.47 23.69
N PHE C 315 13.50 -36.75 22.90
CA PHE C 315 13.51 -35.30 22.90
C PHE C 315 12.83 -34.89 21.60
N GLU C 316 11.94 -33.92 21.69
CA GLU C 316 11.27 -33.31 20.53
C GLU C 316 11.65 -31.83 20.58
N VAL C 317 12.63 -31.44 19.78
CA VAL C 317 13.19 -30.11 19.82
C VAL C 317 12.92 -29.47 18.48
N ASN C 318 12.31 -28.29 18.44
CA ASN C 318 11.90 -27.77 17.15
C ASN C 318 13.08 -27.54 16.19
N GLU C 319 12.88 -27.97 14.94
CA GLU C 319 13.90 -27.86 13.88
C GLU C 319 13.75 -26.52 13.17
N ALA C 320 14.03 -25.44 13.93
CA ALA C 320 13.93 -24.11 13.34
C ALA C 320 14.88 -24.01 12.16
N PHE C 321 16.06 -24.61 12.30
CA PHE C 321 16.99 -24.90 11.21
C PHE C 321 17.67 -26.20 11.59
N ALA C 322 18.13 -26.97 10.59
CA ALA C 322 18.87 -28.19 10.91
C ALA C 322 20.03 -27.89 11.84
N ALA C 323 20.68 -26.73 11.66
CA ALA C 323 21.82 -26.39 12.51
C ALA C 323 21.42 -26.30 13.98
N VAL C 324 20.22 -25.79 14.28
CA VAL C 324 19.82 -25.68 15.68
C VAL C 324 19.63 -27.07 16.27
N GLY C 325 18.97 -27.96 15.54
CA GLY C 325 18.79 -29.30 16.05
C GLY C 325 20.11 -29.98 16.35
N LEU C 326 21.09 -29.85 15.44
CA LEU C 326 22.39 -30.49 15.67
C LEU C 326 23.09 -29.89 16.88
N VAL C 327 23.05 -28.57 17.03
CA VAL C 327 23.74 -27.94 18.17
C VAL C 327 23.12 -28.38 19.48
N VAL C 328 21.80 -28.32 19.56
CA VAL C 328 21.12 -28.69 20.80
C VAL C 328 21.36 -30.16 21.13
N ARG C 329 21.21 -31.05 20.13
CA ARG C 329 21.41 -32.46 20.37
C ARG C 329 22.82 -32.74 20.87
N ASP C 330 23.81 -32.16 20.20
CA ASP C 330 25.18 -32.52 20.53
C ASP C 330 25.67 -31.86 21.80
N GLU C 331 25.21 -30.66 22.13
CA GLU C 331 25.60 -30.01 23.39
C GLU C 331 25.04 -30.72 24.60
N LEU C 332 23.85 -31.30 24.51
CA LEU C 332 23.30 -32.04 25.64
C LEU C 332 23.70 -33.52 25.61
N GLY C 333 24.35 -33.98 24.54
CA GLY C 333 24.78 -35.37 24.43
C GLY C 333 23.66 -36.36 24.20
N ILE C 334 22.62 -35.94 23.52
CA ILE C 334 21.45 -36.80 23.27
C ILE C 334 21.75 -37.79 22.15
N ALA C 335 21.31 -39.02 22.34
CA ALA C 335 21.53 -40.03 21.31
C ALA C 335 20.76 -39.65 20.04
N PRO C 336 21.36 -39.71 18.86
CA PRO C 336 20.61 -39.32 17.65
C PRO C 336 19.34 -40.10 17.42
N GLU C 337 19.25 -41.34 17.88
CA GLU C 337 18.04 -42.11 17.67
C GLU C 337 16.96 -41.74 18.65
N ARG C 338 17.25 -40.85 19.60
CA ARG C 338 16.28 -40.36 20.58
C ARG C 338 15.92 -38.89 20.36
N PHE C 339 16.39 -38.29 19.27
CA PHE C 339 16.21 -36.87 19.02
C PHE C 339 15.31 -36.72 17.79
N ASN C 340 14.12 -36.13 17.95
CA ASN C 340 13.17 -35.92 16.81
C ASN C 340 12.95 -37.23 16.04
N VAL C 341 12.49 -38.20 16.80
CA VAL C 341 12.46 -39.61 16.39
C VAL C 341 11.62 -39.79 15.14
N ASP C 342 10.48 -39.11 15.05
CA ASP C 342 9.57 -39.26 13.92
C ASP C 342 9.67 -38.11 12.96
N GLY C 343 10.80 -37.42 12.93
CA GLY C 343 10.98 -36.27 12.08
C GLY C 343 10.51 -35.00 12.76
N GLY C 344 10.83 -33.86 12.14
CA GLY C 344 10.49 -32.60 12.78
C GLY C 344 10.10 -31.57 11.74
N ALA C 345 10.21 -30.29 12.13
CA ALA C 345 9.61 -29.23 11.32
C ALA C 345 10.22 -29.08 9.95
N ILE C 346 11.49 -29.50 9.74
CA ILE C 346 11.99 -29.40 8.36
C ILE C 346 11.06 -30.16 7.42
N ALA C 347 10.55 -31.30 7.89
CA ALA C 347 9.61 -32.08 7.12
C ALA C 347 8.19 -31.56 7.27
N HIS C 348 7.65 -31.50 8.51
CA HIS C 348 6.22 -31.23 8.57
C HIS C 348 5.83 -29.77 8.53
N GLY C 349 6.75 -28.86 8.77
CA GLY C 349 6.39 -27.45 8.75
C GLY C 349 6.42 -26.83 10.15
N HIS C 350 6.55 -25.48 10.15
CA HIS C 350 6.74 -24.68 11.37
C HIS C 350 5.74 -23.51 11.35
N PRO C 351 4.44 -23.76 11.66
CA PRO C 351 3.46 -22.66 11.78
C PRO C 351 3.72 -21.98 13.11
N ILE C 352 4.50 -20.94 13.13
CA ILE C 352 5.24 -20.51 14.32
C ILE C 352 4.50 -20.48 15.66
N GLY C 353 3.35 -19.82 15.76
CA GLY C 353 2.61 -19.74 17.02
C GLY C 353 1.93 -21.04 17.44
N ALA C 354 1.79 -22.02 16.53
CA ALA C 354 1.20 -23.29 16.85
C ALA C 354 2.22 -24.37 17.13
N THR C 355 3.48 -24.20 16.69
CA THR C 355 4.42 -25.31 16.68
C THR C 355 4.63 -25.92 18.06
N GLY C 356 4.74 -25.11 19.10
CA GLY C 356 4.91 -25.70 20.44
C GLY C 356 3.76 -26.59 20.88
N ALA C 357 2.52 -26.18 20.51
CA ALA C 357 1.38 -27.00 20.80
C ALA C 357 1.36 -28.24 19.93
N ILE C 358 1.80 -28.11 18.68
CA ILE C 358 1.96 -29.28 17.80
C ILE C 358 2.96 -30.27 18.38
N LEU C 359 4.11 -29.80 18.87
CA LEU C 359 5.10 -30.76 19.38
C LEU C 359 4.58 -31.48 20.64
N LEU C 360 3.88 -30.75 21.53
CA LEU C 360 3.29 -31.41 22.70
C LEU C 360 2.28 -32.47 22.25
N THR C 361 1.48 -32.15 21.22
CA THR C 361 0.51 -33.11 20.71
C THR C 361 1.20 -34.33 20.13
N LYS C 362 2.28 -34.12 19.38
CA LYS C 362 3.04 -35.23 18.82
C LYS C 362 3.57 -36.13 19.91
N VAL C 363 4.14 -35.54 20.98
CA VAL C 363 4.71 -36.38 22.03
C VAL C 363 3.61 -37.12 22.78
N ALA C 364 2.47 -36.47 23.03
CA ALA C 364 1.41 -37.16 23.76
C ALA C 364 1.04 -38.44 23.03
N HIS C 365 0.87 -38.35 21.70
CA HIS C 365 0.46 -39.55 20.94
C HIS C 365 1.59 -40.55 20.74
N ALA C 366 2.81 -40.08 20.57
CA ALA C 366 3.91 -40.99 20.37
C ALA C 366 4.18 -41.81 21.63
N LEU C 367 4.11 -41.18 22.81
CA LEU C 367 4.35 -41.96 24.04
C LEU C 367 3.22 -42.98 24.23
N ARG C 368 1.98 -42.59 23.86
CA ARG C 368 0.90 -43.58 23.98
C ARG C 368 1.20 -44.81 23.13
N ARG C 369 1.64 -44.58 21.89
CA ARG C 369 1.88 -45.65 20.93
C ARG C 369 3.05 -46.53 21.37
N THR C 370 4.17 -45.92 21.81
CA THR C 370 5.42 -46.65 22.06
C THR C 370 5.54 -47.16 23.49
N SER C 371 4.71 -46.67 24.41
CA SER C 371 4.82 -46.93 25.84
C SER C 371 6.08 -46.34 26.47
N GLU C 372 6.79 -45.45 25.74
CA GLU C 372 7.88 -44.72 26.37
C GLU C 372 7.33 -43.88 27.52
N ARG C 373 8.18 -43.63 28.52
CA ARG C 373 7.68 -42.99 29.72
C ARG C 373 7.97 -41.48 29.79
N ARG C 374 9.13 -41.03 29.30
CA ARG C 374 9.62 -39.69 29.60
C ARG C 374 10.03 -38.99 28.31
N ALA C 375 9.59 -37.75 28.15
CA ALA C 375 9.93 -36.97 26.98
C ALA C 375 10.22 -35.52 27.39
N VAL C 376 10.93 -34.80 26.51
CA VAL C 376 11.11 -33.36 26.66
C VAL C 376 10.74 -32.72 25.33
N VAL C 377 9.95 -31.65 25.39
CA VAL C 377 9.66 -30.83 24.23
C VAL C 377 10.37 -29.50 24.44
N SER C 378 11.02 -28.97 23.40
CA SER C 378 11.69 -27.68 23.60
C SER C 378 11.73 -26.93 22.28
N LEU C 379 11.67 -25.62 22.36
CA LEU C 379 11.76 -24.78 21.17
C LEU C 379 12.62 -23.56 21.44
N CYS C 380 13.40 -23.17 20.43
CA CYS C 380 13.98 -21.84 20.46
C CYS C 380 12.92 -20.83 20.08
N ILE C 381 13.11 -19.60 20.53
CA ILE C 381 12.00 -18.65 20.50
C ILE C 381 12.14 -17.64 19.39
N GLY C 382 13.36 -17.15 19.17
CA GLY C 382 13.61 -15.90 18.45
C GLY C 382 13.91 -14.80 19.47
N GLY C 383 14.92 -13.97 19.21
CA GLY C 383 15.28 -13.01 20.23
C GLY C 383 16.13 -13.56 21.35
N GLY C 384 16.65 -14.78 21.23
CA GLY C 384 17.49 -15.37 22.29
C GLY C 384 16.72 -15.91 23.46
N GLN C 385 15.75 -16.80 23.22
CA GLN C 385 15.07 -17.45 24.35
C GLN C 385 14.85 -18.93 24.02
N GLY C 386 14.56 -19.71 25.05
CA GLY C 386 14.14 -21.09 24.86
C GLY C 386 13.09 -21.45 25.88
N ILE C 387 12.23 -22.40 25.49
CA ILE C 387 11.22 -22.97 26.38
C ILE C 387 11.31 -24.48 26.34
N ALA C 388 11.09 -25.12 27.48
CA ALA C 388 11.13 -26.59 27.51
C ALA C 388 10.14 -27.13 28.53
N LEU C 389 9.56 -28.27 28.20
CA LEU C 389 8.73 -28.98 29.16
C LEU C 389 9.17 -30.43 29.25
N ALA C 390 9.29 -30.93 30.48
CA ALA C 390 9.57 -32.34 30.77
C ALA C 390 8.23 -33.01 31.06
N LEU C 391 7.95 -34.12 30.39
CA LEU C 391 6.62 -34.69 30.28
C LEU C 391 6.69 -36.20 30.52
N GLU C 392 5.73 -36.73 31.25
CA GLU C 392 5.71 -38.16 31.54
C GLU C 392 4.37 -38.74 31.09
N ARG C 393 4.42 -39.92 30.47
CA ARG C 393 3.19 -40.57 30.04
C ARG C 393 2.33 -40.89 31.23
N VAL C 394 1.00 -40.72 31.08
CA VAL C 394 0.04 -41.22 32.07
C VAL C 394 -0.57 -42.50 31.50
N LYS C 395 -0.55 -43.57 32.27
CA LYS C 395 -1.18 -44.81 31.82
C LYS C 395 -2.69 -44.62 31.67
N LEU C 396 -3.31 -45.42 30.79
CA LEU C 396 -4.76 -45.41 30.68
C LEU C 396 -5.41 -45.88 31.99
N ALA C 397 -6.59 -45.33 32.27
CA ALA C 397 -7.31 -45.56 33.53
C ALA C 397 -7.60 -47.04 33.75
N VAL D 2 -0.13 15.10 -54.90
CA VAL D 2 -0.22 13.71 -54.48
C VAL D 2 1.12 13.26 -53.88
N LYS D 3 2.18 13.81 -54.41
CA LYS D 3 3.48 13.57 -53.81
C LYS D 3 3.45 13.97 -52.32
N ASP D 4 2.57 14.94 -51.99
CA ASP D 4 2.38 15.50 -50.64
C ASP D 4 1.32 14.73 -49.86
N GLU D 5 0.72 13.69 -50.45
CA GLU D 5 -0.08 12.73 -49.70
C GLU D 5 0.74 12.12 -48.58
N ILE D 6 0.07 11.80 -47.49
CA ILE D 6 0.74 11.24 -46.31
C ILE D 6 0.49 9.75 -46.28
N VAL D 7 1.56 8.97 -46.16
CA VAL D 7 1.55 7.51 -46.28
C VAL D 7 2.13 6.84 -45.06
N ILE D 8 1.65 5.61 -44.84
CA ILE D 8 2.12 4.70 -43.81
C ILE D 8 2.90 3.62 -44.48
N SER D 9 4.09 3.33 -43.95
CA SER D 9 5.02 2.30 -44.44
C SER D 9 5.48 1.42 -43.30
N SER D 10 5.79 0.17 -43.61
CA SER D 10 6.40 -0.77 -42.66
C SER D 10 5.63 -0.92 -41.35
N ALA D 11 4.29 -0.99 -41.41
CA ALA D 11 3.57 -1.20 -40.16
C ALA D 11 3.82 -2.59 -39.61
N LEU D 12 4.12 -2.70 -38.32
CA LEU D 12 4.42 -3.97 -37.70
C LEU D 12 3.90 -3.98 -36.27
N ARG D 13 3.65 -5.18 -35.72
CA ARG D 13 3.13 -5.29 -34.37
C ARG D 13 3.72 -6.52 -33.66
N THR D 14 3.79 -6.47 -32.33
CA THR D 14 4.02 -7.71 -31.58
C THR D 14 2.78 -8.61 -31.65
N PRO D 15 2.91 -9.90 -31.32
CA PRO D 15 1.71 -10.65 -31.01
C PRO D 15 1.11 -10.05 -29.75
N ILE D 16 -0.18 -10.34 -29.53
CA ILE D 16 -0.90 -9.76 -28.40
C ILE D 16 -0.94 -10.77 -27.27
N GLY D 17 -0.50 -10.33 -26.09
CA GLY D 17 -0.52 -11.18 -24.90
C GLY D 17 -1.86 -11.15 -24.18
N ALA D 18 -2.16 -12.28 -23.52
CA ALA D 18 -3.34 -12.39 -22.67
C ALA D 18 -3.06 -11.82 -21.28
N PHE D 19 -4.14 -11.50 -20.58
CA PHE D 19 -4.00 -11.08 -19.18
C PHE D 19 -3.33 -12.19 -18.38
N SER D 20 -2.31 -11.81 -17.61
CA SER D 20 -1.51 -12.78 -16.84
C SER D 20 -0.80 -13.76 -17.76
N GLY D 21 -0.55 -13.36 -19.00
CA GLY D 21 0.00 -14.23 -20.03
C GLY D 21 1.48 -14.01 -20.29
N THR D 22 1.90 -14.29 -21.52
CA THR D 22 3.33 -14.38 -21.83
C THR D 22 4.04 -13.04 -21.62
N LEU D 23 3.34 -11.92 -21.83
CA LEU D 23 4.00 -10.61 -21.73
C LEU D 23 3.81 -9.98 -20.35
N LYS D 24 3.32 -10.73 -19.34
CA LYS D 24 2.95 -10.10 -18.08
C LYS D 24 4.10 -9.41 -17.39
N ASP D 25 5.35 -9.79 -17.65
CA ASP D 25 6.49 -9.15 -17.01
C ASP D 25 7.27 -8.23 -17.92
N THR D 26 6.76 -7.92 -19.11
CA THR D 26 7.51 -7.13 -20.09
C THR D 26 6.86 -5.77 -20.21
N PRO D 27 7.49 -4.70 -19.74
CA PRO D 27 6.83 -3.39 -19.81
C PRO D 27 6.41 -2.95 -21.21
N ALA D 28 5.35 -2.17 -21.27
CA ALA D 28 4.82 -1.66 -22.54
C ALA D 28 5.92 -0.96 -23.35
N ALA D 29 6.74 -0.14 -22.69
CA ALA D 29 7.78 0.57 -23.43
C ALA D 29 8.80 -0.41 -24.04
N ALA D 30 9.05 -1.55 -23.38
CA ALA D 30 9.95 -2.54 -23.96
C ALA D 30 9.34 -3.21 -25.19
N LEU D 31 8.02 -3.44 -25.17
CA LEU D 31 7.35 -3.97 -26.34
C LEU D 31 7.49 -3.01 -27.52
N GLY D 32 7.29 -1.71 -27.26
CA GLY D 32 7.45 -0.75 -28.34
C GLY D 32 8.88 -0.68 -28.84
N ALA D 33 9.84 -0.67 -27.94
CA ALA D 33 11.23 -0.61 -28.36
C ALA D 33 11.54 -1.79 -29.24
N HIS D 34 11.00 -2.98 -28.93
CA HIS D 34 11.28 -4.13 -29.78
C HIS D 34 10.71 -3.95 -31.19
N VAL D 35 9.48 -3.44 -31.32
CA VAL D 35 8.93 -3.19 -32.64
C VAL D 35 9.78 -2.17 -33.39
N VAL D 36 10.16 -1.07 -32.73
CA VAL D 36 10.94 -0.06 -33.44
C VAL D 36 12.29 -0.60 -33.87
N LYS D 37 12.96 -1.38 -33.00
CA LYS D 37 14.24 -1.98 -33.37
C LYS D 37 14.07 -2.87 -34.61
N THR D 38 12.99 -3.66 -34.63
CA THR D 38 12.76 -4.58 -35.76
C THR D 38 12.43 -3.80 -37.02
N LEU D 39 11.62 -2.76 -36.92
CA LEU D 39 11.28 -1.94 -38.08
C LEU D 39 12.52 -1.33 -38.69
N LEU D 40 13.43 -0.82 -37.86
CA LEU D 40 14.68 -0.24 -38.39
C LEU D 40 15.51 -1.31 -39.07
N GLU D 41 15.56 -2.51 -38.48
CA GLU D 41 16.35 -3.61 -39.04
C GLU D 41 15.82 -4.01 -40.40
N ARG D 42 14.50 -4.15 -40.52
CA ARG D 42 13.90 -4.69 -41.74
C ARG D 42 13.89 -3.68 -42.86
N THR D 43 13.64 -2.39 -42.55
CA THR D 43 13.60 -1.39 -43.60
C THR D 43 14.97 -0.94 -44.03
N GLY D 44 15.98 -1.06 -43.16
CA GLY D 44 17.27 -0.43 -43.38
C GLY D 44 17.23 1.09 -43.37
N LEU D 45 16.14 1.70 -42.85
CA LEU D 45 16.04 3.16 -42.81
C LEU D 45 17.19 3.73 -41.97
N ALA D 46 17.88 4.76 -42.47
CA ALA D 46 18.89 5.44 -41.68
C ALA D 46 18.23 5.99 -40.41
N PRO D 47 18.66 5.60 -39.22
CA PRO D 47 17.93 6.03 -38.03
C PRO D 47 17.93 7.54 -37.89
N GLU D 48 18.93 8.22 -38.44
CA GLU D 48 18.96 9.69 -38.37
C GLU D 48 17.91 10.37 -39.24
N ARG D 49 17.22 9.63 -40.12
CA ARG D 49 16.13 10.18 -40.90
C ARG D 49 14.83 10.20 -40.09
N VAL D 50 14.80 9.62 -38.88
CA VAL D 50 13.58 9.70 -38.06
C VAL D 50 13.54 11.05 -37.33
N ASP D 51 12.52 11.87 -37.58
CA ASP D 51 12.48 13.18 -36.94
C ASP D 51 11.84 13.17 -35.57
N GLU D 52 10.95 12.22 -35.27
CA GLU D 52 10.28 12.17 -33.98
C GLU D 52 9.68 10.78 -33.86
N VAL D 53 9.50 10.36 -32.61
CA VAL D 53 8.74 9.18 -32.24
C VAL D 53 7.52 9.64 -31.46
N VAL D 54 6.31 9.25 -31.90
CA VAL D 54 5.06 9.58 -31.17
C VAL D 54 4.44 8.24 -30.79
N MET D 55 4.18 8.03 -29.50
CA MET D 55 3.55 6.78 -29.06
C MET D 55 2.33 7.05 -28.24
N GLY D 56 1.27 6.29 -28.52
CA GLY D 56 0.09 6.25 -27.64
C GLY D 56 0.34 5.34 -26.44
N ASN D 57 -0.17 5.74 -25.27
CA ASN D 57 -0.14 4.87 -24.08
C ASN D 57 -1.15 5.48 -23.11
N VAL D 58 -2.06 4.66 -22.62
CA VAL D 58 -3.10 5.15 -21.73
C VAL D 58 -2.70 5.03 -20.28
N LEU D 59 -2.21 3.87 -19.89
CA LEU D 59 -1.92 3.62 -18.46
C LEU D 59 -0.46 3.95 -18.28
N GLN D 60 -0.18 5.25 -18.22
CA GLN D 60 1.19 5.72 -18.09
C GLN D 60 1.72 5.56 -16.67
N ALA D 61 0.85 5.36 -15.69
CA ALA D 61 1.28 5.22 -14.30
C ALA D 61 2.34 4.15 -14.15
N GLY D 62 3.46 4.53 -13.56
CA GLY D 62 4.43 3.51 -13.26
C GLY D 62 5.32 3.12 -14.44
N ASN D 63 5.10 3.69 -15.63
CA ASN D 63 5.90 3.33 -16.80
C ASN D 63 7.16 4.14 -16.88
N GLY D 64 7.39 5.10 -15.98
CA GLY D 64 8.59 5.89 -16.03
C GLY D 64 8.41 7.10 -16.91
N MET D 65 9.39 8.00 -16.84
CA MET D 65 9.25 9.29 -17.56
C MET D 65 9.10 9.04 -19.08
N ASN D 66 8.02 9.57 -19.67
CA ASN D 66 7.80 9.63 -21.12
C ASN D 66 8.04 8.33 -21.87
N VAL D 67 7.00 7.49 -21.88
CA VAL D 67 7.09 6.19 -22.54
C VAL D 67 7.65 6.27 -23.94
N ALA D 68 7.20 7.26 -24.75
CA ALA D 68 7.66 7.32 -26.13
C ALA D 68 9.18 7.50 -26.20
N ARG D 69 9.79 8.28 -25.28
CA ARG D 69 11.24 8.45 -25.31
C ARG D 69 11.94 7.15 -24.95
N GLN D 70 11.37 6.38 -24.02
CA GLN D 70 11.93 5.06 -23.74
C GLN D 70 11.85 4.14 -24.97
N VAL D 71 10.71 4.16 -25.67
CA VAL D 71 10.57 3.35 -26.89
C VAL D 71 11.65 3.75 -27.89
N ALA D 72 11.88 5.06 -28.05
CA ALA D 72 12.80 5.52 -29.06
C ALA D 72 14.24 5.17 -28.69
N VAL D 73 14.66 5.47 -27.48
CA VAL D 73 16.06 5.24 -27.09
C VAL D 73 16.36 3.76 -26.96
N ASN D 74 15.49 3.01 -26.33
CA ASN D 74 15.73 1.58 -26.22
C ASN D 74 15.45 0.84 -27.49
N GLY D 75 14.79 1.46 -28.46
CA GLY D 75 14.59 0.89 -29.77
C GLY D 75 15.80 1.07 -30.64
N GLY D 76 16.83 1.74 -30.12
CA GLY D 76 18.10 1.94 -30.79
C GLY D 76 18.20 3.18 -31.64
N LEU D 77 17.21 4.08 -31.61
CA LEU D 77 17.34 5.33 -32.33
C LEU D 77 18.38 6.22 -31.67
N PRO D 78 19.02 7.10 -32.43
CA PRO D 78 19.95 8.06 -31.83
C PRO D 78 19.27 8.88 -30.75
N VAL D 79 20.05 9.27 -29.73
CA VAL D 79 19.50 10.08 -28.66
C VAL D 79 18.99 11.41 -29.19
N ALA D 80 19.42 11.84 -30.37
CA ALA D 80 18.92 13.08 -30.95
C ALA D 80 17.51 12.99 -31.48
N VAL D 81 16.83 11.85 -31.48
CA VAL D 81 15.46 11.77 -31.98
C VAL D 81 14.49 12.13 -30.83
N PRO D 82 13.74 13.22 -30.91
CA PRO D 82 12.81 13.55 -29.83
C PRO D 82 11.59 12.62 -29.86
N ALA D 83 10.81 12.68 -28.77
CA ALA D 83 9.66 11.77 -28.64
C ALA D 83 8.68 12.30 -27.61
N HIS D 84 7.40 12.02 -27.85
CA HIS D 84 6.37 12.36 -26.85
C HIS D 84 5.23 11.38 -26.93
N THR D 85 4.49 11.35 -25.80
CA THR D 85 3.45 10.33 -25.57
C THR D 85 2.08 10.98 -25.65
N VAL D 86 1.15 10.37 -26.40
CA VAL D 86 -0.22 10.92 -26.52
C VAL D 86 -1.21 9.95 -25.87
N ASN D 87 -2.28 10.53 -25.36
CA ASN D 87 -3.34 9.75 -24.69
C ASN D 87 -4.69 10.29 -25.19
N ARG D 88 -5.32 9.50 -26.09
CA ARG D 88 -6.75 9.62 -26.41
C ARG D 88 -7.38 8.29 -26.11
N VAL D 89 -7.11 7.79 -24.90
CA VAL D 89 -7.66 6.56 -24.33
C VAL D 89 -7.60 5.46 -25.37
N CYS D 90 -8.74 4.81 -25.68
CA CYS D 90 -8.64 3.61 -26.52
C CYS D 90 -8.33 3.94 -27.96
N GLY D 91 -8.33 5.20 -28.33
CA GLY D 91 -7.89 5.60 -29.66
C GLY D 91 -6.45 6.07 -29.74
N SER D 92 -5.67 5.91 -28.67
CA SER D 92 -4.34 6.53 -28.60
C SER D 92 -3.40 6.08 -29.71
N GLY D 93 -3.43 4.79 -30.07
CA GLY D 93 -2.50 4.31 -31.09
C GLY D 93 -2.83 4.88 -32.46
N ALA D 94 -4.13 5.13 -32.72
CA ALA D 94 -4.46 5.83 -33.96
C ALA D 94 -4.20 7.32 -33.83
N GLN D 95 -4.41 7.90 -32.62
CA GLN D 95 -4.05 9.31 -32.45
C GLN D 95 -2.58 9.56 -32.75
N ALA D 96 -1.70 8.64 -32.38
CA ALA D 96 -0.29 8.87 -32.66
C ALA D 96 -0.06 9.07 -34.16
N VAL D 97 -0.78 8.29 -34.99
CA VAL D 97 -0.66 8.41 -36.44
C VAL D 97 -1.26 9.75 -36.94
N VAL D 98 -2.39 10.16 -36.34
CA VAL D 98 -2.97 11.48 -36.66
C VAL D 98 -1.99 12.58 -36.26
N THR D 99 -1.35 12.46 -35.09
CA THR D 99 -0.38 13.46 -34.66
C THR D 99 0.76 13.54 -35.67
N ALA D 100 1.24 12.36 -36.11
CA ALA D 100 2.31 12.34 -37.11
C ALA D 100 1.85 13.03 -38.40
N TYR D 101 0.63 12.71 -38.88
CA TYR D 101 0.11 13.37 -40.07
C TYR D 101 0.16 14.88 -39.90
N ALA D 102 -0.31 15.39 -38.76
CA ALA D 102 -0.36 16.84 -38.56
C ALA D 102 1.03 17.43 -38.51
N GLN D 103 1.97 16.71 -37.91
CA GLN D 103 3.34 17.25 -37.88
C GLN D 103 3.97 17.29 -39.27
N ILE D 104 3.65 16.34 -40.13
CA ILE D 104 4.23 16.32 -41.47
C ILE D 104 3.58 17.40 -42.31
N ARG D 105 2.26 17.49 -42.26
CA ARG D 105 1.55 18.45 -43.13
C ARG D 105 1.83 19.88 -42.68
N SER D 106 2.12 20.10 -41.42
CA SER D 106 2.43 21.44 -40.92
C SER D 106 3.90 21.81 -41.07
N GLY D 107 4.74 20.87 -41.57
CA GLY D 107 6.14 21.18 -41.77
C GLY D 107 7.03 21.01 -40.55
N LEU D 108 6.50 20.49 -39.45
CA LEU D 108 7.35 20.31 -38.28
C LEU D 108 8.26 19.09 -38.39
N SER D 109 7.85 18.08 -39.16
CA SER D 109 8.59 16.83 -39.31
C SER D 109 8.50 16.37 -40.75
N ASN D 110 9.48 15.56 -41.16
CA ASN D 110 9.41 14.89 -42.48
C ASN D 110 9.13 13.40 -42.38
N LEU D 111 9.49 12.76 -41.27
CA LEU D 111 9.27 11.34 -41.13
C LEU D 111 9.15 11.08 -39.63
N VAL D 112 8.10 10.35 -39.28
CA VAL D 112 7.77 10.08 -37.87
C VAL D 112 7.58 8.58 -37.73
N ILE D 113 8.06 8.01 -36.64
CA ILE D 113 7.66 6.67 -36.24
C ILE D 113 6.55 6.81 -35.24
N ALA D 114 5.37 6.28 -35.57
CA ALA D 114 4.16 6.45 -34.76
C ALA D 114 3.59 5.10 -34.40
N GLY D 115 3.04 4.99 -33.22
CA GLY D 115 2.42 3.74 -32.84
C GLY D 115 1.85 3.84 -31.43
N GLY D 116 1.70 2.70 -30.81
CA GLY D 116 1.19 2.69 -29.44
C GLY D 116 1.61 1.43 -28.73
N VAL D 117 1.57 1.50 -27.39
CA VAL D 117 2.00 0.41 -26.53
C VAL D 117 1.06 0.29 -25.35
N GLU D 118 0.90 -0.93 -24.82
CA GLU D 118 0.13 -1.08 -23.59
C GLU D 118 0.44 -2.42 -22.96
N ASN D 119 0.44 -2.49 -21.64
CA ASN D 119 0.47 -3.78 -20.94
C ASN D 119 -0.38 -3.66 -19.69
N MET D 120 -1.57 -4.25 -19.73
CA MET D 120 -2.53 -4.03 -18.66
C MET D 120 -2.10 -4.73 -17.36
N ASP D 121 -1.42 -5.87 -17.41
CA ASP D 121 -0.90 -6.51 -16.20
C ASP D 121 0.06 -5.61 -15.48
N GLN D 122 0.84 -4.83 -16.23
CA GLN D 122 1.84 -3.96 -15.66
C GLN D 122 1.28 -2.67 -15.09
N ALA D 123 -0.01 -2.39 -15.28
CA ALA D 123 -0.58 -1.22 -14.63
C ALA D 123 -0.54 -1.42 -13.14
N PRO D 124 -0.05 -0.46 -12.38
CA PRO D 124 0.06 -0.62 -10.93
C PRO D 124 -1.27 -0.30 -10.22
N TYR D 125 -1.26 -0.54 -8.92
CA TYR D 125 -2.26 0.03 -8.03
C TYR D 125 -1.79 1.38 -7.54
N LEU D 126 -2.75 2.20 -7.18
CA LEU D 126 -2.51 3.58 -6.76
C LEU D 126 -2.95 3.75 -5.33
N MET D 127 -2.19 4.51 -4.54
CA MET D 127 -2.59 4.78 -3.15
C MET D 127 -2.72 6.29 -3.01
N PRO D 128 -3.90 6.87 -3.22
CA PRO D 128 -4.06 8.32 -3.13
C PRO D 128 -3.82 8.90 -1.75
N SER D 129 -3.99 8.12 -0.67
CA SER D 129 -3.81 8.64 0.69
C SER D 129 -2.40 8.47 1.22
N LEU D 130 -1.50 7.84 0.48
CA LEU D 130 -0.17 7.58 1.04
C LEU D 130 0.68 8.82 1.18
N ARG D 131 0.53 9.82 0.31
CA ARG D 131 1.43 10.97 0.43
C ARG D 131 1.20 11.72 1.74
N HIS D 132 -0.06 12.08 2.02
CA HIS D 132 -0.34 12.94 3.18
C HIS D 132 -1.08 12.23 4.28
N GLY D 133 -1.35 10.95 4.11
CA GLY D 133 -1.85 10.09 5.19
C GLY D 133 -3.35 9.87 5.12
N ALA D 134 -3.77 8.71 5.62
CA ALA D 134 -5.19 8.40 5.79
C ALA D 134 -5.74 8.78 7.15
N ARG D 135 -4.83 9.02 8.12
CA ARG D 135 -5.11 9.45 9.48
C ARG D 135 -5.79 8.42 10.38
N MET D 136 -7.00 8.01 10.04
CA MET D 136 -7.72 6.98 10.77
C MET D 136 -8.83 6.45 9.88
N GLY D 137 -9.04 5.16 9.92
CA GLY D 137 -10.08 4.52 9.14
C GLY D 137 -9.51 3.87 7.89
N HIS D 138 -10.19 2.85 7.40
CA HIS D 138 -9.73 2.12 6.24
C HIS D 138 -9.68 3.01 5.02
N THR D 139 -8.81 2.65 4.06
CA THR D 139 -8.61 3.48 2.87
C THR D 139 -8.49 2.58 1.66
N GLN D 140 -8.63 3.15 0.48
CA GLN D 140 -8.68 2.30 -0.71
C GLN D 140 -7.40 2.40 -1.52
N ALA D 141 -6.97 1.28 -2.07
CA ALA D 141 -5.95 1.22 -3.14
C ALA D 141 -6.66 0.99 -4.45
N LEU D 142 -6.42 1.87 -5.42
CA LEU D 142 -7.18 1.80 -6.66
C LEU D 142 -6.43 1.04 -7.74
N ASP D 143 -7.14 0.20 -8.49
CA ASP D 143 -6.53 -0.41 -9.66
C ASP D 143 -6.41 0.64 -10.79
N ALA D 144 -5.16 0.98 -11.18
CA ALA D 144 -5.03 2.03 -12.19
C ALA D 144 -5.68 1.65 -13.51
N LEU D 145 -5.77 0.37 -13.86
CA LEU D 145 -6.39 0.10 -15.16
C LEU D 145 -7.84 0.52 -15.16
N LEU D 146 -8.52 0.45 -14.00
CA LEU D 146 -9.90 0.97 -13.90
C LEU D 146 -9.89 2.48 -13.75
N ARG D 147 -9.07 3.03 -12.84
CA ARG D 147 -9.17 4.46 -12.59
C ARG D 147 -8.74 5.27 -13.79
N ASP D 148 -7.69 4.88 -14.51
CA ASP D 148 -7.20 5.72 -15.59
C ASP D 148 -7.54 5.20 -16.98
N GLY D 149 -8.06 3.99 -17.10
CA GLY D 149 -8.24 3.37 -18.39
C GLY D 149 -9.69 3.02 -18.70
N LEU D 150 -10.38 2.29 -17.83
CA LEU D 150 -11.66 1.69 -18.25
C LEU D 150 -12.86 2.32 -17.60
N ASN D 151 -12.72 2.98 -16.46
CA ASN D 151 -13.87 3.64 -15.84
C ASN D 151 -14.03 5.03 -16.40
N ASP D 152 -15.29 5.44 -16.58
CA ASP D 152 -15.54 6.80 -17.01
C ASP D 152 -15.13 7.79 -15.92
N ALA D 153 -14.52 8.90 -16.34
CA ALA D 153 -14.01 9.85 -15.37
C ALA D 153 -15.10 10.66 -14.69
N PHE D 154 -16.32 10.71 -15.24
CA PHE D 154 -17.40 11.51 -14.67
C PHE D 154 -18.30 10.69 -13.77
N SER D 155 -18.56 9.44 -14.11
CA SER D 155 -19.44 8.60 -13.31
C SER D 155 -18.71 7.60 -12.43
N ASP D 156 -17.43 7.28 -12.71
CA ASP D 156 -16.66 6.21 -12.07
C ASP D 156 -17.24 4.83 -12.37
N GLN D 157 -18.14 4.71 -13.32
CA GLN D 157 -18.61 3.39 -13.72
C GLN D 157 -17.76 2.85 -14.85
N HIS D 158 -17.68 1.51 -14.92
CA HIS D 158 -16.96 0.91 -16.03
C HIS D 158 -17.58 1.28 -17.36
N SER D 159 -16.74 1.41 -18.39
CA SER D 159 -17.20 1.56 -19.75
C SER D 159 -18.25 0.51 -20.12
N GLY D 160 -18.06 -0.75 -19.66
CA GLY D 160 -19.04 -1.80 -19.97
C GLY D 160 -20.39 -1.54 -19.33
N TRP D 161 -20.40 -0.95 -18.14
CA TRP D 161 -21.66 -0.56 -17.52
C TRP D 161 -22.37 0.50 -18.38
N HIS D 162 -21.64 1.51 -18.88
CA HIS D 162 -22.25 2.49 -19.75
C HIS D 162 -22.74 1.85 -21.03
N THR D 163 -22.00 0.86 -21.55
CA THR D 163 -22.41 0.25 -22.82
C THR D 163 -23.73 -0.45 -22.66
N GLU D 164 -24.09 -0.89 -21.44
CA GLU D 164 -25.44 -1.43 -21.28
C GLU D 164 -26.53 -0.41 -21.64
N ASP D 165 -26.30 0.87 -21.48
CA ASP D 165 -27.30 1.84 -21.92
C ASP D 165 -27.35 1.96 -23.45
N LEU D 166 -26.21 1.81 -24.14
CA LEU D 166 -26.23 1.70 -25.61
C LEU D 166 -27.02 0.47 -26.05
N VAL D 167 -26.77 -0.67 -25.37
CA VAL D 167 -27.51 -1.90 -25.61
C VAL D 167 -29.00 -1.64 -25.49
N ALA D 168 -29.41 -0.96 -24.44
CA ALA D 168 -30.86 -0.73 -24.28
C ALA D 168 -31.40 0.24 -25.33
N LYS D 169 -30.68 1.32 -25.63
CA LYS D 169 -31.17 2.29 -26.61
C LYS D 169 -31.35 1.67 -27.99
N TYR D 170 -30.42 0.82 -28.40
CA TYR D 170 -30.44 0.21 -29.72
C TYR D 170 -31.03 -1.19 -29.71
N GLU D 171 -31.54 -1.65 -28.59
CA GLU D 171 -32.22 -2.95 -28.48
C GLU D 171 -31.36 -4.10 -28.98
N VAL D 172 -30.10 -4.13 -28.56
CA VAL D 172 -29.15 -5.14 -29.00
C VAL D 172 -29.27 -6.38 -28.11
N SER D 173 -29.75 -7.50 -28.67
CA SER D 173 -29.96 -8.65 -27.79
C SER D 173 -28.64 -9.32 -27.35
N ARG D 174 -28.72 -10.05 -26.23
CA ARG D 174 -27.64 -10.92 -25.81
C ARG D 174 -27.27 -11.89 -26.91
N GLU D 175 -28.27 -12.46 -27.59
CA GLU D 175 -27.98 -13.47 -28.60
C GLU D 175 -27.26 -12.87 -29.79
N ALA D 176 -27.60 -11.65 -30.19
CA ALA D 176 -26.86 -11.01 -31.27
C ALA D 176 -25.41 -10.71 -30.87
N GLN D 177 -25.21 -10.24 -29.64
CA GLN D 177 -23.84 -10.00 -29.16
C GLN D 177 -23.03 -11.29 -29.15
N ASP D 178 -23.65 -12.41 -28.71
CA ASP D 178 -22.88 -13.66 -28.68
C ASP D 178 -22.64 -14.19 -30.08
N ARG D 179 -23.59 -14.02 -31.02
CA ARG D 179 -23.36 -14.40 -32.40
C ARG D 179 -22.20 -13.60 -33.00
N PHE D 180 -22.17 -12.28 -32.74
CA PHE D 180 -21.08 -11.47 -33.28
C PHE D 180 -19.74 -11.88 -32.66
N ALA D 181 -19.73 -12.17 -31.36
CA ALA D 181 -18.47 -12.55 -30.71
C ALA D 181 -17.97 -13.89 -31.22
N ALA D 182 -18.88 -14.87 -31.35
CA ALA D 182 -18.44 -16.15 -31.88
C ALA D 182 -17.93 -16.01 -33.29
N THR D 183 -18.58 -15.18 -34.11
CA THR D 183 -18.09 -14.96 -35.46
C THR D 183 -16.69 -14.29 -35.46
N SER D 184 -16.47 -13.32 -34.56
CA SER D 184 -15.15 -12.68 -34.50
C SER D 184 -14.10 -13.73 -34.17
N GLN D 185 -14.38 -14.60 -33.20
CA GLN D 185 -13.42 -15.64 -32.85
C GLN D 185 -13.18 -16.59 -34.03
N GLN D 186 -14.24 -16.95 -34.76
CA GLN D 186 -14.11 -17.92 -35.84
C GLN D 186 -13.35 -17.29 -37.01
N ARG D 187 -13.67 -16.03 -37.35
CA ARG D 187 -12.95 -15.34 -38.42
C ARG D 187 -11.48 -15.20 -38.08
N PHE D 188 -11.19 -14.80 -36.83
CA PHE D 188 -9.80 -14.62 -36.45
C PHE D 188 -9.04 -15.95 -36.49
N ALA D 189 -9.62 -17.02 -35.94
CA ALA D 189 -8.90 -18.28 -35.89
C ALA D 189 -8.59 -18.78 -37.31
N ALA D 190 -9.56 -18.64 -38.23
CA ALA D 190 -9.35 -19.10 -39.61
C ALA D 190 -8.27 -18.25 -40.30
N ALA D 191 -8.29 -16.93 -40.10
CA ALA D 191 -7.26 -16.10 -40.70
C ALA D 191 -5.89 -16.42 -40.11
N GLN D 192 -5.83 -16.62 -38.80
CA GLN D 192 -4.57 -16.96 -38.14
C GLN D 192 -4.02 -18.25 -38.69
N ALA D 193 -4.90 -19.26 -38.81
CA ALA D 193 -4.50 -20.58 -39.32
C ALA D 193 -4.01 -20.52 -40.76
N ALA D 194 -4.58 -19.63 -41.56
CA ALA D 194 -4.17 -19.49 -42.94
C ALA D 194 -2.85 -18.74 -43.08
N GLY D 195 -2.29 -18.20 -41.98
CA GLY D 195 -1.03 -17.48 -42.01
C GLY D 195 -1.17 -15.99 -42.29
N TRP D 196 -2.40 -15.47 -42.28
CA TRP D 196 -2.63 -14.10 -42.74
C TRP D 196 -2.07 -13.03 -41.80
N PHE D 197 -1.68 -13.36 -40.58
CA PHE D 197 -1.11 -12.38 -39.66
C PHE D 197 0.38 -12.54 -39.52
N GLU D 198 0.98 -13.50 -40.24
CA GLU D 198 2.41 -13.71 -40.08
C GLU D 198 3.23 -12.52 -40.58
N GLY D 199 2.79 -11.87 -41.66
CA GLY D 199 3.59 -10.78 -42.20
C GLY D 199 3.66 -9.57 -41.27
N GLU D 200 2.61 -9.34 -40.51
CA GLU D 200 2.59 -8.12 -39.69
C GLU D 200 3.21 -8.31 -38.33
N ILE D 201 3.36 -9.54 -37.88
CA ILE D 201 3.78 -9.84 -36.52
C ILE D 201 5.28 -9.99 -36.45
N VAL D 202 5.90 -9.33 -35.50
CA VAL D 202 7.31 -9.52 -35.19
C VAL D 202 7.42 -10.28 -33.88
N PRO D 203 8.22 -11.33 -33.82
CA PRO D 203 8.32 -12.15 -32.62
C PRO D 203 9.11 -11.44 -31.54
N VAL D 204 8.78 -11.71 -30.28
CA VAL D 204 9.54 -11.12 -29.19
C VAL D 204 10.09 -12.28 -28.34
N THR D 205 11.38 -12.20 -27.99
CA THR D 205 11.96 -13.24 -27.12
C THR D 205 11.85 -12.77 -25.67
N ILE D 206 11.25 -13.60 -24.83
CA ILE D 206 11.01 -13.27 -23.43
C ILE D 206 11.96 -14.16 -22.61
N THR D 207 12.78 -13.53 -21.76
CA THR D 207 13.69 -14.27 -20.92
C THR D 207 13.07 -14.53 -19.55
N THR D 208 13.13 -15.79 -19.12
CA THR D 208 12.57 -16.21 -17.84
C THR D 208 13.63 -16.96 -17.05
N ARG D 209 13.23 -17.45 -15.88
CA ARG D 209 14.13 -18.19 -15.02
C ARG D 209 14.61 -19.47 -15.69
N LYS D 210 13.68 -20.35 -16.06
CA LYS D 210 14.10 -21.61 -16.63
C LYS D 210 14.60 -21.49 -18.08
N GLY D 211 14.38 -20.36 -18.74
CA GLY D 211 14.93 -20.19 -20.07
C GLY D 211 14.41 -19.03 -20.91
N GLU D 212 14.04 -19.31 -22.15
CA GLU D 212 13.58 -18.29 -23.07
C GLU D 212 12.36 -18.79 -23.81
N THR D 213 11.39 -17.91 -24.00
CA THR D 213 10.22 -18.19 -24.81
C THR D 213 10.29 -17.26 -26.02
N VAL D 214 10.14 -17.80 -27.22
CA VAL D 214 9.95 -16.94 -28.38
C VAL D 214 8.44 -16.81 -28.56
N PHE D 215 7.91 -15.61 -28.30
CA PHE D 215 6.49 -15.33 -28.40
C PHE D 215 6.20 -14.83 -29.82
N ALA D 216 5.48 -15.63 -30.60
CA ALA D 216 5.44 -15.41 -32.03
C ALA D 216 4.04 -15.34 -32.61
N LYS D 217 3.01 -15.66 -31.84
CA LYS D 217 1.68 -15.67 -32.40
C LYS D 217 0.71 -15.23 -31.31
N ASP D 218 -0.37 -14.62 -31.74
CA ASP D 218 -1.35 -14.11 -30.76
C ASP D 218 -1.85 -15.27 -29.87
N GLU D 219 -2.01 -14.99 -28.56
CA GLU D 219 -2.39 -16.05 -27.63
C GLU D 219 -3.70 -15.85 -26.92
N ALA D 220 -4.39 -14.70 -27.13
CA ALA D 220 -5.53 -14.42 -26.29
C ALA D 220 -6.84 -14.91 -26.89
N ASN D 221 -6.81 -15.37 -28.13
CA ASN D 221 -8.03 -15.78 -28.80
C ASN D 221 -8.45 -17.18 -28.38
N ARG D 222 -9.73 -17.47 -28.61
CA ARG D 222 -10.33 -18.74 -28.20
C ARG D 222 -11.00 -19.38 -29.40
N PRO D 223 -10.28 -20.14 -30.21
CA PRO D 223 -10.87 -20.67 -31.45
C PRO D 223 -12.04 -21.64 -31.24
N ASP D 224 -12.19 -22.23 -30.06
CA ASP D 224 -13.28 -23.16 -29.82
C ASP D 224 -14.56 -22.44 -29.40
N THR D 225 -14.60 -21.11 -29.47
CA THR D 225 -15.76 -20.38 -28.99
C THR D 225 -16.96 -20.72 -29.88
N THR D 226 -18.11 -20.96 -29.23
CA THR D 226 -19.37 -21.14 -29.93
C THR D 226 -20.44 -20.27 -29.31
N GLU D 227 -21.49 -20.00 -30.09
CA GLU D 227 -22.66 -19.32 -29.54
C GLU D 227 -23.21 -20.06 -28.33
N ALA D 228 -23.18 -21.40 -28.36
CA ALA D 228 -23.71 -22.15 -27.23
C ALA D 228 -22.87 -21.97 -25.98
N GLY D 229 -21.56 -21.95 -26.13
CA GLY D 229 -20.73 -21.73 -24.96
C GLY D 229 -20.87 -20.32 -24.41
N LEU D 230 -21.02 -19.33 -25.32
CA LEU D 230 -21.18 -17.95 -24.86
C LEU D 230 -22.48 -17.75 -24.11
N ALA D 231 -23.54 -18.48 -24.51
CA ALA D 231 -24.82 -18.34 -23.84
C ALA D 231 -24.80 -18.84 -22.40
N LYS D 232 -23.79 -19.59 -22.00
CA LYS D 232 -23.68 -20.05 -20.62
C LYS D 232 -23.23 -18.97 -19.66
N LEU D 233 -22.65 -17.88 -20.16
CA LEU D 233 -21.95 -16.93 -19.29
C LEU D 233 -22.89 -15.96 -18.59
N ARG D 234 -22.45 -15.49 -17.43
CA ARG D 234 -23.17 -14.49 -16.66
C ARG D 234 -22.78 -13.07 -17.07
N PRO D 235 -23.67 -12.08 -16.96
CA PRO D 235 -23.29 -10.68 -17.25
C PRO D 235 -22.20 -10.17 -16.31
N ALA D 236 -21.30 -9.36 -16.89
CA ALA D 236 -20.11 -8.89 -16.21
C ALA D 236 -20.26 -7.53 -15.54
N PHE D 237 -21.16 -6.68 -16.03
CA PHE D 237 -21.21 -5.27 -15.58
C PHE D 237 -22.52 -4.86 -14.93
N ARG D 238 -23.65 -5.49 -15.22
CA ARG D 238 -24.94 -5.22 -14.54
C ARG D 238 -25.57 -6.57 -14.32
N LYS D 239 -26.13 -6.78 -13.12
CA LYS D 239 -26.84 -8.03 -12.83
CA LYS D 239 -27.13 -7.81 -12.97
C LYS D 239 -27.84 -8.49 -13.91
C LYS D 239 -28.23 -7.36 -13.89
N ASP D 240 -28.56 -7.55 -14.54
N ASP D 240 -28.76 -8.29 -14.66
CA ASP D 240 -29.54 -7.81 -15.62
CA ASP D 240 -29.66 -8.04 -15.76
C ASP D 240 -28.99 -7.49 -17.00
N GLY D 241 -27.67 -7.55 -17.13
CA GLY D 241 -27.03 -7.09 -18.35
C GLY D 241 -26.93 -8.16 -19.43
N THR D 242 -26.31 -7.75 -20.51
CA THR D 242 -26.08 -8.58 -21.69
C THR D 242 -24.62 -8.76 -22.01
N ILE D 243 -23.78 -7.89 -21.50
CA ILE D 243 -22.35 -7.93 -21.79
C ILE D 243 -21.69 -8.88 -20.81
N THR D 244 -20.87 -9.78 -21.34
CA THR D 244 -20.20 -10.83 -20.57
C THR D 244 -18.71 -10.78 -20.89
N ALA D 245 -17.96 -11.60 -20.16
CA ALA D 245 -16.54 -11.71 -20.46
C ALA D 245 -16.30 -12.32 -21.85
N GLY D 246 -17.27 -13.03 -22.40
CA GLY D 246 -17.11 -13.68 -23.70
C GLY D 246 -17.50 -12.83 -24.88
N ASN D 247 -18.26 -11.74 -24.65
CA ASN D 247 -18.62 -10.86 -25.76
C ASN D 247 -17.96 -9.50 -25.61
N ALA D 248 -16.86 -9.47 -24.87
CA ALA D 248 -15.99 -8.31 -24.68
C ALA D 248 -14.55 -8.80 -24.82
N PRO D 249 -13.61 -7.90 -25.18
CA PRO D 249 -12.20 -8.29 -25.19
C PRO D 249 -11.65 -8.44 -23.78
N GLY D 250 -10.41 -8.90 -23.72
CA GLY D 250 -9.72 -9.07 -22.48
C GLY D 250 -8.91 -7.85 -22.09
N LEU D 251 -7.94 -8.10 -21.22
CA LEU D 251 -7.03 -7.08 -20.69
C LEU D 251 -5.59 -7.39 -21.14
N ASN D 252 -5.21 -6.83 -22.27
CA ASN D 252 -4.16 -7.41 -23.10
C ASN D 252 -2.92 -6.53 -23.15
N ALA D 253 -1.87 -7.06 -23.77
CA ALA D 253 -0.61 -6.36 -23.87
C ALA D 253 -0.10 -6.47 -25.30
N GLY D 254 0.50 -5.41 -25.80
CA GLY D 254 1.11 -5.46 -27.13
C GLY D 254 1.58 -4.07 -27.55
N ALA D 255 2.12 -4.04 -28.75
CA ALA D 255 2.66 -2.78 -29.31
C ALA D 255 2.61 -2.84 -30.81
N ALA D 256 2.52 -1.68 -31.48
CA ALA D 256 2.63 -1.64 -32.91
C ALA D 256 3.19 -0.30 -33.29
N ALA D 257 3.86 -0.24 -34.43
CA ALA D 257 4.47 1.00 -34.90
C ALA D 257 4.58 0.98 -36.41
N MET D 258 4.74 2.17 -37.00
CA MET D 258 4.80 2.31 -38.46
C MET D 258 5.50 3.63 -38.77
N ILE D 259 5.93 3.76 -40.02
CA ILE D 259 6.57 4.99 -40.52
C ILE D 259 5.51 5.85 -41.17
N VAL D 260 5.44 7.13 -40.82
CA VAL D 260 4.51 8.07 -41.43
C VAL D 260 5.37 9.14 -42.13
N SER D 261 5.06 9.43 -43.40
CA SER D 261 5.88 10.42 -44.13
C SER D 261 5.06 10.87 -45.32
N SER D 262 5.53 11.88 -46.07
CA SER D 262 4.90 12.11 -47.36
C SER D 262 5.21 10.93 -48.29
N HIS D 263 4.41 10.80 -49.35
CA HIS D 263 4.72 9.76 -50.34
C HIS D 263 6.08 10.01 -51.01
N ALA D 264 6.37 11.27 -51.31
CA ALA D 264 7.65 11.63 -51.93
C ALA D 264 8.81 11.21 -51.04
N THR D 265 8.70 11.45 -49.72
CA THR D 265 9.78 11.05 -48.82
C THR D 265 9.93 9.53 -48.79
N ALA D 266 8.79 8.81 -48.74
CA ALA D 266 8.90 7.37 -48.70
C ALA D 266 9.58 6.85 -49.97
N THR D 267 9.21 7.37 -51.12
CA THR D 267 9.86 6.96 -52.37
C THR D 267 11.35 7.29 -52.34
N GLU D 268 11.69 8.50 -51.93
CA GLU D 268 13.09 8.93 -51.87
C GLU D 268 13.93 7.96 -51.03
N LEU D 269 13.39 7.50 -49.90
CA LEU D 269 14.16 6.64 -49.02
C LEU D 269 13.99 5.14 -49.34
N GLY D 270 13.31 4.80 -50.44
CA GLY D 270 13.20 3.38 -50.75
C GLY D 270 12.28 2.60 -49.87
N LEU D 271 11.32 3.26 -49.21
CA LEU D 271 10.33 2.53 -48.44
C LEU D 271 9.25 2.13 -49.38
N GLN D 272 8.43 1.20 -48.94
CA GLN D 272 7.32 0.72 -49.74
C GLN D 272 6.04 1.12 -49.02
N PRO D 273 5.41 2.22 -49.40
CA PRO D 273 4.18 2.62 -48.71
C PRO D 273 3.09 1.57 -48.82
N GLN D 274 2.37 1.41 -47.72
CA GLN D 274 1.25 0.49 -47.66
C GLN D 274 -0.10 1.19 -47.78
N LEU D 275 -0.26 2.37 -47.18
CA LEU D 275 -1.57 3.02 -47.17
C LEU D 275 -1.37 4.50 -47.31
N VAL D 276 -2.28 5.20 -47.99
CA VAL D 276 -2.33 6.66 -47.93
C VAL D 276 -3.51 7.05 -47.05
N ILE D 277 -3.30 8.07 -46.23
CA ILE D 277 -4.35 8.59 -45.38
C ILE D 277 -5.19 9.55 -46.23
N ARG D 278 -6.43 9.18 -46.52
CA ARG D 278 -7.32 10.00 -47.32
C ARG D 278 -8.30 10.83 -46.49
N GLY D 279 -8.49 10.48 -45.21
CA GLY D 279 -9.39 11.26 -44.38
C GLY D 279 -9.20 10.94 -42.93
N ILE D 280 -9.43 11.94 -42.10
CA ILE D 280 -9.33 11.77 -40.64
C ILE D 280 -10.56 12.38 -40.00
N GLY D 281 -11.17 11.64 -39.06
CA GLY D 281 -12.28 12.19 -38.30
C GLY D 281 -12.11 11.98 -36.81
N VAL D 282 -12.34 13.02 -36.04
CA VAL D 282 -12.35 12.94 -34.58
C VAL D 282 -13.63 13.59 -34.11
N ALA D 283 -14.44 12.87 -33.35
CA ALA D 283 -15.72 13.37 -32.92
C ALA D 283 -15.95 13.05 -31.46
N ALA D 284 -16.91 13.76 -30.86
CA ALA D 284 -17.25 13.51 -29.47
C ALA D 284 -18.76 13.58 -29.27
N VAL D 285 -19.23 12.84 -28.27
CA VAL D 285 -20.65 12.72 -27.91
C VAL D 285 -20.76 12.73 -26.39
N GLU D 286 -21.98 12.57 -25.85
CA GLU D 286 -22.10 12.48 -24.39
C GLU D 286 -21.24 11.32 -23.86
N PRO D 287 -20.49 11.54 -22.77
CA PRO D 287 -19.69 10.43 -22.18
C PRO D 287 -20.49 9.16 -21.91
N GLY D 288 -21.74 9.30 -21.47
CA GLY D 288 -22.55 8.11 -21.21
C GLY D 288 -22.85 7.31 -22.45
N LEU D 289 -22.64 7.90 -23.63
CA LEU D 289 -22.90 7.22 -24.89
C LEU D 289 -21.65 6.55 -25.41
N PHE D 290 -20.94 5.87 -24.50
CA PHE D 290 -19.81 5.02 -24.87
C PHE D 290 -20.23 4.12 -26.02
N GLY D 291 -19.45 4.13 -27.06
CA GLY D 291 -19.63 3.20 -28.13
C GLY D 291 -20.17 3.81 -29.40
N PHE D 292 -20.81 4.96 -29.31
CA PHE D 292 -21.37 5.55 -30.52
C PHE D 292 -20.41 6.44 -31.29
N GLY D 293 -19.38 7.01 -30.65
CA GLY D 293 -18.45 7.92 -31.27
C GLY D 293 -17.93 7.55 -32.65
N PRO D 294 -17.67 6.27 -32.94
CA PRO D 294 -17.22 5.93 -34.29
C PRO D 294 -18.19 6.36 -35.37
N VAL D 295 -19.50 6.42 -35.10
CA VAL D 295 -20.45 6.81 -36.16
C VAL D 295 -20.15 8.23 -36.68
N PRO D 296 -20.16 9.27 -35.85
CA PRO D 296 -19.81 10.60 -36.38
C PRO D 296 -18.35 10.69 -36.84
N ALA D 297 -17.43 9.97 -36.20
CA ALA D 297 -16.06 10.08 -36.66
C ALA D 297 -15.87 9.49 -38.04
N ILE D 298 -16.46 8.32 -38.31
CA ILE D 298 -16.38 7.73 -39.64
C ILE D 298 -16.99 8.66 -40.67
N LYS D 299 -18.14 9.30 -40.32
CA LYS D 299 -18.75 10.19 -41.31
C LYS D 299 -17.81 11.34 -41.66
N LEU D 300 -17.07 11.89 -40.65
CA LEU D 300 -16.13 12.98 -40.92
C LEU D 300 -14.99 12.51 -41.81
N ALA D 301 -14.44 11.32 -41.53
CA ALA D 301 -13.31 10.81 -42.31
C ALA D 301 -13.74 10.55 -43.74
N LEU D 302 -14.93 9.97 -43.93
CA LEU D 302 -15.43 9.71 -45.27
C LEU D 302 -15.67 11.00 -46.03
N ALA D 303 -16.17 12.04 -45.34
CA ALA D 303 -16.35 13.34 -45.99
C ALA D 303 -15.02 13.90 -46.49
N GLN D 304 -13.98 13.85 -45.66
CA GLN D 304 -12.67 14.35 -46.09
C GLN D 304 -12.15 13.54 -47.28
N ALA D 305 -12.40 12.23 -47.29
CA ALA D 305 -11.93 11.40 -48.39
C ALA D 305 -12.80 11.50 -49.63
N GLN D 306 -14.00 12.12 -49.50
CA GLN D 306 -15.03 12.16 -50.56
C GLN D 306 -15.42 10.74 -50.98
N TRP D 307 -15.62 9.87 -49.99
CA TRP D 307 -16.10 8.52 -50.19
C TRP D 307 -17.47 8.35 -49.51
N GLN D 308 -18.26 7.42 -50.04
CA GLN D 308 -19.47 6.98 -49.38
C GLN D 308 -19.21 5.62 -48.75
N VAL D 309 -20.08 5.26 -47.80
CA VAL D 309 -19.96 3.99 -47.10
C VAL D 309 -19.83 2.85 -48.10
N GLN D 310 -20.63 2.86 -49.18
CA GLN D 310 -20.61 1.74 -50.11
C GLN D 310 -19.33 1.66 -50.94
N ASP D 311 -18.49 2.70 -50.94
CA ASP D 311 -17.22 2.66 -51.66
C ASP D 311 -16.14 1.91 -50.90
N VAL D 312 -16.39 1.56 -49.64
CA VAL D 312 -15.34 1.07 -48.76
C VAL D 312 -15.29 -0.45 -48.81
N ASP D 313 -14.11 -1.02 -49.07
CA ASP D 313 -14.00 -2.49 -49.14
C ASP D 313 -14.08 -3.14 -47.78
N ARG D 314 -13.46 -2.55 -46.76
CA ARG D 314 -13.59 -3.12 -45.43
C ARG D 314 -13.54 -2.04 -44.36
N PHE D 315 -14.31 -2.25 -43.30
CA PHE D 315 -14.28 -1.43 -42.11
C PHE D 315 -13.64 -2.27 -41.02
N GLU D 316 -12.73 -1.66 -40.29
CA GLU D 316 -12.09 -2.28 -39.13
C GLU D 316 -12.39 -1.37 -37.96
N VAL D 317 -13.37 -1.75 -37.17
CA VAL D 317 -13.91 -0.94 -36.09
C VAL D 317 -13.63 -1.69 -34.82
N ASN D 318 -13.03 -1.03 -33.85
CA ASN D 318 -12.62 -1.79 -32.69
C ASN D 318 -13.80 -2.42 -31.95
N GLU D 319 -13.63 -3.70 -31.59
CA GLU D 319 -14.66 -4.45 -30.85
C GLU D 319 -14.51 -4.24 -29.35
N ALA D 320 -14.72 -2.99 -28.92
CA ALA D 320 -14.62 -2.71 -27.50
C ALA D 320 -15.60 -3.58 -26.73
N PHE D 321 -16.76 -3.79 -27.32
CA PHE D 321 -17.75 -4.79 -26.90
C PHE D 321 -18.44 -5.22 -28.19
N ALA D 322 -18.92 -6.47 -28.21
CA ALA D 322 -19.70 -6.88 -29.39
C ALA D 322 -20.84 -5.91 -29.65
N ALA D 323 -21.47 -5.39 -28.57
CA ALA D 323 -22.57 -4.47 -28.74
C ALA D 323 -22.17 -3.22 -29.53
N VAL D 324 -20.94 -2.72 -29.32
CA VAL D 324 -20.50 -1.52 -30.02
C VAL D 324 -20.33 -1.84 -31.50
N GLY D 325 -19.72 -3.00 -31.80
CA GLY D 325 -19.55 -3.36 -33.20
C GLY D 325 -20.89 -3.45 -33.92
N LEU D 326 -21.88 -4.08 -33.29
CA LEU D 326 -23.21 -4.19 -33.91
C LEU D 326 -23.88 -2.83 -34.11
N VAL D 327 -23.82 -1.94 -33.11
CA VAL D 327 -24.47 -0.63 -33.27
C VAL D 327 -23.83 0.16 -34.38
N VAL D 328 -22.49 0.24 -34.39
CA VAL D 328 -21.81 1.02 -35.43
C VAL D 328 -22.09 0.42 -36.81
N ARG D 329 -21.94 -0.90 -36.94
CA ARG D 329 -22.17 -1.54 -38.24
C ARG D 329 -23.56 -1.23 -38.74
N ASP D 330 -24.57 -1.41 -37.88
CA ASP D 330 -25.95 -1.28 -38.38
C ASP D 330 -26.40 0.19 -38.53
N GLU D 331 -25.88 1.10 -37.72
CA GLU D 331 -26.18 2.50 -37.90
C GLU D 331 -25.64 3.03 -39.22
N LEU D 332 -24.45 2.60 -39.64
CA LEU D 332 -23.89 3.06 -40.92
C LEU D 332 -24.33 2.19 -42.09
N GLY D 333 -25.05 1.12 -41.83
CA GLY D 333 -25.54 0.27 -42.91
C GLY D 333 -24.45 -0.53 -43.61
N ILE D 334 -23.39 -0.90 -42.89
CA ILE D 334 -22.27 -1.64 -43.47
C ILE D 334 -22.64 -3.12 -43.61
N ALA D 335 -22.22 -3.74 -44.70
CA ALA D 335 -22.48 -5.16 -44.89
C ALA D 335 -21.71 -5.99 -43.85
N PRO D 336 -22.34 -6.99 -43.24
CA PRO D 336 -21.62 -7.81 -42.26
C PRO D 336 -20.38 -8.47 -42.82
N GLU D 337 -20.36 -8.80 -44.13
CA GLU D 337 -19.16 -9.43 -44.68
C GLU D 337 -18.03 -8.44 -44.86
N ARG D 338 -18.28 -7.13 -44.74
CA ARG D 338 -17.24 -6.10 -44.89
C ARG D 338 -16.86 -5.45 -43.57
N PHE D 339 -17.32 -5.98 -42.46
CA PHE D 339 -17.11 -5.36 -41.14
C PHE D 339 -16.25 -6.33 -40.32
N ASN D 340 -15.04 -5.90 -39.93
CA ASN D 340 -14.14 -6.74 -39.10
C ASN D 340 -13.97 -8.13 -39.72
N VAL D 341 -13.49 -8.08 -40.95
CA VAL D 341 -13.51 -9.21 -41.86
C VAL D 341 -12.70 -10.38 -41.32
N ASP D 342 -11.53 -10.10 -40.74
CA ASP D 342 -10.65 -11.13 -40.21
C ASP D 342 -10.72 -11.24 -38.68
N GLY D 343 -11.84 -10.85 -38.07
CA GLY D 343 -12.02 -10.88 -36.63
C GLY D 343 -11.51 -9.60 -36.01
N GLY D 344 -11.80 -9.45 -34.75
CA GLY D 344 -11.43 -8.24 -34.04
C GLY D 344 -11.03 -8.49 -32.61
N ALA D 345 -11.10 -7.43 -31.79
CA ALA D 345 -10.49 -7.48 -30.48
C ALA D 345 -11.14 -8.48 -29.54
N ILE D 346 -12.41 -8.88 -29.77
CA ILE D 346 -12.95 -9.92 -28.91
C ILE D 346 -12.08 -11.16 -28.99
N ALA D 347 -11.57 -11.44 -30.18
CA ALA D 347 -10.66 -12.55 -30.38
C ALA D 347 -9.22 -12.19 -30.00
N HIS D 348 -8.64 -11.17 -30.66
CA HIS D 348 -7.21 -10.96 -30.47
C HIS D 348 -6.79 -10.16 -29.26
N GLY D 349 -7.70 -9.41 -28.66
CA GLY D 349 -7.35 -8.63 -27.50
C GLY D 349 -7.32 -7.14 -27.80
N HIS D 350 -7.40 -6.34 -26.73
CA HIS D 350 -7.54 -4.88 -26.80
C HIS D 350 -6.50 -4.26 -25.86
N PRO D 351 -5.22 -4.22 -26.25
CA PRO D 351 -4.21 -3.52 -25.42
C PRO D 351 -4.36 -2.03 -25.65
N ILE D 352 -5.10 -1.35 -24.75
CA ILE D 352 -5.83 -0.11 -25.11
C ILE D 352 -5.04 0.92 -25.89
N GLY D 353 -3.88 1.36 -25.40
CA GLY D 353 -3.15 2.40 -26.12
C GLY D 353 -2.47 1.97 -27.42
N ALA D 354 -2.35 0.67 -27.66
CA ALA D 354 -1.80 0.16 -28.90
C ALA D 354 -2.85 -0.23 -29.92
N THR D 355 -4.11 -0.44 -29.52
CA THR D 355 -5.06 -1.06 -30.45
C THR D 355 -5.25 -0.25 -31.71
N GLY D 356 -5.27 1.08 -31.65
CA GLY D 356 -5.47 1.83 -32.90
C GLY D 356 -4.36 1.61 -33.90
N ALA D 357 -3.13 1.48 -33.38
CA ALA D 357 -2.02 1.17 -34.25
C ALA D 357 -2.03 -0.26 -34.74
N ILE D 358 -2.50 -1.17 -33.90
CA ILE D 358 -2.70 -2.56 -34.31
C ILE D 358 -3.72 -2.64 -35.44
N LEU D 359 -4.83 -1.89 -35.35
CA LEU D 359 -5.85 -1.96 -36.41
C LEU D 359 -5.31 -1.36 -37.70
N LEU D 360 -4.53 -0.27 -37.64
CA LEU D 360 -3.93 0.27 -38.84
C LEU D 360 -2.97 -0.74 -39.47
N THR D 361 -2.18 -1.42 -38.64
CA THR D 361 -1.26 -2.42 -39.15
C THR D 361 -2.01 -3.55 -39.80
N LYS D 362 -3.08 -4.02 -39.18
CA LYS D 362 -3.87 -5.12 -39.75
C LYS D 362 -4.41 -4.73 -41.10
N VAL D 363 -4.96 -3.52 -41.22
CA VAL D 363 -5.50 -3.07 -42.50
C VAL D 363 -4.41 -2.93 -43.55
N ALA D 364 -3.23 -2.42 -43.18
CA ALA D 364 -2.16 -2.27 -44.18
C ALA D 364 -1.85 -3.61 -44.82
N HIS D 365 -1.70 -4.65 -43.99
CA HIS D 365 -1.38 -5.98 -44.52
C HIS D 365 -2.56 -6.67 -45.19
N ALA D 366 -3.78 -6.47 -44.71
CA ALA D 366 -4.94 -7.10 -45.36
C ALA D 366 -5.16 -6.52 -46.74
N LEU D 367 -5.03 -5.22 -46.91
CA LEU D 367 -5.22 -4.68 -48.25
C LEU D 367 -4.14 -5.16 -49.19
N ARG D 368 -2.90 -5.30 -48.72
CA ARG D 368 -1.86 -5.85 -49.59
C ARG D 368 -2.24 -7.25 -50.05
N ARG D 369 -2.71 -8.10 -49.12
CA ARG D 369 -3.03 -9.48 -49.45
C ARG D 369 -4.22 -9.57 -50.40
N THR D 370 -5.30 -8.80 -50.14
CA THR D 370 -6.53 -8.95 -50.90
C THR D 370 -6.62 -8.11 -52.17
N SER D 371 -5.77 -7.11 -52.30
CA SER D 371 -5.85 -6.09 -53.33
C SER D 371 -7.09 -5.19 -53.18
N GLU D 372 -7.76 -5.23 -52.05
CA GLU D 372 -8.81 -4.24 -51.79
C GLU D 372 -8.22 -2.85 -51.81
N ARG D 373 -9.02 -1.86 -52.18
CA ARG D 373 -8.48 -0.51 -52.36
C ARG D 373 -8.75 0.42 -51.19
N ARG D 374 -9.89 0.32 -50.51
CA ARG D 374 -10.30 1.36 -49.57
C ARG D 374 -10.72 0.74 -48.26
N ALA D 375 -10.26 1.33 -47.17
CA ALA D 375 -10.62 0.83 -45.85
C ALA D 375 -10.86 1.99 -44.90
N VAL D 376 -11.59 1.72 -43.81
CA VAL D 376 -11.75 2.69 -42.72
C VAL D 376 -11.39 1.98 -41.43
N VAL D 377 -10.55 2.61 -40.61
CA VAL D 377 -10.27 2.14 -39.25
C VAL D 377 -10.93 3.10 -38.30
N SER D 378 -11.60 2.59 -37.27
CA SER D 378 -12.23 3.50 -36.32
C SER D 378 -12.27 2.85 -34.94
N LEU D 379 -12.18 3.68 -33.91
CA LEU D 379 -12.26 3.18 -32.52
C LEU D 379 -13.08 4.13 -31.68
N CYS D 380 -13.88 3.57 -30.79
CA CYS D 380 -14.41 4.37 -29.70
C CYS D 380 -13.31 4.64 -28.69
N ILE D 381 -13.46 5.74 -27.98
CA ILE D 381 -12.44 6.29 -27.10
C ILE D 381 -12.53 5.91 -25.64
C ILE D 381 -13.38 6.36 -25.89
N GLY D 382 -13.71 5.99 -25.05
N GLY D 382 -12.98 5.95 -24.71
CA GLY D 382 -13.91 6.16 -23.62
C GLY D 382 -14.18 7.64 -23.39
N GLY D 383 -15.17 7.95 -22.56
CA GLY D 383 -15.45 9.37 -22.36
C GLY D 383 -16.26 10.01 -23.46
N GLY D 384 -16.81 9.21 -24.37
CA GLY D 384 -17.65 9.73 -25.46
C GLY D 384 -16.86 10.37 -26.61
N GLN D 385 -15.91 9.63 -27.19
CA GLN D 385 -15.23 10.17 -28.38
C GLN D 385 -15.07 9.04 -29.38
N GLY D 386 -14.78 9.40 -30.62
CA GLY D 386 -14.46 8.42 -31.65
C GLY D 386 -13.40 8.99 -32.55
N ILE D 387 -12.58 8.09 -33.11
CA ILE D 387 -11.57 8.47 -34.08
C ILE D 387 -11.69 7.55 -35.29
N ALA D 388 -11.47 8.11 -36.49
CA ALA D 388 -11.54 7.30 -37.69
C ALA D 388 -10.51 7.77 -38.70
N LEU D 389 -9.96 6.82 -39.47
CA LEU D 389 -9.11 7.14 -40.61
C LEU D 389 -9.60 6.41 -41.85
N ALA D 390 -9.69 7.14 -42.95
CA ALA D 390 -10.01 6.58 -44.26
C ALA D 390 -8.69 6.35 -44.98
N LEU D 391 -8.49 5.14 -45.50
CA LEU D 391 -7.18 4.69 -45.92
C LEU D 391 -7.25 4.02 -47.28
N GLU D 392 -6.29 4.27 -48.14
CA GLU D 392 -6.33 3.65 -49.46
C GLU D 392 -5.03 2.88 -49.70
N ARG D 393 -5.13 1.69 -50.30
CA ARG D 393 -3.91 0.95 -50.64
C ARG D 393 -3.05 1.73 -51.64
N VAL D 394 -1.73 1.70 -51.41
CA VAL D 394 -0.74 2.20 -52.37
C VAL D 394 -0.20 0.99 -53.11
N LYS D 395 -0.22 1.04 -54.44
CA LYS D 395 0.32 -0.06 -55.23
C LYS D 395 1.83 -0.23 -55.01
N LEU D 396 2.30 -1.48 -55.12
CA LEU D 396 3.73 -1.75 -55.09
C LEU D 396 4.41 -1.15 -56.33
N ALA D 397 5.38 -0.27 -56.12
CA ALA D 397 6.10 0.35 -57.23
C ALA D 397 6.79 -0.68 -58.13
C14 3KI E . 11.61 19.29 -3.31
C15 3KI E . 11.58 19.96 -1.93
C16 3KI E . 10.40 19.46 -1.11
C01 3KI E . 11.29 17.72 -16.49
C02 3KI E . 11.78 17.91 -15.40
C03 3KI E . 12.31 18.23 -14.02
C04 3KI E . 12.63 18.65 -12.98
C05 3KI E . 12.83 19.25 -11.61
C06 3KI E . 12.97 19.62 -10.48
C07 3KI E . 12.81 20.19 -9.08
C08 3KI E . 13.14 19.46 -8.06
C09 3KI E . 13.02 20.15 -6.73
C10 3KI E . 12.50 19.21 -5.66
C12 3KI E . 12.48 19.99 -4.34
C17 3KI E . 10.57 19.60 0.41
C18 3KI E . 9.30 19.21 1.21
O11 3KI E . 13.40 18.16 -5.60
O13 3KI E . 13.80 20.14 -3.88
O19 3KI E . 8.51 20.14 1.57
O20 3KI E . 9.05 18.01 1.52
C14 3KI F . -11.15 9.06 17.88
C15 3KI F . -11.01 10.55 17.59
C16 3KI F . -9.79 10.86 16.73
C01 3KI F . -11.07 -2.56 24.33
C02 3KI F . -11.57 -1.55 23.92
C03 3KI F . -12.05 -0.19 23.45
C04 3KI F . -12.26 0.88 23.04
C05 3KI F . -12.27 2.30 22.50
C06 3KI F . -12.40 3.45 22.25
C07 3KI F . -12.15 4.95 21.99
C08 3KI F . -12.59 5.45 20.86
C09 3KI F . -12.44 6.96 20.70
C10 3KI F . -12.06 7.23 19.29
C12 3KI F . -12.13 8.73 19.00
C17 3KI F . -9.98 12.18 15.98
C18 3KI F . -8.78 12.62 15.15
O11 3KI F . -12.91 6.51 18.44
O13 3KI F . -13.43 9.04 18.59
O19 3KI F . -7.95 13.43 15.65
O20 3KI F . -8.63 12.17 13.97
C14 3KI G . 10.86 -19.55 3.01
C15 3KI G . 10.77 -20.21 1.64
C16 3KI G . 9.58 -19.75 0.82
C01 3KI G . 11.10 -18.06 16.23
C02 3KI G . 11.52 -18.31 15.14
C03 3KI G . 11.95 -18.75 13.75
C04 3KI G . 12.19 -19.11 12.65
C05 3KI G . 12.38 -19.71 11.26
C06 3KI G . 12.31 -20.07 10.14
C07 3KI G . 12.27 -20.61 8.71
C08 3KI G . 12.61 -19.85 7.69
C09 3KI G . 12.40 -20.53 6.33
C10 3KI G . 11.83 -19.54 5.33
C12 3KI G . 11.77 -20.28 3.99
C17 3KI G . 9.77 -19.94 -0.69
C18 3KI G . 8.54 -19.56 -1.52
O11 3KI G . 12.72 -18.49 5.35
O13 3KI G . 13.05 -20.48 3.44
O19 3KI G . 7.72 -20.46 -1.86
O20 3KI G . 8.34 -18.36 -1.88
C14 3KI H . -11.69 -8.59 -17.80
C15 3KI H . -11.66 -10.10 -17.55
C16 3KI H . -10.49 -10.47 -16.65
C01 3KI H . -11.52 3.03 -24.11
C02 3KI H . -11.98 2.03 -23.67
C03 3KI H . -12.51 0.70 -23.16
C04 3KI H . -12.80 -0.39 -22.84
C05 3KI H . -13.07 -1.84 -22.44
C06 3KI H . -13.24 -2.95 -22.10
C07 3KI H . -13.05 -4.43 -21.80
C08 3KI H . -13.36 -4.90 -20.66
C09 3KI H . -13.13 -6.37 -20.48
C10 3KI H . -12.60 -6.68 -19.10
C12 3KI H . -12.56 -8.20 -18.98
C17 3KI H . -10.72 -11.79 -15.93
C18 3KI H . -9.50 -12.25 -15.11
O11 3KI H . -13.50 -6.13 -18.19
O13 3KI H . -13.85 -8.73 -18.84
O19 3KI H . -9.32 -11.83 -13.93
O20 3KI H . -8.70 -13.07 -15.64
#